data_6S7D
# 
_entry.id   6S7D 
# 
_audit_conform.dict_name       mmcif_pdbx.dic 
_audit_conform.dict_version    5.392 
_audit_conform.dict_location   http://mmcif.pdb.org/dictionaries/ascii/mmcif_pdbx.dic 
# 
loop_
_database_2.database_id 
_database_2.database_code 
_database_2.pdbx_database_accession 
_database_2.pdbx_DOI 
PDB   6S7D         pdb_00006s7d 10.2210/pdb6s7d/pdb 
WWPDB D_1292103206 ?            ?                   
# 
loop_
_pdbx_audit_revision_history.ordinal 
_pdbx_audit_revision_history.data_content_type 
_pdbx_audit_revision_history.major_revision 
_pdbx_audit_revision_history.minor_revision 
_pdbx_audit_revision_history.revision_date 
1 'Structure model' 1 0 2019-11-06 
2 'Structure model' 1 1 2020-04-01 
3 'Structure model' 1 2 2024-05-15 
# 
_pdbx_audit_revision_details.ordinal             1 
_pdbx_audit_revision_details.revision_ordinal    1 
_pdbx_audit_revision_details.data_content_type   'Structure model' 
_pdbx_audit_revision_details.provider            repository 
_pdbx_audit_revision_details.type                'Initial release' 
_pdbx_audit_revision_details.description         ? 
_pdbx_audit_revision_details.details             ? 
# 
loop_
_pdbx_audit_revision_group.ordinal 
_pdbx_audit_revision_group.revision_ordinal 
_pdbx_audit_revision_group.data_content_type 
_pdbx_audit_revision_group.group 
1 2 'Structure model' 'Database references'  
2 3 'Structure model' 'Data collection'      
3 3 'Structure model' 'Database references'  
4 3 'Structure model' 'Derived calculations' 
# 
loop_
_pdbx_audit_revision_category.ordinal 
_pdbx_audit_revision_category.revision_ordinal 
_pdbx_audit_revision_category.data_content_type 
_pdbx_audit_revision_category.category 
1 2 'Structure model' citation               
2 2 'Structure model' citation_author        
3 3 'Structure model' chem_comp_atom         
4 3 'Structure model' chem_comp_bond         
5 3 'Structure model' database_2             
6 3 'Structure model' pdbx_struct_conn_angle 
7 3 'Structure model' struct_conn            
# 
loop_
_pdbx_audit_revision_item.ordinal 
_pdbx_audit_revision_item.revision_ordinal 
_pdbx_audit_revision_item.data_content_type 
_pdbx_audit_revision_item.item 
1  2 'Structure model' '_citation.journal_id_ISSN'                   
2  2 'Structure model' '_citation.journal_volume'                    
3  2 'Structure model' '_citation.page_first'                        
4  2 'Structure model' '_citation.page_last'                         
5  2 'Structure model' '_citation.pdbx_database_id_PubMed'           
6  2 'Structure model' '_citation.title'                             
7  2 'Structure model' '_citation_author.name'                       
8  3 'Structure model' '_database_2.pdbx_DOI'                        
9  3 'Structure model' '_database_2.pdbx_database_accession'         
10 3 'Structure model' '_pdbx_struct_conn_angle.ptnr1_auth_asym_id'  
11 3 'Structure model' '_pdbx_struct_conn_angle.ptnr1_auth_comp_id'  
12 3 'Structure model' '_pdbx_struct_conn_angle.ptnr1_auth_seq_id'   
13 3 'Structure model' '_pdbx_struct_conn_angle.ptnr1_label_alt_id'  
14 3 'Structure model' '_pdbx_struct_conn_angle.ptnr1_label_asym_id' 
15 3 'Structure model' '_pdbx_struct_conn_angle.ptnr1_label_atom_id' 
16 3 'Structure model' '_pdbx_struct_conn_angle.ptnr1_label_comp_id' 
17 3 'Structure model' '_pdbx_struct_conn_angle.ptnr1_label_seq_id'  
18 3 'Structure model' '_pdbx_struct_conn_angle.ptnr2_auth_asym_id'  
19 3 'Structure model' '_pdbx_struct_conn_angle.ptnr2_auth_comp_id'  
20 3 'Structure model' '_pdbx_struct_conn_angle.ptnr2_label_asym_id' 
21 3 'Structure model' '_pdbx_struct_conn_angle.ptnr2_label_atom_id' 
22 3 'Structure model' '_pdbx_struct_conn_angle.ptnr2_label_comp_id' 
23 3 'Structure model' '_pdbx_struct_conn_angle.ptnr3_auth_asym_id'  
24 3 'Structure model' '_pdbx_struct_conn_angle.ptnr3_auth_comp_id'  
25 3 'Structure model' '_pdbx_struct_conn_angle.ptnr3_auth_seq_id'   
26 3 'Structure model' '_pdbx_struct_conn_angle.ptnr3_label_alt_id'  
27 3 'Structure model' '_pdbx_struct_conn_angle.ptnr3_label_asym_id' 
28 3 'Structure model' '_pdbx_struct_conn_angle.ptnr3_label_atom_id' 
29 3 'Structure model' '_pdbx_struct_conn_angle.ptnr3_label_comp_id' 
30 3 'Structure model' '_pdbx_struct_conn_angle.ptnr3_label_seq_id'  
31 3 'Structure model' '_pdbx_struct_conn_angle.value'               
32 3 'Structure model' '_struct_conn.conn_type_id'                   
33 3 'Structure model' '_struct_conn.id'                             
34 3 'Structure model' '_struct_conn.pdbx_dist_value'                
35 3 'Structure model' '_struct_conn.pdbx_leaving_atom_flag'         
36 3 'Structure model' '_struct_conn.pdbx_ptnr2_label_alt_id'        
37 3 'Structure model' '_struct_conn.ptnr1_auth_asym_id'             
38 3 'Structure model' '_struct_conn.ptnr1_auth_comp_id'             
39 3 'Structure model' '_struct_conn.ptnr1_auth_seq_id'              
40 3 'Structure model' '_struct_conn.ptnr1_label_asym_id'            
41 3 'Structure model' '_struct_conn.ptnr1_label_atom_id'            
42 3 'Structure model' '_struct_conn.ptnr1_label_comp_id'            
43 3 'Structure model' '_struct_conn.ptnr1_label_seq_id'             
44 3 'Structure model' '_struct_conn.ptnr2_auth_asym_id'             
45 3 'Structure model' '_struct_conn.ptnr2_auth_comp_id'             
46 3 'Structure model' '_struct_conn.ptnr2_auth_seq_id'              
47 3 'Structure model' '_struct_conn.ptnr2_label_asym_id'            
48 3 'Structure model' '_struct_conn.ptnr2_label_atom_id'            
49 3 'Structure model' '_struct_conn.ptnr2_label_comp_id'            
50 3 'Structure model' '_struct_conn.ptnr2_label_seq_id'             
51 3 'Structure model' '_struct_conn.ptnr2_symmetry'                 
# 
_pdbx_database_status.status_code                     REL 
_pdbx_database_status.status_code_sf                  REL 
_pdbx_database_status.status_code_mr                  ? 
_pdbx_database_status.entry_id                        6S7D 
_pdbx_database_status.recvd_initial_deposition_date   2019-07-04 
_pdbx_database_status.SG_entry                        N 
_pdbx_database_status.deposit_site                    PDBE 
_pdbx_database_status.process_site                    PDBE 
_pdbx_database_status.status_code_cs                  ? 
_pdbx_database_status.methods_development_category    ? 
_pdbx_database_status.pdb_format_compatible           Y 
_pdbx_database_status.status_code_nmr_data            ? 
# 
loop_
_audit_author.name 
_audit_author.pdbx_ordinal 
_audit_author.identifier_ORCID 
'Conlon, P.F.'  1 ? 
'Steinhogl, J.' 2 ? 
'Vyle, J.S.'    3 ? 
'Hall, J.P.'    4 ? 
# 
_citation.abstract                  ? 
_citation.abstract_id_CAS           ? 
_citation.book_id_ISBN              ? 
_citation.book_publisher            ? 
_citation.book_publisher_city       ? 
_citation.book_title                ? 
_citation.coordinate_linkage        ? 
_citation.country                   UK 
_citation.database_id_Medline       ? 
_citation.details                   ? 
_citation.id                        primary 
_citation.journal_abbrev            'Chem Sci' 
_citation.journal_id_ASTM           ? 
_citation.journal_id_CSD            ? 
_citation.journal_id_ISSN           2041-6520 
_citation.journal_full              ? 
_citation.journal_issue             ? 
_citation.journal_volume            10 
_citation.language                  ? 
_citation.page_first                10948 
_citation.page_last                 10957 
_citation.title                     
;Solid-phase synthesis and structural characterisation of phosphoroselenolate-modified DNA: a backbone analogue which does not impose conformational bias and facilitates SAD X-ray crystallography.
;
_citation.year                      2019 
_citation.database_id_CSD           ? 
_citation.pdbx_database_id_DOI      10.1039/c9sc04098f 
_citation.pdbx_database_id_PubMed   32190252 
_citation.unpublished_flag          ? 
# 
loop_
_citation_author.citation_id 
_citation_author.name 
_citation_author.ordinal 
_citation_author.identifier_ORCID 
primary 'Conlon, P.F.'   1  ? 
primary 'Eguaogie, O.'   2  ? 
primary 'Wilson, J.J.'   3  ? 
primary 'Sweet, J.S.T.'  4  ? 
primary 'Steinhoegl, J.' 5  ? 
primary 'Englert, K.'    6  ? 
primary 'Hancox, O.G.A.' 7  ? 
primary 'Law, C.J.'      8  ? 
primary 'Allman, S.A.'   9  ? 
primary 'Tucker, J.H.R.' 10 ? 
primary 'Hall, J.P.'     11 ? 
primary 'Vyle, J.S.'     12 ? 
# 
loop_
_entity.id 
_entity.type 
_entity.src_method 
_entity.pdbx_description 
_entity.formula_weight 
_entity.pdbx_number_of_molecules 
_entity.pdbx_ec 
_entity.pdbx_mutation 
_entity.pdbx_fragment 
_entity.details 
1 polymer     syn 
;DNA (5'-D(*GP*(XCI)P*CP*CP*CP*GP*GP*GP*AP*C)-3')
;
3092.955 2  ? ? ? ? 
2 non-polymer syn 'BARIUM ION'                                       137.327  2  ? ? ? ? 
3 non-polymer syn 'SODIUM ION'                                       22.990   2  ? ? ? ? 
4 non-polymer syn 'CHLORIDE ION'                                     35.453   1  ? ? ? ? 
5 non-polymer syn SPERMINE                                           202.340  1  ? ? ? ? 
6 water       nat water                                              18.015   60 ? ? ? ? 
# 
_entity_poly.entity_id                      1 
_entity_poly.type                           polydeoxyribonucleotide 
_entity_poly.nstd_linkage                   no 
_entity_poly.nstd_monomer                   yes 
_entity_poly.pdbx_seq_one_letter_code       '(DG)(XCI)(DC)(DC)(DC)(DG)(DG)(DG)(DA)(DC)' 
_entity_poly.pdbx_seq_one_letter_code_can   GXCCCGGGAC 
_entity_poly.pdbx_strand_id                 A,B 
_entity_poly.pdbx_target_identifier         ? 
# 
loop_
_pdbx_entity_nonpoly.entity_id 
_pdbx_entity_nonpoly.name 
_pdbx_entity_nonpoly.comp_id 
2 'BARIUM ION'   BA  
3 'SODIUM ION'   NA  
4 'CHLORIDE ION' CL  
5 SPERMINE       SPM 
6 water          HOH 
# 
loop_
_entity_poly_seq.entity_id 
_entity_poly_seq.num 
_entity_poly_seq.mon_id 
_entity_poly_seq.hetero 
1 1  DG  n 
1 2  XCI n 
1 3  DC  n 
1 4  DC  n 
1 5  DC  n 
1 6  DG  n 
1 7  DG  n 
1 8  DG  n 
1 9  DA  n 
1 10 DC  n 
# 
_pdbx_entity_src_syn.entity_id              1 
_pdbx_entity_src_syn.pdbx_src_id            1 
_pdbx_entity_src_syn.pdbx_alt_source_flag   sample 
_pdbx_entity_src_syn.pdbx_beg_seq_num       1 
_pdbx_entity_src_syn.pdbx_end_seq_num       10 
_pdbx_entity_src_syn.organism_scientific    'synthetic construct' 
_pdbx_entity_src_syn.organism_common_name   ? 
_pdbx_entity_src_syn.ncbi_taxonomy_id       32630 
_pdbx_entity_src_syn.details                ? 
# 
loop_
_chem_comp.id 
_chem_comp.type 
_chem_comp.mon_nstd_flag 
_chem_comp.name 
_chem_comp.pdbx_synonyms 
_chem_comp.formula 
_chem_comp.formula_weight 
BA  non-polymer   . 'BARIUM ION' ? 'Ba 2'               137.327 
CL  non-polymer   . 'CHLORIDE ION' ? 'Cl -1'              35.453  
DA  'DNA linking' y "2'-DEOXYADENOSINE-5'-MONOPHOSPHATE" ? 'C10 H14 N5 O6 P'    331.222 
DC  'DNA linking' y "2'-DEOXYCYTIDINE-5'-MONOPHOSPHATE" ? 'C9 H14 N3 O7 P'     307.197 
DG  'DNA linking' y "2'-DEOXYGUANOSINE-5'-MONOPHOSPHATE" ? 'C10 H14 N5 O7 P'    347.221 
HOH non-polymer   . WATER ? 'H2 O'               18.015  
NA  non-polymer   . 'SODIUM ION' ? 'Na 1'               22.990  
SPM non-polymer   . SPERMINE ? 'C10 H26 N4'         202.340 
XCI non-polymer   . 
'[(2~{S},3~{S},5~{R})-5-[5-methyl-2,4-bis(oxidanylidene)pyrimidin-1-yl]-3-oxidanyl-oxolan-2-yl]methylselanylphosphonous acid' ? 
'C10 H15 N2 O6 P Se' 369.170 
# 
loop_
_pdbx_poly_seq_scheme.asym_id 
_pdbx_poly_seq_scheme.entity_id 
_pdbx_poly_seq_scheme.seq_id 
_pdbx_poly_seq_scheme.mon_id 
_pdbx_poly_seq_scheme.ndb_seq_num 
_pdbx_poly_seq_scheme.pdb_seq_num 
_pdbx_poly_seq_scheme.auth_seq_num 
_pdbx_poly_seq_scheme.pdb_mon_id 
_pdbx_poly_seq_scheme.auth_mon_id 
_pdbx_poly_seq_scheme.pdb_strand_id 
_pdbx_poly_seq_scheme.pdb_ins_code 
_pdbx_poly_seq_scheme.hetero 
A 1 1  DG  1  1  1  DG  DG  A . n 
A 1 2  XCI 2  2  2  XCI XCI A . n 
A 1 3  DC  3  3  3  DC  DC  A . n 
A 1 4  DC  4  4  4  DC  DC  A . n 
A 1 5  DC  5  5  5  DC  DC  A . n 
A 1 6  DG  6  6  6  DG  DG  A . n 
A 1 7  DG  7  7  7  DG  DG  A . n 
A 1 8  DG  8  8  8  DG  DG  A . n 
A 1 9  DA  9  9  9  DA  DA  A . n 
A 1 10 DC  10 10 10 DC  DC  A . n 
B 1 1  DG  1  1  1  DG  DG  B . n 
B 1 2  XCI 2  2  2  XCI XCI B . n 
B 1 3  DC  3  3  3  DC  DC  B . n 
B 1 4  DC  4  4  4  DC  DC  B . n 
B 1 5  DC  5  5  5  DC  DC  B . n 
B 1 6  DG  6  6  6  DG  DG  B . n 
B 1 7  DG  7  7  7  DG  DG  B . n 
B 1 8  DG  8  8  8  DG  DG  B . n 
B 1 9  DA  9  9  9  DA  DA  B . n 
B 1 10 DC  10 10 10 DC  DC  B . n 
# 
loop_
_pdbx_nonpoly_scheme.asym_id 
_pdbx_nonpoly_scheme.entity_id 
_pdbx_nonpoly_scheme.mon_id 
_pdbx_nonpoly_scheme.ndb_seq_num 
_pdbx_nonpoly_scheme.pdb_seq_num 
_pdbx_nonpoly_scheme.auth_seq_num 
_pdbx_nonpoly_scheme.pdb_mon_id 
_pdbx_nonpoly_scheme.auth_mon_id 
_pdbx_nonpoly_scheme.pdb_strand_id 
_pdbx_nonpoly_scheme.pdb_ins_code 
C 2 BA  1  101 1  BA  BA  A . 
D 3 NA  1  102 3  NA  NA  A . 
E 4 CL  1  103 5  CL  CL  A . 
F 5 SPM 1  101 1  SPM SPM B . 
G 2 BA  1  102 2  BA  BA  B . 
H 3 NA  1  103 4  NA  NA  B . 
I 6 HOH 1  201 25 HOH HOH A . 
I 6 HOH 2  202 28 HOH HOH A . 
I 6 HOH 3  203 45 HOH HOH A . 
I 6 HOH 4  204 47 HOH HOH A . 
I 6 HOH 5  205 37 HOH HOH A . 
I 6 HOH 6  206 5  HOH HOH A . 
I 6 HOH 7  207 19 HOH HOH A . 
I 6 HOH 8  208 12 HOH HOH A . 
I 6 HOH 9  209 30 HOH HOH A . 
I 6 HOH 10 210 6  HOH HOH A . 
I 6 HOH 11 211 15 HOH HOH A . 
I 6 HOH 12 212 60 HOH HOH A . 
I 6 HOH 13 213 49 HOH HOH A . 
I 6 HOH 14 214 36 HOH HOH A . 
I 6 HOH 15 215 56 HOH HOH A . 
I 6 HOH 16 216 39 HOH HOH A . 
I 6 HOH 17 217 21 HOH HOH A . 
I 6 HOH 18 218 18 HOH HOH A . 
I 6 HOH 19 219 3  HOH HOH A . 
I 6 HOH 20 220 2  HOH HOH A . 
I 6 HOH 21 221 41 HOH HOH A . 
I 6 HOH 22 222 24 HOH HOH A . 
I 6 HOH 23 223 13 HOH HOH A . 
J 6 HOH 1  201 9  HOH HOH B . 
J 6 HOH 2  202 11 HOH HOH B . 
J 6 HOH 3  203 17 HOH HOH B . 
J 6 HOH 4  204 35 HOH HOH B . 
J 6 HOH 5  205 1  HOH HOH B . 
J 6 HOH 6  206 34 HOH HOH B . 
J 6 HOH 7  207 16 HOH HOH B . 
J 6 HOH 8  208 29 HOH HOH B . 
J 6 HOH 9  209 26 HOH HOH B . 
J 6 HOH 10 210 64 HOH HOH B . 
J 6 HOH 11 211 53 HOH HOH B . 
J 6 HOH 12 212 54 HOH HOH B . 
J 6 HOH 13 213 46 HOH HOH B . 
J 6 HOH 14 214 44 HOH HOH B . 
J 6 HOH 15 215 31 HOH HOH B . 
J 6 HOH 16 216 63 HOH HOH B . 
J 6 HOH 17 217 33 HOH HOH B . 
J 6 HOH 18 218 58 HOH HOH B . 
J 6 HOH 19 219 52 HOH HOH B . 
J 6 HOH 20 220 55 HOH HOH B . 
J 6 HOH 21 221 7  HOH HOH B . 
J 6 HOH 22 222 50 HOH HOH B . 
J 6 HOH 23 223 59 HOH HOH B . 
J 6 HOH 24 224 20 HOH HOH B . 
J 6 HOH 25 225 38 HOH HOH B . 
J 6 HOH 26 226 62 HOH HOH B . 
J 6 HOH 27 227 51 HOH HOH B . 
J 6 HOH 28 228 43 HOH HOH B . 
J 6 HOH 29 229 48 HOH HOH B . 
J 6 HOH 30 230 4  HOH HOH B . 
J 6 HOH 31 231 61 HOH HOH B . 
J 6 HOH 32 232 32 HOH HOH B . 
J 6 HOH 33 233 57 HOH HOH B . 
J 6 HOH 34 234 22 HOH HOH B . 
J 6 HOH 35 235 27 HOH HOH B . 
J 6 HOH 36 236 10 HOH HOH B . 
J 6 HOH 37 237 42 HOH HOH B . 
# 
loop_
_software.citation_id 
_software.classification 
_software.compiler_name 
_software.compiler_version 
_software.contact_author 
_software.contact_author_email 
_software.date 
_software.description 
_software.dependencies 
_software.hardware 
_software.language 
_software.location 
_software.mods 
_software.name 
_software.os 
_software.os_version 
_software.type 
_software.version 
_software.pdbx_ordinal 
? 'model building' ? ? ? ? ? ? ? ? ? ? ? Coot    ? ? ? .         1 
? refinement       ? ? ? ? ? ? ? ? ? ? ? PHENIX  ? ? ? 1.16_3549 2 
? 'data scaling'   ? ? ? ? ? ? ? ? ? ? ? xia2    ? ? ? .         3 
? 'data reduction' ? ? ? ? ? ? ? ? ? ? ? DIALS   ? ? ? .         4 
? phasing          ? ? ? ? ? ? ? ? ? ? ? SHELXCD ? ? ? .         5 
# 
_cell.angle_alpha                  90.000 
_cell.angle_alpha_esd              ? 
_cell.angle_beta                   90.000 
_cell.angle_beta_esd               ? 
_cell.angle_gamma                  120.000 
_cell.angle_gamma_esd              ? 
_cell.entry_id                     6S7D 
_cell.details                      ? 
_cell.formula_units_Z              ? 
_cell.length_a                     38.642 
_cell.length_a_esd                 ? 
_cell.length_b                     38.642 
_cell.length_b_esd                 ? 
_cell.length_c                     79.307 
_cell.length_c_esd                 ? 
_cell.volume                       102553.928 
_cell.volume_esd                   ? 
_cell.Z_PDB                        12 
_cell.reciprocal_angle_alpha       ? 
_cell.reciprocal_angle_beta        ? 
_cell.reciprocal_angle_gamma       ? 
_cell.reciprocal_angle_alpha_esd   ? 
_cell.reciprocal_angle_beta_esd    ? 
_cell.reciprocal_angle_gamma_esd   ? 
_cell.reciprocal_length_a          ? 
_cell.reciprocal_length_b          ? 
_cell.reciprocal_length_c          ? 
_cell.reciprocal_length_a_esd      ? 
_cell.reciprocal_length_b_esd      ? 
_cell.reciprocal_length_c_esd      ? 
_cell.pdbx_unique_axis             ? 
# 
_symmetry.entry_id                         6S7D 
_symmetry.cell_setting                     ? 
_symmetry.Int_Tables_number                152 
_symmetry.space_group_name_Hall            
;P 31 2"
;
_symmetry.space_group_name_H-M             'P 31 2 1' 
_symmetry.pdbx_full_space_group_name_H-M   ? 
# 
_exptl.absorpt_coefficient_mu     ? 
_exptl.absorpt_correction_T_max   ? 
_exptl.absorpt_correction_T_min   ? 
_exptl.absorpt_correction_type    ? 
_exptl.absorpt_process_details    ? 
_exptl.entry_id                   6S7D 
_exptl.crystals_number            1 
_exptl.details                    ? 
_exptl.method                     'X-RAY DIFFRACTION' 
_exptl.method_details             ? 
# 
_exptl_crystal.colour                      ? 
_exptl_crystal.density_diffrn              ? 
_exptl_crystal.density_Matthews            3.14 
_exptl_crystal.density_method              ? 
_exptl_crystal.density_percent_sol         60.80 
_exptl_crystal.description                 ? 
_exptl_crystal.F_000                       ? 
_exptl_crystal.id                          1 
_exptl_crystal.preparation                 ? 
_exptl_crystal.size_max                    ? 
_exptl_crystal.size_mid                    ? 
_exptl_crystal.size_min                    ? 
_exptl_crystal.size_rad                    ? 
_exptl_crystal.colour_lustre               ? 
_exptl_crystal.colour_modifier             ? 
_exptl_crystal.colour_primary              ? 
_exptl_crystal.density_meas                ? 
_exptl_crystal.density_meas_esd            ? 
_exptl_crystal.density_meas_gt             ? 
_exptl_crystal.density_meas_lt             ? 
_exptl_crystal.density_meas_temp           ? 
_exptl_crystal.density_meas_temp_esd       ? 
_exptl_crystal.density_meas_temp_gt        ? 
_exptl_crystal.density_meas_temp_lt        ? 
_exptl_crystal.pdbx_crystal_image_url      ? 
_exptl_crystal.pdbx_crystal_image_format   ? 
_exptl_crystal.pdbx_mosaicity              ? 
_exptl_crystal.pdbx_mosaicity_esd          ? 
# 
_exptl_crystal_grow.apparatus       ? 
_exptl_crystal_grow.atmosphere      ? 
_exptl_crystal_grow.crystal_id      1 
_exptl_crystal_grow.details         ? 
_exptl_crystal_grow.method          'VAPOR DIFFUSION, SITTING DROP' 
_exptl_crystal_grow.method_ref      ? 
_exptl_crystal_grow.pH              6 
_exptl_crystal_grow.pressure        ? 
_exptl_crystal_grow.pressure_esd    ? 
_exptl_crystal_grow.seeding         ? 
_exptl_crystal_grow.seeding_ref     ? 
_exptl_crystal_grow.temp            291 
_exptl_crystal_grow.temp_details    ? 
_exptl_crystal_grow.temp_esd        ? 
_exptl_crystal_grow.time            ? 
_exptl_crystal_grow.pdbx_details    
;The crystallization solution contained 1 uL of 2 mM oligonucleotide and 6 uL of a solution containing 10% (v/v) 2-methyl-2,4-pentanediol, 40 mM Na-cacodylate pH 6, 12 mM Spermine tetra-HCl, 80 mM NaCl and 20 mM BaCl2. This was equilibrated against 100 uL of 35% (v/v) 2-methyl-2,4-pentanediol. Crystals grew in approximately 1-2 weeks and were grown using the sitting-drop method at 291 K.
;
_exptl_crystal_grow.pdbx_pH_range   ? 
# 
_diffrn.ambient_environment              ? 
_diffrn.ambient_temp                     100 
_diffrn.ambient_temp_details             ? 
_diffrn.ambient_temp_esd                 ? 
_diffrn.crystal_id                       1 
_diffrn.crystal_support                  ? 
_diffrn.crystal_treatment                ? 
_diffrn.details                          ? 
_diffrn.id                               1 
_diffrn.ambient_pressure                 ? 
_diffrn.ambient_pressure_esd             ? 
_diffrn.ambient_pressure_gt              ? 
_diffrn.ambient_pressure_lt              ? 
_diffrn.ambient_temp_gt                  ? 
_diffrn.ambient_temp_lt                  ? 
_diffrn.pdbx_serial_crystal_experiment   N 
# 
_diffrn_detector.details                      ? 
_diffrn_detector.detector                     PIXEL 
_diffrn_detector.diffrn_id                    1 
_diffrn_detector.type                         'DECTRIS PILATUS3 6M' 
_diffrn_detector.area_resol_mean              ? 
_diffrn_detector.dtime                        ? 
_diffrn_detector.pdbx_frames_total            ? 
_diffrn_detector.pdbx_collection_time_total   ? 
_diffrn_detector.pdbx_collection_date         2019-02-18 
_diffrn_detector.pdbx_frequency               ? 
# 
_diffrn_radiation.collimation                      ? 
_diffrn_radiation.diffrn_id                        1 
_diffrn_radiation.filter_edge                      ? 
_diffrn_radiation.inhomogeneity                    ? 
_diffrn_radiation.monochromator                    'Dual Si(111)' 
_diffrn_radiation.polarisn_norm                    ? 
_diffrn_radiation.polarisn_ratio                   ? 
_diffrn_radiation.probe                            ? 
_diffrn_radiation.type                             ? 
_diffrn_radiation.xray_symbol                      ? 
_diffrn_radiation.wavelength_id                    1 
_diffrn_radiation.pdbx_monochromatic_or_laue_m_l   M 
_diffrn_radiation.pdbx_wavelength_list             ? 
_diffrn_radiation.pdbx_wavelength                  ? 
_diffrn_radiation.pdbx_diffrn_protocol             'SINGLE WAVELENGTH' 
_diffrn_radiation.pdbx_analyzer                    ? 
_diffrn_radiation.pdbx_scattering_type             x-ray 
# 
_diffrn_radiation_wavelength.id           1 
_diffrn_radiation_wavelength.wavelength   0.9596 
_diffrn_radiation_wavelength.wt           1.0 
# 
_diffrn_source.current                     ? 
_diffrn_source.details                     ? 
_diffrn_source.diffrn_id                   1 
_diffrn_source.power                       ? 
_diffrn_source.size                        ? 
_diffrn_source.source                      SYNCHROTRON 
_diffrn_source.target                      ? 
_diffrn_source.type                        'DIAMOND BEAMLINE I03' 
_diffrn_source.voltage                     ? 
_diffrn_source.take-off_angle              ? 
_diffrn_source.pdbx_wavelength_list        0.9596 
_diffrn_source.pdbx_wavelength             ? 
_diffrn_source.pdbx_synchrotron_beamline   I03 
_diffrn_source.pdbx_synchrotron_site       Diamond 
# 
_reflns.B_iso_Wilson_estimate            ? 
_reflns.entry_id                         6S7D 
_reflns.data_reduction_details           ? 
_reflns.data_reduction_method            ? 
_reflns.d_resolution_high                1.45 
_reflns.d_resolution_low                 25.57 
_reflns.details                          ? 
_reflns.limit_h_max                      ? 
_reflns.limit_h_min                      ? 
_reflns.limit_k_max                      ? 
_reflns.limit_k_min                      ? 
_reflns.limit_l_max                      ? 
_reflns.limit_l_min                      ? 
_reflns.number_all                       ? 
_reflns.number_obs                       12548 
_reflns.observed_criterion               ? 
_reflns.observed_criterion_F_max         ? 
_reflns.observed_criterion_F_min         ? 
_reflns.observed_criterion_I_max         ? 
_reflns.observed_criterion_I_min         ? 
_reflns.observed_criterion_sigma_F       -3 
_reflns.observed_criterion_sigma_I       ? 
_reflns.percent_possible_obs             98.4 
_reflns.R_free_details                   ? 
_reflns.Rmerge_F_all                     ? 
_reflns.Rmerge_F_obs                     ? 
_reflns.Friedel_coverage                 ? 
_reflns.number_gt                        ? 
_reflns.threshold_expression             ? 
_reflns.pdbx_redundancy                  3 
_reflns.pdbx_Rmerge_I_obs                0.05 
_reflns.pdbx_Rmerge_I_all                ? 
_reflns.pdbx_Rsym_value                  ? 
_reflns.pdbx_netI_over_av_sigmaI         ? 
_reflns.pdbx_netI_over_sigmaI            12.5 
_reflns.pdbx_res_netI_over_av_sigmaI_2   ? 
_reflns.pdbx_res_netI_over_sigmaI_2      ? 
_reflns.pdbx_chi_squared                 ? 
_reflns.pdbx_scaling_rejects             ? 
_reflns.pdbx_d_res_high_opt              ? 
_reflns.pdbx_d_res_low_opt               ? 
_reflns.pdbx_d_res_opt_method            ? 
_reflns.phase_calculation_details        ? 
_reflns.pdbx_Rrim_I_all                  0.06 
_reflns.pdbx_Rpim_I_all                  0.032 
_reflns.pdbx_d_opt                       ? 
_reflns.pdbx_number_measured_all         ? 
_reflns.pdbx_diffrn_id                   1 
_reflns.pdbx_ordinal                     1 
_reflns.pdbx_CC_half                     0.998 
_reflns.pdbx_R_split                     ? 
# 
_reflns_shell.d_res_high                  1.45 
_reflns_shell.d_res_low                   1.47 
_reflns_shell.meanI_over_sigI_all         ? 
_reflns_shell.meanI_over_sigI_obs         ? 
_reflns_shell.number_measured_all         ? 
_reflns_shell.number_measured_obs         ? 
_reflns_shell.number_possible             ? 
_reflns_shell.number_unique_all           ? 
_reflns_shell.number_unique_obs           625 
_reflns_shell.percent_possible_all        98.7 
_reflns_shell.percent_possible_obs        ? 
_reflns_shell.Rmerge_F_all                ? 
_reflns_shell.Rmerge_F_obs                ? 
_reflns_shell.Rmerge_I_all                ? 
_reflns_shell.Rmerge_I_obs                0.556 
_reflns_shell.meanI_over_sigI_gt          ? 
_reflns_shell.meanI_over_uI_all           ? 
_reflns_shell.meanI_over_uI_gt            ? 
_reflns_shell.number_measured_gt          ? 
_reflns_shell.number_unique_gt            ? 
_reflns_shell.percent_possible_gt         ? 
_reflns_shell.Rmerge_F_gt                 ? 
_reflns_shell.Rmerge_I_gt                 ? 
_reflns_shell.pdbx_redundancy             2.9 
_reflns_shell.pdbx_Rsym_value             ? 
_reflns_shell.pdbx_chi_squared            ? 
_reflns_shell.pdbx_netI_over_sigmaI_all   ? 
_reflns_shell.pdbx_netI_over_sigmaI_obs   ? 
_reflns_shell.pdbx_Rrim_I_all             0.674 
_reflns_shell.pdbx_Rpim_I_all             0.375 
_reflns_shell.pdbx_rejects                ? 
_reflns_shell.pdbx_ordinal                1 
_reflns_shell.pdbx_diffrn_id              1 
_reflns_shell.pdbx_CC_half                0.741 
_reflns_shell.pdbx_R_split                ? 
# 
_refine.aniso_B[1][1]                            ? 
_refine.aniso_B[1][2]                            ? 
_refine.aniso_B[1][3]                            ? 
_refine.aniso_B[2][2]                            ? 
_refine.aniso_B[2][3]                            ? 
_refine.aniso_B[3][3]                            ? 
_refine.B_iso_max                                ? 
_refine.B_iso_mean                               25.54 
_refine.B_iso_min                                ? 
_refine.correlation_coeff_Fo_to_Fc               ? 
_refine.correlation_coeff_Fo_to_Fc_free          ? 
_refine.details                                  ? 
_refine.diff_density_max                         ? 
_refine.diff_density_max_esd                     ? 
_refine.diff_density_min                         ? 
_refine.diff_density_min_esd                     ? 
_refine.diff_density_rms                         ? 
_refine.diff_density_rms_esd                     ? 
_refine.entry_id                                 6S7D 
_refine.pdbx_refine_id                           'X-RAY DIFFRACTION' 
_refine.ls_abs_structure_details                 ? 
_refine.ls_abs_structure_Flack                   ? 
_refine.ls_abs_structure_Flack_esd               ? 
_refine.ls_abs_structure_Rogers                  ? 
_refine.ls_abs_structure_Rogers_esd              ? 
_refine.ls_d_res_high                            1.45 
_refine.ls_d_res_low                             25.57 
_refine.ls_extinction_coef                       ? 
_refine.ls_extinction_coef_esd                   ? 
_refine.ls_extinction_expression                 ? 
_refine.ls_extinction_method                     ? 
_refine.ls_goodness_of_fit_all                   ? 
_refine.ls_goodness_of_fit_all_esd               ? 
_refine.ls_goodness_of_fit_obs                   ? 
_refine.ls_goodness_of_fit_obs_esd               ? 
_refine.ls_hydrogen_treatment                    ? 
_refine.ls_matrix_type                           ? 
_refine.ls_number_constraints                    ? 
_refine.ls_number_parameters                     ? 
_refine.ls_number_reflns_all                     ? 
_refine.ls_number_reflns_obs                     12530 
_refine.ls_number_reflns_R_free                  579 
_refine.ls_number_reflns_R_work                  ? 
_refine.ls_number_restraints                     ? 
_refine.ls_percent_reflns_obs                    98.31 
_refine.ls_percent_reflns_R_free                 4.62 
_refine.ls_R_factor_all                          ? 
_refine.ls_R_factor_obs                          0.1919 
_refine.ls_R_factor_R_free                       0.2366 
_refine.ls_R_factor_R_free_error                 ? 
_refine.ls_R_factor_R_free_error_details         ? 
_refine.ls_R_factor_R_work                       0.1849 
_refine.ls_R_Fsqd_factor_obs                     ? 
_refine.ls_R_I_factor_obs                        ? 
_refine.ls_redundancy_reflns_all                 ? 
_refine.ls_redundancy_reflns_obs                 ? 
_refine.ls_restrained_S_all                      ? 
_refine.ls_restrained_S_obs                      ? 
_refine.ls_shift_over_esd_max                    ? 
_refine.ls_shift_over_esd_mean                   ? 
_refine.ls_structure_factor_coef                 ? 
_refine.ls_weighting_details                     ? 
_refine.ls_weighting_scheme                      ? 
_refine.ls_wR_factor_all                         ? 
_refine.ls_wR_factor_obs                         ? 
_refine.ls_wR_factor_R_free                      ? 
_refine.ls_wR_factor_R_work                      ? 
_refine.occupancy_max                            ? 
_refine.occupancy_min                            ? 
_refine.solvent_model_details                    ? 
_refine.solvent_model_param_bsol                 ? 
_refine.solvent_model_param_ksol                 ? 
_refine.ls_R_factor_gt                           ? 
_refine.ls_goodness_of_fit_gt                    ? 
_refine.ls_goodness_of_fit_ref                   ? 
_refine.ls_shift_over_su_max                     ? 
_refine.ls_shift_over_su_max_lt                  ? 
_refine.ls_shift_over_su_mean                    ? 
_refine.ls_shift_over_su_mean_lt                 ? 
_refine.pdbx_ls_sigma_I                          ? 
_refine.pdbx_ls_sigma_F                          3.79 
_refine.pdbx_ls_sigma_Fsqd                       ? 
_refine.pdbx_data_cutoff_high_absF               ? 
_refine.pdbx_data_cutoff_high_rms_absF           ? 
_refine.pdbx_data_cutoff_low_absF                ? 
_refine.pdbx_isotropic_thermal_model             ? 
_refine.pdbx_ls_cross_valid_method               'FREE R-VALUE' 
_refine.pdbx_method_to_determine_struct          SAD 
_refine.pdbx_starting_model                      ? 
_refine.pdbx_stereochemistry_target_values       ? 
_refine.pdbx_R_Free_selection_details            ? 
_refine.pdbx_stereochem_target_val_spec_case     ? 
_refine.pdbx_overall_ESU_R                       ? 
_refine.pdbx_overall_ESU_R_Free                  ? 
_refine.pdbx_solvent_vdw_probe_radii             1.1100 
_refine.pdbx_solvent_ion_probe_radii             ? 
_refine.pdbx_solvent_shrinkage_radii             0.9000 
_refine.pdbx_real_space_R                        ? 
_refine.pdbx_density_correlation                 ? 
_refine.pdbx_pd_number_of_powder_patterns        ? 
_refine.pdbx_pd_number_of_points                 ? 
_refine.pdbx_pd_meas_number_of_points            ? 
_refine.pdbx_pd_proc_ls_prof_R_factor            ? 
_refine.pdbx_pd_proc_ls_prof_wR_factor           ? 
_refine.pdbx_pd_Marquardt_correlation_coeff      ? 
_refine.pdbx_pd_Fsqrd_R_factor                   ? 
_refine.pdbx_pd_ls_matrix_band_width             ? 
_refine.pdbx_overall_phase_error                 25.2935 
_refine.pdbx_overall_SU_R_free_Cruickshank_DPI   ? 
_refine.pdbx_overall_SU_R_free_Blow_DPI          ? 
_refine.pdbx_overall_SU_R_Blow_DPI               ? 
_refine.pdbx_TLS_residual_ADP_flag               ? 
_refine.pdbx_diffrn_id                           1 
_refine.overall_SU_B                             ? 
_refine.overall_SU_ML                            ? 
_refine.overall_SU_R_Cruickshank_DPI             ? 
_refine.overall_SU_R_free                        ? 
_refine.overall_FOM_free_R_set                   ? 
_refine.overall_FOM_work_R_set                   ? 
_refine.pdbx_average_fsc_overall                 ? 
_refine.pdbx_average_fsc_work                    ? 
_refine.pdbx_average_fsc_free                    ? 
# 
_refine_hist.pdbx_refine_id                   'X-RAY DIFFRACTION' 
_refine_hist.cycle_id                         LAST 
_refine_hist.details                          ? 
_refine_hist.d_res_high                       1.45 
_refine_hist.d_res_low                        25.57 
_refine_hist.number_atoms_solvent             60 
_refine_hist.number_atoms_total               483 
_refine_hist.number_reflns_all                ? 
_refine_hist.number_reflns_obs                ? 
_refine_hist.number_reflns_R_free             ? 
_refine_hist.number_reflns_R_work             ? 
_refine_hist.R_factor_all                     ? 
_refine_hist.R_factor_obs                     ? 
_refine_hist.R_factor_R_free                  ? 
_refine_hist.R_factor_R_work                  ? 
_refine_hist.pdbx_number_residues_total       ? 
_refine_hist.pdbx_B_iso_mean_ligand           ? 
_refine_hist.pdbx_B_iso_mean_solvent          ? 
_refine_hist.pdbx_number_atoms_protein        0 
_refine_hist.pdbx_number_atoms_nucleic_acid   404 
_refine_hist.pdbx_number_atoms_ligand         19 
_refine_hist.pdbx_number_atoms_lipid          ? 
_refine_hist.pdbx_number_atoms_carb           ? 
_refine_hist.pdbx_pseudo_atom_details         ? 
# 
loop_
_refine_ls_restr.pdbx_refine_id 
_refine_ls_restr.criterion 
_refine_ls_restr.dev_ideal 
_refine_ls_restr.dev_ideal_target 
_refine_ls_restr.number 
_refine_ls_restr.rejects 
_refine_ls_restr.type 
_refine_ls_restr.weight 
_refine_ls_restr.pdbx_restraint_function 
'X-RAY DIFFRACTION' ? 0.0089  ? 463 ? f_bond_d           ? ? 
'X-RAY DIFFRACTION' ? 0.9357  ? 698 ? f_angle_d          ? ? 
'X-RAY DIFFRACTION' ? 0.0785  ? 76  ? f_chiral_restr     ? ? 
'X-RAY DIFFRACTION' ? 0.0092  ? 20  ? f_plane_restr      ? ? 
'X-RAY DIFFRACTION' ? 20.1052 ? 197 ? f_dihedral_angle_d ? ? 
# 
loop_
_refine_ls_shell.pdbx_refine_id 
_refine_ls_shell.d_res_high 
_refine_ls_shell.d_res_low 
_refine_ls_shell.number_reflns_all 
_refine_ls_shell.number_reflns_obs 
_refine_ls_shell.number_reflns_R_free 
_refine_ls_shell.number_reflns_R_work 
_refine_ls_shell.percent_reflns_obs 
_refine_ls_shell.percent_reflns_R_free 
_refine_ls_shell.R_factor_all 
_refine_ls_shell.R_factor_obs 
_refine_ls_shell.R_factor_R_free 
_refine_ls_shell.R_factor_R_free_error 
_refine_ls_shell.R_factor_R_work 
_refine_ls_shell.redundancy_reflns_all 
_refine_ls_shell.redundancy_reflns_obs 
_refine_ls_shell.wR_factor_all 
_refine_ls_shell.wR_factor_obs 
_refine_ls_shell.wR_factor_R_free 
_refine_ls_shell.wR_factor_R_work 
_refine_ls_shell.pdbx_total_number_of_bins_used 
_refine_ls_shell.pdbx_phase_error 
_refine_ls_shell.pdbx_fsc_work 
_refine_ls_shell.pdbx_fsc_free 
'X-RAY DIFFRACTION' 1.45 1.59 . . 123 2953 95.01 . . . 0.3332 . 0.2729 . . . . . . . . . . 
'X-RAY DIFFRACTION' 1.59 1.82 . . 133 2930 94.52 . . . 0.2518 . 0.2340 . . . . . . . . . . 
'X-RAY DIFFRACTION' 1.82 2.28 . . 166 2932 93.47 . . . 0.2669 . 0.2150 . . . . . . . . . . 
'X-RAY DIFFRACTION' 2.28 7.41 . . 149 3033 92.72 . . . 0.2145 . 0.1613 . . . . . . . . . . 
# 
_struct.entry_id                     6S7D 
_struct.title                        'Self-complementary duplex DNA containing an internucleoside phosphoroselenolate' 
_struct.pdbx_model_details           ? 
_struct.pdbx_formula_weight          ? 
_struct.pdbx_formula_weight_method   ? 
_struct.pdbx_model_type_details      ? 
_struct.pdbx_CASP_flag               N 
# 
_struct_keywords.entry_id        6S7D 
_struct_keywords.text            'Modified Phasing Duplex Phosphoroselenolate, DNA' 
_struct_keywords.pdbx_keywords   DNA 
# 
loop_
_struct_asym.id 
_struct_asym.pdbx_blank_PDB_chainid_flag 
_struct_asym.pdbx_modified 
_struct_asym.entity_id 
_struct_asym.details 
A N N 1 ? 
B N N 1 ? 
C N N 2 ? 
D N N 3 ? 
E N N 4 ? 
F N N 5 ? 
G N N 2 ? 
H N N 3 ? 
I N N 6 ? 
J N N 6 ? 
# 
_struct_ref.id                         1 
_struct_ref.db_name                    PDB 
_struct_ref.db_code                    6S7D 
_struct_ref.pdbx_db_accession          6S7D 
_struct_ref.pdbx_db_isoform            ? 
_struct_ref.entity_id                  1 
_struct_ref.pdbx_seq_one_letter_code   ? 
_struct_ref.pdbx_align_begin           1 
# 
loop_
_struct_ref_seq.align_id 
_struct_ref_seq.ref_id 
_struct_ref_seq.pdbx_PDB_id_code 
_struct_ref_seq.pdbx_strand_id 
_struct_ref_seq.seq_align_beg 
_struct_ref_seq.pdbx_seq_align_beg_ins_code 
_struct_ref_seq.seq_align_end 
_struct_ref_seq.pdbx_seq_align_end_ins_code 
_struct_ref_seq.pdbx_db_accession 
_struct_ref_seq.db_align_beg 
_struct_ref_seq.pdbx_db_align_beg_ins_code 
_struct_ref_seq.db_align_end 
_struct_ref_seq.pdbx_db_align_end_ins_code 
_struct_ref_seq.pdbx_auth_seq_align_beg 
_struct_ref_seq.pdbx_auth_seq_align_end 
1 1 6S7D A 1 ? 10 ? 6S7D 1 ? 10 ? 1 10 
2 1 6S7D B 1 ? 10 ? 6S7D 1 ? 10 ? 1 10 
# 
_pdbx_struct_assembly.id                   1 
_pdbx_struct_assembly.details              author_defined_assembly 
_pdbx_struct_assembly.method_details       ? 
_pdbx_struct_assembly.oligomeric_details   dimeric 
_pdbx_struct_assembly.oligomeric_count     2 
# 
loop_
_pdbx_struct_assembly_prop.biol_id 
_pdbx_struct_assembly_prop.type 
_pdbx_struct_assembly_prop.value 
_pdbx_struct_assembly_prop.details 
1 'ABSA (A^2)' 2490 ? 
1 MORE         -64  ? 
1 'SSA (A^2)'  3450 ? 
# 
_pdbx_struct_assembly_gen.assembly_id       1 
_pdbx_struct_assembly_gen.oper_expression   1 
_pdbx_struct_assembly_gen.asym_id_list      A,B,C,D,E,F,G,H,I,J 
# 
_pdbx_struct_assembly_auth_evidence.id                     1 
_pdbx_struct_assembly_auth_evidence.assembly_id            1 
_pdbx_struct_assembly_auth_evidence.experimental_support   none 
_pdbx_struct_assembly_auth_evidence.details                ? 
# 
_pdbx_struct_oper_list.id                   1 
_pdbx_struct_oper_list.type                 'identity operation' 
_pdbx_struct_oper_list.name                 1_555 
_pdbx_struct_oper_list.symmetry_operation   x,y,z 
_pdbx_struct_oper_list.matrix[1][1]         1.0000000000 
_pdbx_struct_oper_list.matrix[1][2]         0.0000000000 
_pdbx_struct_oper_list.matrix[1][3]         0.0000000000 
_pdbx_struct_oper_list.vector[1]            0.0000000000 
_pdbx_struct_oper_list.matrix[2][1]         0.0000000000 
_pdbx_struct_oper_list.matrix[2][2]         1.0000000000 
_pdbx_struct_oper_list.matrix[2][3]         0.0000000000 
_pdbx_struct_oper_list.vector[2]            0.0000000000 
_pdbx_struct_oper_list.matrix[3][1]         0.0000000000 
_pdbx_struct_oper_list.matrix[3][2]         0.0000000000 
_pdbx_struct_oper_list.matrix[3][3]         1.0000000000 
_pdbx_struct_oper_list.vector[3]            0.0000000000 
# 
loop_
_struct_conn.id 
_struct_conn.conn_type_id 
_struct_conn.pdbx_leaving_atom_flag 
_struct_conn.pdbx_PDB_id 
_struct_conn.ptnr1_label_asym_id 
_struct_conn.ptnr1_label_comp_id 
_struct_conn.ptnr1_label_seq_id 
_struct_conn.ptnr1_label_atom_id 
_struct_conn.pdbx_ptnr1_label_alt_id 
_struct_conn.pdbx_ptnr1_PDB_ins_code 
_struct_conn.pdbx_ptnr1_standard_comp_id 
_struct_conn.ptnr1_symmetry 
_struct_conn.ptnr2_label_asym_id 
_struct_conn.ptnr2_label_comp_id 
_struct_conn.ptnr2_label_seq_id 
_struct_conn.ptnr2_label_atom_id 
_struct_conn.pdbx_ptnr2_label_alt_id 
_struct_conn.pdbx_ptnr2_PDB_ins_code 
_struct_conn.ptnr1_auth_asym_id 
_struct_conn.ptnr1_auth_comp_id 
_struct_conn.ptnr1_auth_seq_id 
_struct_conn.ptnr2_auth_asym_id 
_struct_conn.ptnr2_auth_comp_id 
_struct_conn.ptnr2_auth_seq_id 
_struct_conn.ptnr2_symmetry 
_struct_conn.pdbx_ptnr3_label_atom_id 
_struct_conn.pdbx_ptnr3_label_seq_id 
_struct_conn.pdbx_ptnr3_label_comp_id 
_struct_conn.pdbx_ptnr3_label_asym_id 
_struct_conn.pdbx_ptnr3_label_alt_id 
_struct_conn.pdbx_ptnr3_PDB_ins_code 
_struct_conn.details 
_struct_conn.pdbx_dist_value 
_struct_conn.pdbx_value_order 
_struct_conn.pdbx_role 
covale1  covale one ? A DG  1  "O3'" ? ? ? 1_555 A XCI 2  P  ? ? A DG  1   A XCI 2   1_555 ? ? ? ? ? ? ?               1.653 ? ? 
covale2  covale one ? A XCI 2  "O3'" ? ? ? 1_555 A DC  3  P  ? ? A XCI 2   A DC  3   1_555 ? ? ? ? ? ? ?               1.609 ? ? 
covale3  covale one ? B DG  1  "O3'" ? ? ? 1_555 B XCI 2  P  ? ? B DG  1   B XCI 2   1_555 ? ? ? ? ? ? ?               1.622 ? ? 
covale4  covale one ? B XCI 2  "O3'" ? ? ? 1_555 B DC  3  P  ? ? B XCI 2   B DC  3   1_555 ? ? ? ? ? ? ?               1.615 ? ? 
metalc1  metalc ?   ? A DG  7  O6    ? ? ? 1_555 C BA  .  BA ? ? A DG  7   A BA  101 1_555 ? ? ? ? ? ? ?               3.092 ? ? 
metalc2  metalc ?   ? A DG  8  O6    ? ? ? 1_555 C BA  .  BA ? ? A DG  8   A BA  101 1_555 ? ? ? ? ? ? ?               2.864 ? ? 
metalc3  metalc ?   ? C BA  .  BA    ? ? ? 1_555 I HOH .  O  A ? A BA  101 A HOH 210 1_555 ? ? ? ? ? ? ?               2.806 ? ? 
metalc4  metalc ?   ? C BA  .  BA    ? ? ? 1_555 I HOH .  O  B ? A BA  101 A HOH 210 1_555 ? ? ? ? ? ? ?               2.923 ? ? 
metalc5  metalc ?   ? C BA  .  BA    ? ? ? 1_555 I HOH .  O  ? ? A BA  101 A HOH 211 1_555 ? ? ? ? ? ? ?               2.700 ? ? 
metalc6  metalc ?   ? C BA  .  BA    ? ? ? 1_555 J HOH .  O  ? ? A BA  101 B HOH 236 4_545 ? ? ? ? ? ? ?               2.862 ? ? 
metalc7  metalc ?   ? C BA  .  BA    ? ? ? 1_555 J HOH .  O  ? ? A BA  101 B HOH 237 4_545 ? ? ? ? ? ? ?               2.771 ? ? 
metalc8  metalc ?   ? D NA  .  NA    ? ? ? 1_555 I HOH .  O  ? ? A NA  102 A HOH 206 1_555 ? ? ? ? ? ? ?               2.958 ? ? 
metalc9  metalc ?   ? D NA  .  NA    ? ? ? 1_555 I HOH .  O  A ? A NA  102 A HOH 210 1_555 ? ? ? ? ? ? ?               3.132 ? ? 
metalc10 metalc ?   ? D NA  .  NA    ? ? ? 1_555 I HOH .  O  B ? A NA  102 A HOH 210 1_555 ? ? ? ? ? ? ?               2.431 ? ? 
metalc11 metalc ?   ? I HOH .  O     ? ? ? 1_555 G BA  .  BA ? ? A HOH 203 B BA  102 1_555 ? ? ? ? ? ? ?               2.874 ? ? 
metalc12 metalc ?   ? B DG  7  O6    ? ? ? 1_555 G BA  .  BA ? ? B DG  7   B BA  102 1_555 ? ? ? ? ? ? ?               3.009 ? ? 
metalc13 metalc ?   ? B DG  8  O6    ? ? ? 1_555 G BA  .  BA ? ? B DG  8   B BA  102 1_555 ? ? ? ? ? ? ?               2.676 ? ? 
metalc14 metalc ?   ? G BA  .  BA    ? ? ? 1_555 J HOH .  O  ? ? B BA  102 B HOH 203 1_555 ? ? ? ? ? ? ?               2.977 ? ? 
metalc15 metalc ?   ? G BA  .  BA    ? ? ? 1_555 J HOH .  O  ? ? B BA  102 B HOH 208 1_555 ? ? ? ? ? ? ?               2.759 ? ? 
metalc16 metalc ?   ? G BA  .  BA    ? ? ? 1_555 J HOH .  O  ? ? B BA  102 B HOH 215 1_555 ? ? ? ? ? ? ?               2.742 ? ? 
metalc17 metalc ?   ? G BA  .  BA    ? ? ? 1_555 J HOH .  O  ? ? B BA  102 B HOH 217 1_555 ? ? ? ? ? ? ?               2.971 ? ? 
metalc18 metalc ?   ? H NA  .  NA    ? ? ? 1_555 J HOH .  O  ? ? B NA  103 B HOH 216 1_555 ? ? ? ? ? ? ?               2.877 ? ? 
metalc19 metalc ?   ? H NA  .  NA    ? ? ? 1_555 J HOH .  O  ? ? B NA  103 B HOH 222 1_555 ? ? ? ? ? ? ?               2.600 ? ? 
hydrog1  hydrog ?   ? A DG  1  N1    ? ? ? 1_555 B DC  10 N3 ? ? A DG  1   B DC  10  1_555 ? ? ? ? ? ? WATSON-CRICK    ?     ? ? 
hydrog2  hydrog ?   ? A DG  1  N2    ? ? ? 1_555 B DC  10 O2 ? ? A DG  1   B DC  10  1_555 ? ? ? ? ? ? WATSON-CRICK    ?     ? ? 
hydrog3  hydrog ?   ? A DG  1  O6    ? ? ? 1_555 B DC  10 N4 ? ? A DG  1   B DC  10  1_555 ? ? ? ? ? ? WATSON-CRICK    ?     ? ? 
hydrog4  hydrog ?   ? A DC  3  N3    ? ? ? 1_555 B DG  8  N1 ? ? A DC  3   B DG  8   1_555 ? ? ? ? ? ? WATSON-CRICK    ?     ? ? 
hydrog5  hydrog ?   ? A DC  3  N4    ? ? ? 1_555 B DG  8  O6 ? ? A DC  3   B DG  8   1_555 ? ? ? ? ? ? WATSON-CRICK    ?     ? ? 
hydrog6  hydrog ?   ? A DC  3  O2    ? ? ? 1_555 B DG  8  N2 ? ? A DC  3   B DG  8   1_555 ? ? ? ? ? ? WATSON-CRICK    ?     ? ? 
hydrog7  hydrog ?   ? A DC  4  N3    ? ? ? 1_555 B DG  7  N1 ? ? A DC  4   B DG  7   1_555 ? ? ? ? ? ? WATSON-CRICK    ?     ? ? 
hydrog8  hydrog ?   ? A DC  4  N4    ? ? ? 1_555 B DG  7  O6 ? ? A DC  4   B DG  7   1_555 ? ? ? ? ? ? WATSON-CRICK    ?     ? ? 
hydrog9  hydrog ?   ? A DC  4  O2    ? ? ? 1_555 B DG  7  N2 ? ? A DC  4   B DG  7   1_555 ? ? ? ? ? ? WATSON-CRICK    ?     ? ? 
hydrog10 hydrog ?   ? A DC  5  N3    ? ? ? 1_555 B DG  6  N1 ? ? A DC  5   B DG  6   1_555 ? ? ? ? ? ? WATSON-CRICK    ?     ? ? 
hydrog11 hydrog ?   ? A DC  5  N4    ? ? ? 1_555 B DG  6  O6 ? ? A DC  5   B DG  6   1_555 ? ? ? ? ? ? WATSON-CRICK    ?     ? ? 
hydrog12 hydrog ?   ? A DC  5  O2    ? ? ? 1_555 B DG  6  N2 ? ? A DC  5   B DG  6   1_555 ? ? ? ? ? ? WATSON-CRICK    ?     ? ? 
hydrog13 hydrog ?   ? A DG  6  N1    ? ? ? 1_555 B DC  5  N3 ? ? A DG  6   B DC  5   1_555 ? ? ? ? ? ? WATSON-CRICK    ?     ? ? 
hydrog14 hydrog ?   ? A DG  6  N2    ? ? ? 1_555 B DC  5  O2 ? ? A DG  6   B DC  5   1_555 ? ? ? ? ? ? WATSON-CRICK    ?     ? ? 
hydrog15 hydrog ?   ? A DG  6  O6    ? ? ? 1_555 B DC  5  N4 ? ? A DG  6   B DC  5   1_555 ? ? ? ? ? ? WATSON-CRICK    ?     ? ? 
hydrog16 hydrog ?   ? A DG  7  N1    ? ? ? 1_555 B DC  4  N3 ? ? A DG  7   B DC  4   1_555 ? ? ? ? ? ? WATSON-CRICK    ?     ? ? 
hydrog17 hydrog ?   ? A DG  7  N2    ? ? ? 1_555 B DC  4  O2 ? ? A DG  7   B DC  4   1_555 ? ? ? ? ? ? WATSON-CRICK    ?     ? ? 
hydrog18 hydrog ?   ? A DG  7  O6    ? ? ? 1_555 B DC  4  N4 ? ? A DG  7   B DC  4   1_555 ? ? ? ? ? ? WATSON-CRICK    ?     ? ? 
hydrog19 hydrog ?   ? A DG  8  N1    ? ? ? 1_555 B DC  3  N3 ? ? A DG  8   B DC  3   1_555 ? ? ? ? ? ? WATSON-CRICK    ?     ? ? 
hydrog20 hydrog ?   ? A DG  8  N2    ? ? ? 1_555 B DC  3  O2 ? ? A DG  8   B DC  3   1_555 ? ? ? ? ? ? WATSON-CRICK    ?     ? ? 
hydrog21 hydrog ?   ? A DG  8  O6    ? ? ? 1_555 B DC  3  N4 ? ? A DG  8   B DC  3   1_555 ? ? ? ? ? ? WATSON-CRICK    ?     ? ? 
hydrog22 hydrog ?   ? A DA  9  N6    ? ? ? 1_555 B DG  1  O6 ? ? A DA  9   B DG  1   1_555 ? ? ? ? ? ? 'DA-DG MISPAIR' ?     ? ? 
hydrog23 hydrog ?   ? A DC  10 N3    ? ? ? 1_555 B DG  1  N1 ? ? A DC  10  B DG  1   1_555 ? ? ? ? ? ? WATSON-CRICK    ?     ? ? 
hydrog24 hydrog ?   ? A DC  10 N4    ? ? ? 1_555 B DG  1  O6 ? ? A DC  10  B DG  1   1_555 ? ? ? ? ? ? WATSON-CRICK    ?     ? ? 
hydrog25 hydrog ?   ? A DC  10 O2    ? ? ? 1_555 B DG  1  N2 ? ? A DC  10  B DG  1   1_555 ? ? ? ? ? ? WATSON-CRICK    ?     ? ? 
# 
loop_
_struct_conn_type.id 
_struct_conn_type.criteria 
_struct_conn_type.reference 
covale ? ? 
metalc ? ? 
hydrog ? ? 
# 
loop_
_pdbx_struct_conn_angle.id 
_pdbx_struct_conn_angle.ptnr1_label_atom_id 
_pdbx_struct_conn_angle.ptnr1_label_alt_id 
_pdbx_struct_conn_angle.ptnr1_label_asym_id 
_pdbx_struct_conn_angle.ptnr1_label_comp_id 
_pdbx_struct_conn_angle.ptnr1_label_seq_id 
_pdbx_struct_conn_angle.ptnr1_auth_atom_id 
_pdbx_struct_conn_angle.ptnr1_auth_asym_id 
_pdbx_struct_conn_angle.ptnr1_auth_comp_id 
_pdbx_struct_conn_angle.ptnr1_auth_seq_id 
_pdbx_struct_conn_angle.ptnr1_PDB_ins_code 
_pdbx_struct_conn_angle.ptnr1_symmetry 
_pdbx_struct_conn_angle.ptnr2_label_atom_id 
_pdbx_struct_conn_angle.ptnr2_label_alt_id 
_pdbx_struct_conn_angle.ptnr2_label_asym_id 
_pdbx_struct_conn_angle.ptnr2_label_comp_id 
_pdbx_struct_conn_angle.ptnr2_label_seq_id 
_pdbx_struct_conn_angle.ptnr2_auth_atom_id 
_pdbx_struct_conn_angle.ptnr2_auth_asym_id 
_pdbx_struct_conn_angle.ptnr2_auth_comp_id 
_pdbx_struct_conn_angle.ptnr2_auth_seq_id 
_pdbx_struct_conn_angle.ptnr2_PDB_ins_code 
_pdbx_struct_conn_angle.ptnr2_symmetry 
_pdbx_struct_conn_angle.ptnr3_label_atom_id 
_pdbx_struct_conn_angle.ptnr3_label_alt_id 
_pdbx_struct_conn_angle.ptnr3_label_asym_id 
_pdbx_struct_conn_angle.ptnr3_label_comp_id 
_pdbx_struct_conn_angle.ptnr3_label_seq_id 
_pdbx_struct_conn_angle.ptnr3_auth_atom_id 
_pdbx_struct_conn_angle.ptnr3_auth_asym_id 
_pdbx_struct_conn_angle.ptnr3_auth_comp_id 
_pdbx_struct_conn_angle.ptnr3_auth_seq_id 
_pdbx_struct_conn_angle.ptnr3_PDB_ins_code 
_pdbx_struct_conn_angle.ptnr3_symmetry 
_pdbx_struct_conn_angle.value 
_pdbx_struct_conn_angle.value_esd 
1  O6 ? A DG  7 ? A DG  7   ? 1_555 BA ? C BA . ? A BA 101 ? 1_555 O6 ? A DG  8 ? A DG  8   ? 1_555 70.5  ? 
2  O6 ? A DG  7 ? A DG  7   ? 1_555 BA ? C BA . ? A BA 101 ? 1_555 O  A I HOH . ? A HOH 210 ? 1_555 86.4  ? 
3  O6 ? A DG  8 ? A DG  8   ? 1_555 BA ? C BA . ? A BA 101 ? 1_555 O  A I HOH . ? A HOH 210 ? 1_555 156.2 ? 
4  O6 ? A DG  7 ? A DG  7   ? 1_555 BA ? C BA . ? A BA 101 ? 1_555 O  B I HOH . ? A HOH 210 ? 1_555 57.0  ? 
5  O6 ? A DG  8 ? A DG  8   ? 1_555 BA ? C BA . ? A BA 101 ? 1_555 O  B I HOH . ? A HOH 210 ? 1_555 124.6 ? 
6  O  A I HOH . ? A HOH 210 ? 1_555 BA ? C BA . ? A BA 101 ? 1_555 O  B I HOH . ? A HOH 210 ? 1_555 37.1  ? 
7  O6 ? A DG  7 ? A DG  7   ? 1_555 BA ? C BA . ? A BA 101 ? 1_555 O  ? I HOH . ? A HOH 211 ? 1_555 67.4  ? 
8  O6 ? A DG  8 ? A DG  8   ? 1_555 BA ? C BA . ? A BA 101 ? 1_555 O  ? I HOH . ? A HOH 211 ? 1_555 83.2  ? 
9  O  A I HOH . ? A HOH 210 ? 1_555 BA ? C BA . ? A BA 101 ? 1_555 O  ? I HOH . ? A HOH 211 ? 1_555 93.2  ? 
10 O  B I HOH . ? A HOH 210 ? 1_555 BA ? C BA . ? A BA 101 ? 1_555 O  ? I HOH . ? A HOH 211 ? 1_555 62.2  ? 
11 O6 ? A DG  7 ? A DG  7   ? 1_555 BA ? C BA . ? A BA 101 ? 1_555 O  ? J HOH . ? B HOH 236 ? 4_545 135.2 ? 
12 O6 ? A DG  8 ? A DG  8   ? 1_555 BA ? C BA . ? A BA 101 ? 1_555 O  ? J HOH . ? B HOH 236 ? 4_545 75.9  ? 
13 O  A I HOH . ? A HOH 210 ? 1_555 BA ? C BA . ? A BA 101 ? 1_555 O  ? J HOH . ? B HOH 236 ? 4_545 120.2 ? 
14 O  B I HOH . ? A HOH 210 ? 1_555 BA ? C BA . ? A BA 101 ? 1_555 O  ? J HOH . ? B HOH 236 ? 4_545 157.2 ? 
15 O  ? I HOH . ? A HOH 211 ? 1_555 BA ? C BA . ? A BA 101 ? 1_555 O  ? J HOH . ? B HOH 236 ? 4_545 136.7 ? 
16 O6 ? A DG  7 ? A DG  7   ? 1_555 BA ? C BA . ? A BA 101 ? 1_555 O  ? J HOH . ? B HOH 237 ? 4_545 124.3 ? 
17 O6 ? A DG  8 ? A DG  8   ? 1_555 BA ? C BA . ? A BA 101 ? 1_555 O  ? J HOH . ? B HOH 237 ? 4_545 71.2  ? 
18 O  A I HOH . ? A HOH 210 ? 1_555 BA ? C BA . ? A BA 101 ? 1_555 O  ? J HOH . ? B HOH 237 ? 4_545 129.4 ? 
19 O  B I HOH . ? A HOH 210 ? 1_555 BA ? C BA . ? A BA 101 ? 1_555 O  ? J HOH . ? B HOH 237 ? 4_545 124.8 ? 
20 O  ? I HOH . ? A HOH 211 ? 1_555 BA ? C BA . ? A BA 101 ? 1_555 O  ? J HOH . ? B HOH 237 ? 4_545 69.4  ? 
21 O  ? J HOH . ? B HOH 236 ? 4_545 BA ? C BA . ? A BA 101 ? 1_555 O  ? J HOH . ? B HOH 237 ? 4_545 68.1  ? 
22 O  ? I HOH . ? A HOH 206 ? 1_555 NA ? D NA . ? A NA 102 ? 1_555 O  A I HOH . ? A HOH 210 ? 1_555 84.3  ? 
23 O  ? I HOH . ? A HOH 206 ? 1_555 NA ? D NA . ? A NA 102 ? 1_555 O  B I HOH . ? A HOH 210 ? 1_555 50.4  ? 
24 O  A I HOH . ? A HOH 210 ? 1_555 NA ? D NA . ? A NA 102 ? 1_555 O  B I HOH . ? A HOH 210 ? 1_555 35.6  ? 
25 O  ? I HOH . ? A HOH 203 ? 1_555 BA ? G BA . ? B BA 102 ? 1_555 O6 ? B DG  7 ? B DG  7   ? 1_555 111.9 ? 
26 O  ? I HOH . ? A HOH 203 ? 1_555 BA ? G BA . ? B BA 102 ? 1_555 O6 ? B DG  8 ? B DG  8   ? 1_555 65.0  ? 
27 O6 ? B DG  7 ? B DG  7   ? 1_555 BA ? G BA . ? B BA 102 ? 1_555 O6 ? B DG  8 ? B DG  8   ? 1_555 79.5  ? 
28 O  ? I HOH . ? A HOH 203 ? 1_555 BA ? G BA . ? B BA 102 ? 1_555 O  ? J HOH . ? B HOH 203 ? 1_555 129.6 ? 
29 O6 ? B DG  7 ? B DG  7   ? 1_555 BA ? G BA . ? B BA 102 ? 1_555 O  ? J HOH . ? B HOH 203 ? 1_555 70.1  ? 
30 O6 ? B DG  8 ? B DG  8   ? 1_555 BA ? G BA . ? B BA 102 ? 1_555 O  ? J HOH . ? B HOH 203 ? 1_555 149.4 ? 
31 O  ? I HOH . ? A HOH 203 ? 1_555 BA ? G BA . ? B BA 102 ? 1_555 O  ? J HOH . ? B HOH 208 ? 1_555 78.6  ? 
32 O6 ? B DG  7 ? B DG  7   ? 1_555 BA ? G BA . ? B BA 102 ? 1_555 O  ? J HOH . ? B HOH 208 ? 1_555 147.3 ? 
33 O6 ? B DG  8 ? B DG  8   ? 1_555 BA ? G BA . ? B BA 102 ? 1_555 O  ? J HOH . ? B HOH 208 ? 1_555 77.5  ? 
34 O  ? J HOH . ? B HOH 203 ? 1_555 BA ? G BA . ? B BA 102 ? 1_555 O  ? J HOH . ? B HOH 208 ? 1_555 128.3 ? 
35 O  ? I HOH . ? A HOH 203 ? 1_555 BA ? G BA . ? B BA 102 ? 1_555 O  ? J HOH . ? B HOH 215 ? 1_555 64.5  ? 
36 O6 ? B DG  7 ? B DG  7   ? 1_555 BA ? G BA . ? B BA 102 ? 1_555 O  ? J HOH . ? B HOH 215 ? 1_555 60.4  ? 
37 O6 ? B DG  8 ? B DG  8   ? 1_555 BA ? G BA . ? B BA 102 ? 1_555 O  ? J HOH . ? B HOH 215 ? 1_555 91.5  ? 
38 O  ? J HOH . ? B HOH 203 ? 1_555 BA ? G BA . ? B BA 102 ? 1_555 O  ? J HOH . ? B HOH 215 ? 1_555 76.5  ? 
39 O  ? J HOH . ? B HOH 208 ? 1_555 BA ? G BA . ? B BA 102 ? 1_555 O  ? J HOH . ? B HOH 215 ? 1_555 142.6 ? 
40 O  ? I HOH . ? A HOH 203 ? 1_555 BA ? G BA . ? B BA 102 ? 1_555 O  ? J HOH . ? B HOH 217 ? 1_555 151.5 ? 
41 O6 ? B DG  7 ? B DG  7   ? 1_555 BA ? G BA . ? B BA 102 ? 1_555 O  ? J HOH . ? B HOH 217 ? 1_555 96.6  ? 
42 O6 ? B DG  8 ? B DG  8   ? 1_555 BA ? G BA . ? B BA 102 ? 1_555 O  ? J HOH . ? B HOH 217 ? 1_555 123.2 ? 
43 O  ? J HOH . ? B HOH 203 ? 1_555 BA ? G BA . ? B BA 102 ? 1_555 O  ? J HOH . ? B HOH 217 ? 1_555 59.5  ? 
44 O  ? J HOH . ? B HOH 208 ? 1_555 BA ? G BA . ? B BA 102 ? 1_555 O  ? J HOH . ? B HOH 217 ? 1_555 77.3  ? 
45 O  ? J HOH . ? B HOH 215 ? 1_555 BA ? G BA . ? B BA 102 ? 1_555 O  ? J HOH . ? B HOH 217 ? 1_555 135.6 ? 
46 O  ? J HOH . ? B HOH 216 ? 1_555 NA ? H NA . ? B NA 103 ? 1_555 O  ? J HOH . ? B HOH 222 ? 1_555 119.9 ? 
# 
loop_
_struct_site.id 
_struct_site.pdbx_evidence_code 
_struct_site.pdbx_auth_asym_id 
_struct_site.pdbx_auth_comp_id 
_struct_site.pdbx_auth_seq_id 
_struct_site.pdbx_auth_ins_code 
_struct_site.pdbx_num_residues 
_struct_site.details 
AC1 Software A BA  101 ? 6  'binding site for residue BA A 101'                 
AC2 Software A NA  102 ? 4  'binding site for residue NA A 102'                 
AC3 Software A CL  103 ? 3  'binding site for residue CL A 103'                 
AC4 Software B SPM 101 ? 6  'binding site for residue SPM B 101'                
AC5 Software B BA  102 ? 7  'binding site for residue BA B 102'                 
AC6 Software B NA  103 ? 3  'binding site for residue NA B 103'                 
AC7 Software B DG  1   ? 12 'binding site for Di-nucleotide DG B 1 and XCI B 2' 
AC8 Software B XCI 2   ? 12 'binding site for Di-nucleotide XCI B 2 and DC B 3' 
# 
loop_
_struct_site_gen.id 
_struct_site_gen.site_id 
_struct_site_gen.pdbx_num_res 
_struct_site_gen.label_comp_id 
_struct_site_gen.label_asym_id 
_struct_site_gen.label_seq_id 
_struct_site_gen.pdbx_auth_ins_code 
_struct_site_gen.auth_comp_id 
_struct_site_gen.auth_asym_id 
_struct_site_gen.auth_seq_id 
_struct_site_gen.label_atom_id 
_struct_site_gen.label_alt_id 
_struct_site_gen.symmetry 
_struct_site_gen.details 
1  AC1 6  DG  A 7  ? DG  A 7   . ? 1_555 ? 
2  AC1 6  DG  A 8  ? DG  A 8   . ? 1_555 ? 
3  AC1 6  HOH I .  ? HOH A 210 . ? 1_555 ? 
4  AC1 6  HOH I .  ? HOH A 211 . ? 1_555 ? 
5  AC1 6  HOH J .  ? HOH B 236 . ? 4_545 ? 
6  AC1 6  HOH J .  ? HOH B 237 . ? 4_545 ? 
7  AC2 4  DC  A 5  ? DC  A 5   . ? 1_555 ? 
8  AC2 4  DG  A 6  ? DG  A 6   . ? 1_555 ? 
9  AC2 4  HOH I .  ? HOH A 206 . ? 1_555 ? 
10 AC2 4  HOH I .  ? HOH A 210 . ? 1_555 ? 
11 AC3 3  HOH I .  ? HOH A 210 . ? 1_555 ? 
12 AC3 3  HOH I .  ? HOH A 219 . ? 1_555 ? 
13 AC3 3  HOH I .  ? HOH A 221 . ? 1_555 ? 
14 AC4 6  XCI A 2  ? XCI A 2   . ? 1_555 ? 
15 AC4 6  DC  A 3  ? DC  A 3   . ? 1_555 ? 
16 AC4 6  DC  A 4  ? DC  A 4   . ? 1_555 ? 
17 AC4 6  XCI B 2  ? XCI B 2   . ? 1_555 ? 
18 AC4 6  DC  B 3  ? DC  B 3   . ? 1_555 ? 
19 AC4 6  HOH J .  ? HOH B 212 . ? 1_555 ? 
20 AC5 7  HOH I .  ? HOH A 203 . ? 1_555 ? 
21 AC5 7  DG  B 7  ? DG  B 7   . ? 1_555 ? 
22 AC5 7  DG  B 8  ? DG  B 8   . ? 1_555 ? 
23 AC5 7  HOH J .  ? HOH B 203 . ? 1_555 ? 
24 AC5 7  HOH J .  ? HOH B 208 . ? 1_555 ? 
25 AC5 7  HOH J .  ? HOH B 215 . ? 1_555 ? 
26 AC5 7  HOH J .  ? HOH B 217 . ? 1_555 ? 
27 AC6 3  DA  B 9  ? DA  B 9   . ? 1_555 ? 
28 AC6 3  HOH J .  ? HOH B 216 . ? 1_555 ? 
29 AC6 3  HOH J .  ? HOH B 222 . ? 1_555 ? 
30 AC7 12 DG  A 6  ? DG  A 6   . ? 4_545 ? 
31 AC7 12 DG  A 7  ? DG  A 7   . ? 4_545 ? 
32 AC7 12 DG  A 8  ? DG  A 8   . ? 4_545 ? 
33 AC7 12 DA  A 9  ? DA  A 9   . ? 1_555 ? 
34 AC7 12 DC  A 10 ? DC  A 10  . ? 1_555 ? 
35 AC7 12 DC  B 3  ? DC  B 3   . ? 1_555 ? 
36 AC7 12 DC  B 5  ? DC  B 5   . ? 4_545 ? 
37 AC7 12 DG  B 6  ? DG  B 6   . ? 4_545 ? 
38 AC7 12 DC  B 10 ? DC  B 10  . ? 3_654 ? 
39 AC7 12 SPM F .  ? SPM B 101 . ? 1_555 ? 
40 AC7 12 HOH J .  ? HOH B 207 . ? 4_545 ? 
41 AC7 12 HOH J .  ? HOH B 237 . ? 4_545 ? 
42 AC8 12 DG  A 7  ? DG  A 7   . ? 4_545 ? 
43 AC8 12 DG  A 8  ? DG  A 8   . ? 4_545 ? 
44 AC8 12 DG  A 8  ? DG  A 8   . ? 1_555 ? 
45 AC8 12 DA  A 9  ? DA  A 9   . ? 1_555 ? 
46 AC8 12 DG  B 1  ? DG  B 1   . ? 1_555 ? 
47 AC8 12 DC  B 4  ? DC  B 4   . ? 1_555 ? 
48 AC8 12 DC  B 10 ? DC  B 10  . ? 3_654 ? 
49 AC8 12 SPM F .  ? SPM B 101 . ? 1_555 ? 
50 AC8 12 HOH J .  ? HOH B 201 . ? 1_555 ? 
51 AC8 12 HOH J .  ? HOH B 211 . ? 1_555 ? 
52 AC8 12 HOH J .  ? HOH B 218 . ? 1_555 ? 
53 AC8 12 HOH J .  ? HOH B 237 . ? 4_545 ? 
# 
loop_
_pdbx_validate_close_contact.id 
_pdbx_validate_close_contact.PDB_model_num 
_pdbx_validate_close_contact.auth_atom_id_1 
_pdbx_validate_close_contact.auth_asym_id_1 
_pdbx_validate_close_contact.auth_comp_id_1 
_pdbx_validate_close_contact.auth_seq_id_1 
_pdbx_validate_close_contact.PDB_ins_code_1 
_pdbx_validate_close_contact.label_alt_id_1 
_pdbx_validate_close_contact.auth_atom_id_2 
_pdbx_validate_close_contact.auth_asym_id_2 
_pdbx_validate_close_contact.auth_comp_id_2 
_pdbx_validate_close_contact.auth_seq_id_2 
_pdbx_validate_close_contact.PDB_ins_code_2 
_pdbx_validate_close_contact.label_alt_id_2 
_pdbx_validate_close_contact.dist 
1 1 OP1 A DG 7 ? ? O A HOH 201 ? ? 2.12 
2 1 OP2 B DC 3 ? ? O B HOH 201 ? ? 2.16 
# 
loop_
_space_group_symop.id 
_space_group_symop.operation_xyz 
1 x,y,z          
2 -y,x-y,z+1/3   
3 -x+y,-x,z+2/3  
4 x-y,-y,-z+2/3  
5 -x,-x+y,-z+1/3 
6 y,x,-z         
# 
_pdbx_entry_details.entry_id                 6S7D 
_pdbx_entry_details.has_ligand_of_interest   Y 
_pdbx_entry_details.compound_details         ? 
_pdbx_entry_details.source_details           ? 
_pdbx_entry_details.nonpolymer_details       ? 
_pdbx_entry_details.sequence_details         ? 
# 
loop_
_pdbx_distant_solvent_atoms.id 
_pdbx_distant_solvent_atoms.PDB_model_num 
_pdbx_distant_solvent_atoms.auth_atom_id 
_pdbx_distant_solvent_atoms.label_alt_id 
_pdbx_distant_solvent_atoms.auth_asym_id 
_pdbx_distant_solvent_atoms.auth_comp_id 
_pdbx_distant_solvent_atoms.auth_seq_id 
_pdbx_distant_solvent_atoms.PDB_ins_code 
_pdbx_distant_solvent_atoms.neighbor_macromolecule_distance 
_pdbx_distant_solvent_atoms.neighbor_ligand_distance 
1 1 O ? A HOH 222 ? 5.94  . 
2 1 O ? A HOH 223 ? 10.16 . 
3 1 O ? B HOH 236 ? 8.18  . 
4 1 O ? B HOH 237 ? 8.64  . 
# 
loop_
_chem_comp_atom.comp_id 
_chem_comp_atom.atom_id 
_chem_comp_atom.type_symbol 
_chem_comp_atom.pdbx_aromatic_flag 
_chem_comp_atom.pdbx_stereo_config 
_chem_comp_atom.pdbx_ordinal 
BA  BA     BA N N 1   
CL  CL     CL N N 2   
DA  OP3    O  N N 3   
DA  P      P  N N 4   
DA  OP1    O  N N 5   
DA  OP2    O  N N 6   
DA  "O5'"  O  N N 7   
DA  "C5'"  C  N N 8   
DA  "C4'"  C  N R 9   
DA  "O4'"  O  N N 10  
DA  "C3'"  C  N S 11  
DA  "O3'"  O  N N 12  
DA  "C2'"  C  N N 13  
DA  "C1'"  C  N R 14  
DA  N9     N  Y N 15  
DA  C8     C  Y N 16  
DA  N7     N  Y N 17  
DA  C5     C  Y N 18  
DA  C6     C  Y N 19  
DA  N6     N  N N 20  
DA  N1     N  Y N 21  
DA  C2     C  Y N 22  
DA  N3     N  Y N 23  
DA  C4     C  Y N 24  
DA  HOP3   H  N N 25  
DA  HOP2   H  N N 26  
DA  "H5'"  H  N N 27  
DA  "H5''" H  N N 28  
DA  "H4'"  H  N N 29  
DA  "H3'"  H  N N 30  
DA  "HO3'" H  N N 31  
DA  "H2'"  H  N N 32  
DA  "H2''" H  N N 33  
DA  "H1'"  H  N N 34  
DA  H8     H  N N 35  
DA  H61    H  N N 36  
DA  H62    H  N N 37  
DA  H2     H  N N 38  
DC  OP3    O  N N 39  
DC  P      P  N N 40  
DC  OP1    O  N N 41  
DC  OP2    O  N N 42  
DC  "O5'"  O  N N 43  
DC  "C5'"  C  N N 44  
DC  "C4'"  C  N R 45  
DC  "O4'"  O  N N 46  
DC  "C3'"  C  N S 47  
DC  "O3'"  O  N N 48  
DC  "C2'"  C  N N 49  
DC  "C1'"  C  N R 50  
DC  N1     N  N N 51  
DC  C2     C  N N 52  
DC  O2     O  N N 53  
DC  N3     N  N N 54  
DC  C4     C  N N 55  
DC  N4     N  N N 56  
DC  C5     C  N N 57  
DC  C6     C  N N 58  
DC  HOP3   H  N N 59  
DC  HOP2   H  N N 60  
DC  "H5'"  H  N N 61  
DC  "H5''" H  N N 62  
DC  "H4'"  H  N N 63  
DC  "H3'"  H  N N 64  
DC  "HO3'" H  N N 65  
DC  "H2'"  H  N N 66  
DC  "H2''" H  N N 67  
DC  "H1'"  H  N N 68  
DC  H41    H  N N 69  
DC  H42    H  N N 70  
DC  H5     H  N N 71  
DC  H6     H  N N 72  
DG  OP3    O  N N 73  
DG  P      P  N N 74  
DG  OP1    O  N N 75  
DG  OP2    O  N N 76  
DG  "O5'"  O  N N 77  
DG  "C5'"  C  N N 78  
DG  "C4'"  C  N R 79  
DG  "O4'"  O  N N 80  
DG  "C3'"  C  N S 81  
DG  "O3'"  O  N N 82  
DG  "C2'"  C  N N 83  
DG  "C1'"  C  N R 84  
DG  N9     N  Y N 85  
DG  C8     C  Y N 86  
DG  N7     N  Y N 87  
DG  C5     C  Y N 88  
DG  C6     C  N N 89  
DG  O6     O  N N 90  
DG  N1     N  N N 91  
DG  C2     C  N N 92  
DG  N2     N  N N 93  
DG  N3     N  N N 94  
DG  C4     C  Y N 95  
DG  HOP3   H  N N 96  
DG  HOP2   H  N N 97  
DG  "H5'"  H  N N 98  
DG  "H5''" H  N N 99  
DG  "H4'"  H  N N 100 
DG  "H3'"  H  N N 101 
DG  "HO3'" H  N N 102 
DG  "H2'"  H  N N 103 
DG  "H2''" H  N N 104 
DG  "H1'"  H  N N 105 
DG  H8     H  N N 106 
DG  H1     H  N N 107 
DG  H21    H  N N 108 
DG  H22    H  N N 109 
HOH O      O  N N 110 
HOH H1     H  N N 111 
HOH H2     H  N N 112 
NA  NA     NA N N 113 
SPM N1     N  N N 114 
SPM C2     C  N N 115 
SPM C3     C  N N 116 
SPM C4     C  N N 117 
SPM N5     N  N N 118 
SPM C6     C  N N 119 
SPM C7     C  N N 120 
SPM C8     C  N N 121 
SPM C9     C  N N 122 
SPM N10    N  N N 123 
SPM C11    C  N N 124 
SPM C12    C  N N 125 
SPM C13    C  N N 126 
SPM N14    N  N N 127 
SPM HN11   H  N N 128 
SPM HN12   H  N N 129 
SPM H21    H  N N 130 
SPM H22    H  N N 131 
SPM H31    H  N N 132 
SPM H32    H  N N 133 
SPM H41    H  N N 134 
SPM H42    H  N N 135 
SPM HN5    H  N N 136 
SPM H61    H  N N 137 
SPM H62    H  N N 138 
SPM H71    H  N N 139 
SPM H72    H  N N 140 
SPM H81    H  N N 141 
SPM H82    H  N N 142 
SPM H91    H  N N 143 
SPM H92    H  N N 144 
SPM HN0    H  N N 145 
SPM H111   H  N N 146 
SPM H112   H  N N 147 
SPM H121   H  N N 148 
SPM H122   H  N N 149 
SPM H131   H  N N 150 
SPM H132   H  N N 151 
SPM HN41   H  N N 152 
SPM HN42   H  N N 153 
XCI SE1    SE N N 154 
XCI "C1'"  C  N R 155 
XCI C2     C  N N 156 
XCI "C2'"  C  N N 157 
XCI "C3'"  C  N S 158 
XCI C4     C  N N 159 
XCI "C4'"  C  N S 160 
XCI C5     C  N N 161 
XCI "C5'"  C  N N 162 
XCI C6     C  N N 163 
XCI C7     C  N N 164 
XCI N1     N  N N 165 
XCI N3     N  N N 166 
XCI O2     O  N N 167 
XCI "O3'"  O  N N 168 
XCI O4     O  N N 169 
XCI "O4'"  O  N N 170 
XCI OP1    O  N N 171 
XCI OP2    O  N N 172 
XCI P      P  N N 173 
XCI "H1'"  H  N N 174 
XCI "H2''" H  N N 175 
XCI "H2'"  H  N N 176 
XCI "H3'"  H  N N 177 
XCI "H4'"  H  N N 178 
XCI "H5'"  H  N N 179 
XCI "H5''" H  N N 180 
XCI H6     H  N N 181 
XCI H72    H  N N 182 
XCI H73    H  N N 183 
XCI H71    H  N N 184 
XCI H3     H  N N 185 
XCI H1     H  N N 186 
XCI H2     H  N N 187 
XCI H4     H  N N 188 
# 
loop_
_chem_comp_bond.comp_id 
_chem_comp_bond.atom_id_1 
_chem_comp_bond.atom_id_2 
_chem_comp_bond.value_order 
_chem_comp_bond.pdbx_aromatic_flag 
_chem_comp_bond.pdbx_stereo_config 
_chem_comp_bond.pdbx_ordinal 
DA  OP3   P      sing N N 1   
DA  OP3   HOP3   sing N N 2   
DA  P     OP1    doub N N 3   
DA  P     OP2    sing N N 4   
DA  P     "O5'"  sing N N 5   
DA  OP2   HOP2   sing N N 6   
DA  "O5'" "C5'"  sing N N 7   
DA  "C5'" "C4'"  sing N N 8   
DA  "C5'" "H5'"  sing N N 9   
DA  "C5'" "H5''" sing N N 10  
DA  "C4'" "O4'"  sing N N 11  
DA  "C4'" "C3'"  sing N N 12  
DA  "C4'" "H4'"  sing N N 13  
DA  "O4'" "C1'"  sing N N 14  
DA  "C3'" "O3'"  sing N N 15  
DA  "C3'" "C2'"  sing N N 16  
DA  "C3'" "H3'"  sing N N 17  
DA  "O3'" "HO3'" sing N N 18  
DA  "C2'" "C1'"  sing N N 19  
DA  "C2'" "H2'"  sing N N 20  
DA  "C2'" "H2''" sing N N 21  
DA  "C1'" N9     sing N N 22  
DA  "C1'" "H1'"  sing N N 23  
DA  N9    C8     sing Y N 24  
DA  N9    C4     sing Y N 25  
DA  C8    N7     doub Y N 26  
DA  C8    H8     sing N N 27  
DA  N7    C5     sing Y N 28  
DA  C5    C6     sing Y N 29  
DA  C5    C4     doub Y N 30  
DA  C6    N6     sing N N 31  
DA  C6    N1     doub Y N 32  
DA  N6    H61    sing N N 33  
DA  N6    H62    sing N N 34  
DA  N1    C2     sing Y N 35  
DA  C2    N3     doub Y N 36  
DA  C2    H2     sing N N 37  
DA  N3    C4     sing Y N 38  
DC  OP3   P      sing N N 39  
DC  OP3   HOP3   sing N N 40  
DC  P     OP1    doub N N 41  
DC  P     OP2    sing N N 42  
DC  P     "O5'"  sing N N 43  
DC  OP2   HOP2   sing N N 44  
DC  "O5'" "C5'"  sing N N 45  
DC  "C5'" "C4'"  sing N N 46  
DC  "C5'" "H5'"  sing N N 47  
DC  "C5'" "H5''" sing N N 48  
DC  "C4'" "O4'"  sing N N 49  
DC  "C4'" "C3'"  sing N N 50  
DC  "C4'" "H4'"  sing N N 51  
DC  "O4'" "C1'"  sing N N 52  
DC  "C3'" "O3'"  sing N N 53  
DC  "C3'" "C2'"  sing N N 54  
DC  "C3'" "H3'"  sing N N 55  
DC  "O3'" "HO3'" sing N N 56  
DC  "C2'" "C1'"  sing N N 57  
DC  "C2'" "H2'"  sing N N 58  
DC  "C2'" "H2''" sing N N 59  
DC  "C1'" N1     sing N N 60  
DC  "C1'" "H1'"  sing N N 61  
DC  N1    C2     sing N N 62  
DC  N1    C6     sing N N 63  
DC  C2    O2     doub N N 64  
DC  C2    N3     sing N N 65  
DC  N3    C4     doub N N 66  
DC  C4    N4     sing N N 67  
DC  C4    C5     sing N N 68  
DC  N4    H41    sing N N 69  
DC  N4    H42    sing N N 70  
DC  C5    C6     doub N N 71  
DC  C5    H5     sing N N 72  
DC  C6    H6     sing N N 73  
DG  OP3   P      sing N N 74  
DG  OP3   HOP3   sing N N 75  
DG  P     OP1    doub N N 76  
DG  P     OP2    sing N N 77  
DG  P     "O5'"  sing N N 78  
DG  OP2   HOP2   sing N N 79  
DG  "O5'" "C5'"  sing N N 80  
DG  "C5'" "C4'"  sing N N 81  
DG  "C5'" "H5'"  sing N N 82  
DG  "C5'" "H5''" sing N N 83  
DG  "C4'" "O4'"  sing N N 84  
DG  "C4'" "C3'"  sing N N 85  
DG  "C4'" "H4'"  sing N N 86  
DG  "O4'" "C1'"  sing N N 87  
DG  "C3'" "O3'"  sing N N 88  
DG  "C3'" "C2'"  sing N N 89  
DG  "C3'" "H3'"  sing N N 90  
DG  "O3'" "HO3'" sing N N 91  
DG  "C2'" "C1'"  sing N N 92  
DG  "C2'" "H2'"  sing N N 93  
DG  "C2'" "H2''" sing N N 94  
DG  "C1'" N9     sing N N 95  
DG  "C1'" "H1'"  sing N N 96  
DG  N9    C8     sing Y N 97  
DG  N9    C4     sing Y N 98  
DG  C8    N7     doub Y N 99  
DG  C8    H8     sing N N 100 
DG  N7    C5     sing Y N 101 
DG  C5    C6     sing N N 102 
DG  C5    C4     doub Y N 103 
DG  C6    O6     doub N N 104 
DG  C6    N1     sing N N 105 
DG  N1    C2     sing N N 106 
DG  N1    H1     sing N N 107 
DG  C2    N2     sing N N 108 
DG  C2    N3     doub N N 109 
DG  N2    H21    sing N N 110 
DG  N2    H22    sing N N 111 
DG  N3    C4     sing N N 112 
HOH O     H1     sing N N 113 
HOH O     H2     sing N N 114 
SPM N1    C2     sing N N 115 
SPM N1    HN11   sing N N 116 
SPM N1    HN12   sing N N 117 
SPM C2    C3     sing N N 118 
SPM C2    H21    sing N N 119 
SPM C2    H22    sing N N 120 
SPM C3    C4     sing N N 121 
SPM C3    H31    sing N N 122 
SPM C3    H32    sing N N 123 
SPM C4    N5     sing N N 124 
SPM C4    H41    sing N N 125 
SPM C4    H42    sing N N 126 
SPM N5    C6     sing N N 127 
SPM N5    HN5    sing N N 128 
SPM C6    C7     sing N N 129 
SPM C6    H61    sing N N 130 
SPM C6    H62    sing N N 131 
SPM C7    C8     sing N N 132 
SPM C7    H71    sing N N 133 
SPM C7    H72    sing N N 134 
SPM C8    C9     sing N N 135 
SPM C8    H81    sing N N 136 
SPM C8    H82    sing N N 137 
SPM C9    N10    sing N N 138 
SPM C9    H91    sing N N 139 
SPM C9    H92    sing N N 140 
SPM N10   C11    sing N N 141 
SPM N10   HN0    sing N N 142 
SPM C11   C12    sing N N 143 
SPM C11   H111   sing N N 144 
SPM C11   H112   sing N N 145 
SPM C12   C13    sing N N 146 
SPM C12   H121   sing N N 147 
SPM C12   H122   sing N N 148 
SPM C13   N14    sing N N 149 
SPM C13   H131   sing N N 150 
SPM C13   H132   sing N N 151 
SPM N14   HN41   sing N N 152 
SPM N14   HN42   sing N N 153 
XCI OP1   P      sing N N 154 
XCI OP2   P      sing N N 155 
XCI P     SE1    sing N N 156 
XCI SE1   "C5'"  sing N N 157 
XCI C7    C5     sing N N 158 
XCI "C5'" "C4'"  sing N N 159 
XCI C5    C6     doub N N 160 
XCI C5    C4     sing N N 161 
XCI "O3'" "C3'"  sing N N 162 
XCI C6    N1     sing N N 163 
XCI "C3'" "C4'"  sing N N 164 
XCI "C3'" "C2'"  sing N N 165 
XCI "C4'" "O4'"  sing N N 166 
XCI O4    C4     doub N N 167 
XCI C4    N3     sing N N 168 
XCI "O4'" "C1'"  sing N N 169 
XCI N1    "C1'"  sing N N 170 
XCI N1    C2     sing N N 171 
XCI "C2'" "C1'"  sing N N 172 
XCI N3    C2     sing N N 173 
XCI C2    O2     doub N N 174 
XCI "C1'" "H1'"  sing N N 175 
XCI "C2'" "H2''" sing N N 176 
XCI "C2'" "H2'"  sing N N 177 
XCI "C3'" "H3'"  sing N N 178 
XCI "C4'" "H4'"  sing N N 179 
XCI "C5'" "H5'"  sing N N 180 
XCI "C5'" "H5''" sing N N 181 
XCI C6    H6     sing N N 182 
XCI C7    H72    sing N N 183 
XCI C7    H73    sing N N 184 
XCI C7    H71    sing N N 185 
XCI N3    H3     sing N N 186 
XCI "O3'" H1     sing N N 187 
XCI OP1   H2     sing N N 188 
XCI OP2   H4     sing N N 189 
# 
loop_
_ndb_struct_conf_na.entry_id 
_ndb_struct_conf_na.feature 
6S7D 'double helix'        
6S7D 'a-form double helix' 
# 
loop_
_ndb_struct_na_base_pair.model_number 
_ndb_struct_na_base_pair.i_label_asym_id 
_ndb_struct_na_base_pair.i_label_comp_id 
_ndb_struct_na_base_pair.i_label_seq_id 
_ndb_struct_na_base_pair.i_symmetry 
_ndb_struct_na_base_pair.j_label_asym_id 
_ndb_struct_na_base_pair.j_label_comp_id 
_ndb_struct_na_base_pair.j_label_seq_id 
_ndb_struct_na_base_pair.j_symmetry 
_ndb_struct_na_base_pair.shear 
_ndb_struct_na_base_pair.stretch 
_ndb_struct_na_base_pair.stagger 
_ndb_struct_na_base_pair.buckle 
_ndb_struct_na_base_pair.propeller 
_ndb_struct_na_base_pair.opening 
_ndb_struct_na_base_pair.pair_number 
_ndb_struct_na_base_pair.pair_name 
_ndb_struct_na_base_pair.i_auth_asym_id 
_ndb_struct_na_base_pair.i_auth_seq_id 
_ndb_struct_na_base_pair.i_PDB_ins_code 
_ndb_struct_na_base_pair.j_auth_asym_id 
_ndb_struct_na_base_pair.j_auth_seq_id 
_ndb_struct_na_base_pair.j_PDB_ins_code 
_ndb_struct_na_base_pair.hbond_type_28 
_ndb_struct_na_base_pair.hbond_type_12 
1 A DG 1  1_555 B DC 10 1_555 -0.459 -0.097 -0.246 -15.110 -11.068 -1.536 1 A_DG1:DC10_B A 1  ? B 10 ? 19 1 
1 A DC 3  1_555 B DG 8  1_555 0.421  -0.244 -0.256 13.222  -14.208 3.277  2 A_DC3:DG8_B  A 3  ? B 8  ? 19 1 
1 A DC 4  1_555 B DG 7  1_555 -0.225 -0.243 -0.110 3.536   -9.418  -0.984 3 A_DC4:DG7_B  A 4  ? B 7  ? 19 1 
1 A DC 5  1_555 B DG 6  1_555 0.242  -0.279 -0.611 6.339   -10.012 3.198  4 A_DC5:DG6_B  A 5  ? B 6  ? 19 1 
1 A DG 6  1_555 B DC 5  1_555 -0.370 -0.260 0.027  -7.679  -20.796 2.290  5 A_DG6:DC5_B  A 6  ? B 5  ? 19 1 
1 A DG 7  1_555 B DC 4  1_555 -0.153 -0.352 0.154  -11.699 -12.522 0.281  6 A_DG7:DC4_B  A 7  ? B 4  ? 19 1 
1 A DG 8  1_555 B DC 3  1_555 -0.638 -0.387 -0.293 -15.530 -20.346 3.300  7 A_DG8:DC3_B  A 8  ? B 3  ? 19 1 
1 A DC 10 1_555 B DG 1  1_555 1.033  -0.007 0.284  11.611  1.217   7.662  8 A_DC10:DG1_B A 10 ? B 1  ? 19 1 
# 
loop_
_ndb_struct_na_base_pair_step.model_number 
_ndb_struct_na_base_pair_step.i_label_asym_id_1 
_ndb_struct_na_base_pair_step.i_label_comp_id_1 
_ndb_struct_na_base_pair_step.i_label_seq_id_1 
_ndb_struct_na_base_pair_step.i_symmetry_1 
_ndb_struct_na_base_pair_step.j_label_asym_id_1 
_ndb_struct_na_base_pair_step.j_label_comp_id_1 
_ndb_struct_na_base_pair_step.j_label_seq_id_1 
_ndb_struct_na_base_pair_step.j_symmetry_1 
_ndb_struct_na_base_pair_step.i_label_asym_id_2 
_ndb_struct_na_base_pair_step.i_label_comp_id_2 
_ndb_struct_na_base_pair_step.i_label_seq_id_2 
_ndb_struct_na_base_pair_step.i_symmetry_2 
_ndb_struct_na_base_pair_step.j_label_asym_id_2 
_ndb_struct_na_base_pair_step.j_label_comp_id_2 
_ndb_struct_na_base_pair_step.j_label_seq_id_2 
_ndb_struct_na_base_pair_step.j_symmetry_2 
_ndb_struct_na_base_pair_step.shift 
_ndb_struct_na_base_pair_step.slide 
_ndb_struct_na_base_pair_step.rise 
_ndb_struct_na_base_pair_step.tilt 
_ndb_struct_na_base_pair_step.roll 
_ndb_struct_na_base_pair_step.twist 
_ndb_struct_na_base_pair_step.x_displacement 
_ndb_struct_na_base_pair_step.y_displacement 
_ndb_struct_na_base_pair_step.helical_rise 
_ndb_struct_na_base_pair_step.inclination 
_ndb_struct_na_base_pair_step.tip 
_ndb_struct_na_base_pair_step.helical_twist 
_ndb_struct_na_base_pair_step.step_number 
_ndb_struct_na_base_pair_step.step_name 
_ndb_struct_na_base_pair_step.i_auth_asym_id_1 
_ndb_struct_na_base_pair_step.i_auth_seq_id_1 
_ndb_struct_na_base_pair_step.i_PDB_ins_code_1 
_ndb_struct_na_base_pair_step.j_auth_asym_id_1 
_ndb_struct_na_base_pair_step.j_auth_seq_id_1 
_ndb_struct_na_base_pair_step.j_PDB_ins_code_1 
_ndb_struct_na_base_pair_step.i_auth_asym_id_2 
_ndb_struct_na_base_pair_step.i_auth_seq_id_2 
_ndb_struct_na_base_pair_step.i_PDB_ins_code_2 
_ndb_struct_na_base_pair_step.j_auth_asym_id_2 
_ndb_struct_na_base_pair_step.j_auth_seq_id_2 
_ndb_struct_na_base_pair_step.j_PDB_ins_code_2 
1 A DG 1 1_555 B DC 10 1_555 A DC 3  1_555 B DG 8 1_555 0.255  -1.426 5.804 -1.795 8.329  68.512 -1.795 -0.341 5.612 7.369  1.588 
68.976 1 AA_DG1DC3:DG8DC10_BB A 1 ? B 10 ? A 3  ? B 8 ? 
1 A DC 3 1_555 B DG 8  1_555 A DC 4  1_555 B DG 7 1_555 -0.107 -2.195 3.520 -3.751 8.401  24.418 -7.095 -0.759 2.619 19.021 8.493 
26.069 2 AA_DC3DC4:DG7DG8_BB  A 3 ? B 8  ? A 4  ? B 7 ? 
1 A DC 4 1_555 B DG 7  1_555 A DC 5  1_555 B DG 6 1_555 -0.320 -1.468 3.112 3.076  9.797  34.122 -3.668 0.921  2.568 16.246 -5.101 
35.589 3 AA_DC4DC5:DG6DG7_BB  A 4 ? B 7  ? A 5  ? B 6 ? 
1 A DC 5 1_555 B DG 6  1_555 A DG 6  1_555 B DC 5 1_555 -0.010 -1.524 3.437 -2.175 16.628 30.131 -5.017 -0.302 2.303 29.307 3.834 
34.388 4 AA_DC5DG6:DC5DG6_BB  A 5 ? B 6  ? A 6  ? B 5 ? 
1 A DG 6 1_555 B DC 5  1_555 A DG 7  1_555 B DC 4 1_555 0.652  -1.875 3.301 1.349  8.489  32.943 -4.484 -0.911 2.770 14.660 -2.329 
34.015 5 AA_DG6DG7:DC4DC5_BB  A 6 ? B 5  ? A 7  ? B 4 ? 
1 A DG 7 1_555 B DC 4  1_555 A DG 8  1_555 B DC 3 1_555 0.745  -2.117 3.359 7.804  9.737  24.785 -6.648 0.229  2.485 21.065 
-16.884 27.705 6 AA_DG7DG8:DC3DC4_BB  A 7 ? B 4  ? A 8  ? B 3 ? 
1 A DG 8 1_555 B DC 3  1_555 A DC 10 1_555 B DG 1 1_555 0.694  -1.600 5.792 -4.053 12.366 70.907 -2.081 -0.826 5.447 10.571 3.465 
71.937 7 AA_DG8DC10:DG1DC3_BB A 8 ? B 3  ? A 10 ? B 1 ? 
# 
_pdbx_audit_support.funding_organization   'Engineering and Physical Sciences Research Council' 
_pdbx_audit_support.country                'United Kingdom' 
_pdbx_audit_support.grant_number           EP/C00776X/1 
_pdbx_audit_support.ordinal                1 
# 
_pdbx_entity_instance_feature.ordinal        1 
_pdbx_entity_instance_feature.comp_id        XCI 
_pdbx_entity_instance_feature.asym_id        ? 
_pdbx_entity_instance_feature.seq_num        ? 
_pdbx_entity_instance_feature.auth_comp_id   XCI 
_pdbx_entity_instance_feature.auth_asym_id   ? 
_pdbx_entity_instance_feature.auth_seq_num   ? 
_pdbx_entity_instance_feature.feature_type   'SUBJECT OF INVESTIGATION' 
_pdbx_entity_instance_feature.details        ? 
# 
_space_group.id               1 
_space_group.name_H-M_alt     'P 31 2 1' 
_space_group.name_Hall        
;P 31 2"
;
_space_group.IT_number        152 
_space_group.crystal_system   trigonal 
# 
_atom_sites.entry_id                    6S7D 
_atom_sites.Cartn_transf_matrix[1][1]   ? 
_atom_sites.Cartn_transf_matrix[1][2]   ? 
_atom_sites.Cartn_transf_matrix[1][3]   ? 
_atom_sites.Cartn_transf_matrix[2][1]   ? 
_atom_sites.Cartn_transf_matrix[2][2]   ? 
_atom_sites.Cartn_transf_matrix[2][3]   ? 
_atom_sites.Cartn_transf_matrix[3][1]   ? 
_atom_sites.Cartn_transf_matrix[3][2]   ? 
_atom_sites.Cartn_transf_matrix[3][3]   ? 
_atom_sites.Cartn_transf_vector[1]      ? 
_atom_sites.Cartn_transf_vector[2]      ? 
_atom_sites.Cartn_transf_vector[3]      ? 
_atom_sites.fract_transf_matrix[1][1]   -0.00953484 
_atom_sites.fract_transf_matrix[1][2]   0.01944892 
_atom_sites.fract_transf_matrix[1][3]   0.02058597 
_atom_sites.fract_transf_matrix[2][1]   0.01895618 
_atom_sites.fract_transf_matrix[2][2]   0.01043685 
_atom_sites.fract_transf_matrix[2][3]   0.02060750 
_atom_sites.fract_transf_matrix[3][1]   0.00303179 
_atom_sites.fract_transf_matrix[3][2]   0.00956654 
_atom_sites.fract_transf_matrix[3][3]   -0.00763390 
_atom_sites.fract_transf_vector[1]      0.424046 
_atom_sites.fract_transf_vector[2]      -0.151825 
_atom_sites.fract_transf_vector[3]      0.083749 
_atom_sites.solution_primary            ? 
_atom_sites.solution_secondary          ? 
_atom_sites.solution_hydrogens          ? 
_atom_sites.special_details             ? 
# 
loop_
_atom_type.symbol 
_atom_type.scat_dispersion_real 
_atom_type.scat_dispersion_imag 
_atom_type.scat_Cromer_Mann_a1 
_atom_type.scat_Cromer_Mann_a2 
_atom_type.scat_Cromer_Mann_a3 
_atom_type.scat_Cromer_Mann_a4 
_atom_type.scat_Cromer_Mann_b1 
_atom_type.scat_Cromer_Mann_b2 
_atom_type.scat_Cromer_Mann_b3 
_atom_type.scat_Cromer_Mann_b4 
_atom_type.scat_Cromer_Mann_c 
_atom_type.scat_source 
_atom_type.scat_dispersion_source 
BA ? ? 46.69444 9.00985 ? ? 2.07616  47.04031 ? ? 0.0 
;2-Gaussian fit: Grosse-Kunstleve RW, Sauter NK, Adams PD: Newsletter of the IUCr Commission on Crystallographic Computing 2004, 3, 22-31.
;
? 
C  ? ? 3.54356  2.42580 ? ? 25.62398 1.50364  ? ? 0.0 
;2-Gaussian fit: Grosse-Kunstleve RW, Sauter NK, Adams PD: Newsletter of the IUCr Commission on Crystallographic Computing 2004, 3, 22-31.
;
? 
CL ? ? 9.50761  7.44341 ? ? 1.04373  23.83732 ? ? 0.0 
;2-Gaussian fit: Grosse-Kunstleve RW, Sauter NK, Adams PD: Newsletter of the IUCr Commission on Crystallographic Computing 2004, 3, 22-31.
;
? 
H  ? ? 0.51345  0.48472 ? ? 24.73122 6.32584  ? ? 0.0 
;2-Gaussian fit: Grosse-Kunstleve RW, Sauter NK, Adams PD: Newsletter of the IUCr Commission on Crystallographic Computing 2004, 3, 22-31.
;
? 
N  ? ? 4.01032  2.96436 ? ? 19.97189 1.75589  ? ? 0.0 
;2-Gaussian fit: Grosse-Kunstleve RW, Sauter NK, Adams PD: Newsletter of the IUCr Commission on Crystallographic Computing 2004, 3, 22-31.
;
? 
NA ? ? 9.38062  1.54875 ? ? 3.38349  72.32734 ? ? 0.0 
;2-Gaussian fit: Grosse-Kunstleve RW, Sauter NK, Adams PD: Newsletter of the IUCr Commission on Crystallographic Computing 2004, 3, 22-31.
;
? 
O  ? ? 4.49882  3.47563 ? ? 15.80542 1.70748  ? ? 0.0 
;2-Gaussian fit: Grosse-Kunstleve RW, Sauter NK, Adams PD: Newsletter of the IUCr Commission on Crystallographic Computing 2004, 3, 22-31.
;
? 
P  ? ? 9.51135  5.44231 ? ? 1.42069  35.72801 ? ? 0.0 
;2-Gaussian fit: Grosse-Kunstleve RW, Sauter NK, Adams PD: Newsletter of the IUCr Commission on Crystallographic Computing 2004, 3, 22-31.
;
? 
SE ? ? 26.02326 7.89457 ? ? 1.54240  29.12501 ? ? 0.0 
;2-Gaussian fit: Grosse-Kunstleve RW, Sauter NK, Adams PD: Newsletter of the IUCr Commission on Crystallographic Computing 2004, 3, 22-31.
;
? 
# 
loop_
_atom_site.group_PDB 
_atom_site.id 
_atom_site.type_symbol 
_atom_site.label_atom_id 
_atom_site.label_alt_id 
_atom_site.label_comp_id 
_atom_site.label_asym_id 
_atom_site.label_entity_id 
_atom_site.label_seq_id 
_atom_site.pdbx_PDB_ins_code 
_atom_site.Cartn_x 
_atom_site.Cartn_y 
_atom_site.Cartn_z 
_atom_site.occupancy 
_atom_site.B_iso_or_equiv 
_atom_site.pdbx_formal_charge 
_atom_site.auth_seq_id 
_atom_site.auth_comp_id 
_atom_site.auth_asym_id 
_atom_site.auth_atom_id 
_atom_site.pdbx_PDB_model_num 
ATOM   1   O  "O5'"  . DG  A 1 1  ? -11.17632 4.89140   -5.11392  1.000 30.62535 ? 1   DG  A "O5'"  1 
ATOM   2   C  "C5'"  . DG  A 1 1  ? -10.25305 3.87978   -5.52771  1.000 29.50153 ? 1   DG  A "C5'"  1 
ATOM   3   C  "C4'"  . DG  A 1 1  ? -10.01269 3.98083   -7.01514  1.000 29.14886 ? 1   DG  A "C4'"  1 
ATOM   4   O  "O4'"  . DG  A 1 1  ? -10.02201 5.36214   -7.39872  1.000 29.08043 ? 1   DG  A "O4'"  1 
ATOM   5   C  "C3'"  . DG  A 1 1  ? -8.68766  3.38532   -7.50607  1.000 28.91462 ? 1   DG  A "C3'"  1 
ATOM   6   O  "O3'"  . DG  A 1 1  ? -9.02267  2.19342   -8.22267  1.000 28.43824 ? 1   DG  A "O3'"  1 
ATOM   7   C  "C2'"  . DG  A 1 1  ? -8.17751  4.42619   -8.48655  1.000 29.12254 ? 1   DG  A "C2'"  1 
ATOM   8   C  "C1'"  . DG  A 1 1  ? -8.81301  5.70792   -7.98995  1.000 28.81987 ? 1   DG  A "C1'"  1 
ATOM   9   N  N9     . DG  A 1 1  ? -8.05963  6.45583   -7.01282  1.000 28.06978 ? 1   DG  A N9     1 
ATOM   10  C  C8     . DG  A 1 1  ? -8.39909  6.71084   -5.71316  1.000 28.08820 ? 1   DG  A C8     1 
ATOM   11  N  N7     . DG  A 1 1  ? -7.55992  7.50255   -5.11119  1.000 27.94608 ? 1   DG  A N7     1 
ATOM   12  C  C5     . DG  A 1 1  ? -6.65610  7.85043   -6.09848  1.000 27.84080 ? 1   DG  A C5     1 
ATOM   13  C  C6     . DG  A 1 1  ? -5.54058  8.72662   -6.05885  1.000 27.62499 ? 1   DG  A C6     1 
ATOM   14  O  O6     . DG  A 1 1  ? -5.06490  9.32303   -5.09611  1.000 28.28559 ? 1   DG  A O6     1 
ATOM   15  N  N1     . DG  A 1 1  ? -4.87192  8.74378   -7.26990  1.000 27.15914 ? 1   DG  A N1     1 
ATOM   16  C  C2     . DG  A 1 1  ? -5.27810  8.08724   -8.40097  1.000 27.13809 ? 1   DG  A C2     1 
ATOM   17  N  N2     . DG  A 1 1  ? -4.53706  8.26920   -9.49235  1.000 27.31706 ? 1   DG  A N2     1 
ATOM   18  N  N3     . DG  A 1 1  ? -6.32371  7.29066   -8.45677  1.000 27.02492 ? 1   DG  A N3     1 
ATOM   19  C  C4     . DG  A 1 1  ? -6.97355  7.23458   -7.28538  1.000 27.76185 ? 1   DG  A C4     1 
ATOM   20  H  "H5'"  . DG  A 1 1  ? -10.61845 3.00619   -5.31903  1.000 29.50379 ? 1   DG  A "H5'"  1 
ATOM   21  H  "H5''" . DG  A 1 1  ? -9.41291  3.99837   -5.05700  1.000 29.50379 ? 1   DG  A "H5''" 1 
ATOM   22  H  "H4'"  . DG  A 1 1  ? -10.73907 3.53047   -7.47323  1.000 29.15379 ? 1   DG  A "H4'"  1 
ATOM   23  H  "H3'"  . DG  A 1 1  ? -8.06508  3.22224   -6.78102  1.000 28.91379 ? 1   DG  A "H3'"  1 
ATOM   24  H  "H2'"  . DG  A 1 1  ? -7.21028  4.48727   -8.44872  1.000 29.12379 ? 1   DG  A "H2'"  1 
ATOM   25  H  "H2''" . DG  A 1 1  ? -8.47528  4.22250   -9.38697  1.000 29.12379 ? 1   DG  A "H2''" 1 
ATOM   26  H  "H1'"  . DG  A 1 1  ? -8.99131  6.28206   -8.75183  1.000 28.82379 ? 1   DG  A "H1'"  1 
ATOM   27  H  H8     . DG  A 1 1  ? -9.12677  6.31714   -5.28812  1.000 28.08379 ? 1   DG  A H8     1 
ATOM   28  H  H1     . DG  A 1 1  ? -4.17498  9.24417   -7.33063  1.000 27.15379 ? 1   DG  A H1     1 
ATOM   29  H  H21    . DG  A 1 1  ? -4.74344  7.86774   -10.22442 1.000 27.31379 ? 1   DG  A H21    1 
ATOM   30  H  H22    . DG  A 1 1  ? -3.85183  8.78838   -9.46483  1.000 27.31379 ? 1   DG  A H22    1 
ATOM   31  H  "HO5'" . DG  A 1 1  ? -11.33339 5.54717   -5.61476  1.000 30.62379 ? 1   DG  A "HO5'" 1 
HETATM 32  SE SE1    . XCI A 1 2  ? -6.22141  0.95187   -7.69977  1.000 29.35941 ? 2   XCI A SE1    1 
HETATM 33  C  "C1'"  . XCI A 1 2  ? -3.98400  4.07545   -9.43594  1.000 28.47772 ? 2   XCI A "C1'"  1 
HETATM 34  C  C2     . XCI A 1 2  ? -2.99782  5.63040   -7.88684  1.000 27.70921 ? 2   XCI A C2     1 
HETATM 35  C  "C2'"  . XCI A 1 2  ? -2.86950  3.14755   -9.92159  1.000 28.75407 ? 2   XCI A "C2'"  1 
HETATM 36  C  "C3'"  . XCI A 1 2  ? -3.46965  1.77361   -9.66842  1.000 28.49615 ? 2   XCI A "C3'"  1 
HETATM 37  C  C4     . XCI A 1 2  ? -3.84030  5.87368   -5.60087  1.000 27.68552 ? 2   XCI A C4     1 
HETATM 38  C  "C4'"  . XCI A 1 2  ? -4.91123  2.04975   -10.05842 1.000 29.35151 ? 2   XCI A "C4'"  1 
HETATM 39  C  C5     . XCI A 1 2  ? -4.73387  4.77321   -5.83837  1.000 27.86449 ? 2   XCI A C5     1 
HETATM 40  C  "C5'"  . XCI A 1 2  ? -5.95988  1.04881   -9.63816  1.000 29.73840 ? 2   XCI A "C5'"  1 
HETATM 41  C  C6     . XCI A 1 2  ? -4.75477  4.23829   -7.06208  1.000 27.93292 ? 2   XCI A C6     1 
HETATM 42  C  C7     . XCI A 1 2  ? -5.67099  4.36173   -4.74910  1.000 27.97766 ? 2   XCI A C7     1 
HETATM 43  N  N1     . XCI A 1 2  ? -3.90925  4.63135   -8.07372  1.000 27.98293 ? 2   XCI A N1     1 
HETATM 44  N  N3     . XCI A 1 2  ? -2.98519  6.16605   -6.63413  1.000 27.69605 ? 2   XCI A N3     1 
HETATM 45  O  O2     . XCI A 1 2  ? -2.23583  5.98964   -8.74941  1.000 27.88028 ? 2   XCI A O2     1 
HETATM 46  O  "O3'"  . XCI A 1 2  ? -2.95004  0.68075   -10.43683 1.000 27.25126 ? 2   XCI A "O3'"  1 
HETATM 47  O  O4     . XCI A 1 2  ? -3.68004  6.41092   -4.52537  1.000 26.83279 ? 2   XCI A O4     1 
HETATM 48  O  "O4'"  . XCI A 1 2  ? -5.18688  3.36061   -9.55087  1.000 28.87251 ? 2   XCI A "O4'"  1 
HETATM 49  O  OP1    . XCI A 1 2  ? -9.01905  0.48803   -6.38930  1.000 27.98293 ? 2   XCI A OP1    1 
HETATM 50  O  OP2    . XCI A 1 2  ? -8.79448  -0.20304  -8.75012  1.000 28.46456 ? 2   XCI A OP2    1 
HETATM 51  P  P      . XCI A 1 2  ? -8.50745  0.71472   -7.69249  1.000 28.52246 ? 2   XCI A P      1 
HETATM 52  H  "H1'"  . XCI A 1 2  ? -4.02189  4.91799   -10.14101 1.000 28.47379 ? 2   XCI A "H1'"  1 
HETATM 53  H  "H2''" . XCI A 1 2  ? -2.66022  3.30024   -10.98171 1.000 28.75379 ? 2   XCI A "H2''" 1 
HETATM 54  H  "H2'"  . XCI A 1 2  ? -1.96228  3.29574   -9.33760  1.000 28.75379 ? 2   XCI A "H2'"  1 
HETATM 55  H  "H3'"  . XCI A 1 2  ? -3.42169  1.54847   -8.59363  1.000 28.49379 ? 2   XCI A "H3'"  1 
HETATM 56  H  "H4'"  . XCI A 1 2  ? -4.93060  2.09140   -11.15359 1.000 29.35379 ? 2   XCI A "H4'"  1 
HETATM 57  H  "H5'"  . XCI A 1 2  ? -6.90890  1.31144   -10.11044 1.000 29.73379 ? 2   XCI A "H5'"  1 
HETATM 58  H  "H5''" . XCI A 1 2  ? -5.67468  0.06098   -10.00632 1.000 29.73379 ? 2   XCI A "H5''" 1 
HETATM 59  H  H6     . XCI A 1 2  ? -5.48561  3.47383   -7.25984  1.000 27.93379 ? 2   XCI A H6     1 
HETATM 60  H  H72    . XCI A 1 2  ? -5.59224  3.31744   -4.59281  1.000 27.97379 ? 2   XCI A H72    1 
HETATM 61  H  H73    . XCI A 1 2  ? -6.66387  4.60101   -5.02855  1.000 27.97379 ? 2   XCI A H73    1 
HETATM 62  H  H71    . XCI A 1 2  ? -5.42296  4.87050   -3.85446  1.000 27.97379 ? 2   XCI A H71    1 
HETATM 63  H  H3     . XCI A 1 2  ? -2.30495  6.91280   -6.48527  1.000 27.69379 ? 2   XCI A H3     1 
ATOM   64  P  P      . DC  A 1 3  ? -1.93002  -0.38145  -9.78877  1.000 26.84068 ? 3   DC  A P      1 
ATOM   65  O  OP1    . DC  A 1 3  ? -1.57541  -1.40323  -10.79957 1.000 28.45930 ? 3   DC  A OP1    1 
ATOM   66  O  OP2    . DC  A 1 3  ? -2.50680  -0.79550  -8.49024  1.000 27.05650 ? 3   DC  A OP2    1 
ATOM   67  O  "O5'"  . DC  A 1 3  ? -0.64396  0.52335   -9.49855  1.000 26.25904 ? 3   DC  A "O5'"  1 
ATOM   68  C  "C5'"  . DC  A 1 3  ? 0.14321   0.99854   -10.58075 1.000 27.24600 ? 3   DC  A "C5'"  1 
ATOM   69  C  "C4'"  . DC  A 1 3  ? 1.08379   2.10279   -10.13320 1.000 27.89871 ? 3   DC  A "C4'"  1 
ATOM   70  O  "O4'"  . DC  A 1 3  ? 0.32418   3.18994   -9.55150  1.000 27.28811 ? 3   DC  A "O4'"  1 
ATOM   71  C  "C3'"  . DC  A 1 3  ? 2.07066   1.71695   -9.05042  1.000 28.88040 ? 3   DC  A "C3'"  1 
ATOM   72  O  "O3'"  . DC  A 1 3  ? 3.20200   1.04507   -9.60001  1.000 30.39111 ? 3   DC  A "O3'"  1 
ATOM   73  C  "C2'"  . DC  A 1 3  ? 2.42466   3.07132   -8.44807  1.000 28.31191 ? 3   DC  A "C2'"  1 
ATOM   74  C  "C1'"  . DC  A 1 3  ? 1.12372   3.86561   -8.59039  1.000 27.71974 ? 3   DC  A "C1'"  1 
ATOM   75  N  N1     . DC  A 1 3  ? 0.35727   3.97593   -7.31625  1.000 27.37759 ? 3   DC  A N1     1 
ATOM   76  C  C2     . DC  A 1 3  ? 0.62067   5.03257   -6.43917  1.000 27.11966 ? 3   DC  A C2     1 
ATOM   77  O  O2     . DC  A 1 3  ? 1.48479   5.86594   -6.73969  1.000 27.15125 ? 3   DC  A O2     1 
ATOM   78  N  N3     . DC  A 1 3  ? -0.08181  5.11762   -5.28360  1.000 26.85384 ? 3   DC  A N3     1 
ATOM   79  C  C4     . DC  A 1 3  ? -1.00494  4.19903   -4.99439  1.000 26.56170 ? 3   DC  A C4     1 
ATOM   80  N  N4     . DC  A 1 3  ? -1.67198  4.32418   -3.84387  1.000 26.32483 ? 3   DC  A N4     1 
ATOM   81  C  C5     . DC  A 1 3  ? -1.28463  3.11299   -5.87349  1.000 26.81963 ? 3   DC  A C5     1 
ATOM   82  C  C6     . DC  A 1 3  ? -0.58472  3.03929   -7.00926  1.000 27.10387 ? 3   DC  A C6     1 
ATOM   83  H  "H5'"  . DC  A 1 3  ? -0.44238  1.34203   -11.27314 1.000 32.65379 ? 3   DC  A "H5'"  1 
ATOM   84  H  "H5''" . DC  A 1 3  ? 0.66463   0.26401   -10.94069 1.000 32.65379 ? 3   DC  A "H5''" 1 
ATOM   85  H  "H4'"  . DC  A 1 3  ? 1.57207   2.43459   -10.90266 1.000 33.43379 ? 3   DC  A "H4'"  1 
ATOM   86  H  "H3'"  . DC  A 1 3  ? 1.63553   1.15989   -8.38688  1.000 34.62379 ? 3   DC  A "H3'"  1 
ATOM   87  H  "H2'"  . DC  A 1 3  ? 2.66552   2.97902   -7.51504  1.000 33.93379 ? 3   DC  A "H2'"  1 
ATOM   88  H  "H2''" . DC  A 1 3  ? 3.14041   3.49281   -8.94872  1.000 33.93379 ? 3   DC  A "H2''" 1 
ATOM   89  H  "H1'"  . DC  A 1 3  ? 1.32889   4.75551   -8.91660  1.000 33.22379 ? 3   DC  A "H1'"  1 
ATOM   90  H  H41    . DC  A 1 3  ? -1.50045  4.98174   -3.31674  1.000 31.55379 ? 3   DC  A H41    1 
ATOM   91  H  H42    . DC  A 1 3  ? -2.27243  3.74773   -3.63036  1.000 31.55379 ? 3   DC  A H42    1 
ATOM   92  H  H5     . DC  A 1 3  ? -1.93008  2.47762   -5.66415  1.000 32.14379 ? 3   DC  A H5     1 
ATOM   93  H  H6     . DC  A 1 3  ? -0.74722  2.34173   -7.60274  1.000 32.48379 ? 3   DC  A H6     1 
ATOM   94  P  P      . DC  A 1 4  ? 3.84798   -0.21747  -8.84282  1.000 32.19133 ? 4   DC  A P      1 
ATOM   95  O  OP1    . DC  A 1 4  ? 4.46046   -1.08675  -9.87226  1.000 33.17039 ? 4   DC  A OP1    1 
ATOM   96  O  OP2    . DC  A 1 4  ? 2.83383   -0.77734  -7.92220  1.000 31.69127 ? 4   DC  A OP2    1 
ATOM   97  O  "O5'"  . DC  A 1 4  ? 5.01083   0.42023   -7.95018  1.000 31.29648 ? 4   DC  A "O5'"  1 
ATOM   98  C  "C5'"  . DC  A 1 4  ? 4.69715   1.03591   -6.71190  1.000 29.92526 ? 4   DC  A "C5'"  1 
ATOM   99  C  "C4'"  . DC  A 1 4  ? 5.57632   2.25109   -6.46850  1.000 28.91988 ? 4   DC  A "C4'"  1 
ATOM   100 O  "O4'"  . DC  A 1 4  ? 4.74628   3.44673   -6.41637  1.000 28.16453 ? 4   DC  A "O4'"  1 
ATOM   101 C  "C3'"  . DC  A 1 4  ? 6.35691   2.22106   -5.15721  1.000 27.97503 ? 4   DC  A "C3'"  1 
ATOM   102 O  "O3'"  . DC  A 1 4  ? 7.67066   1.71930   -5.36334  1.000 26.79331 ? 4   DC  A "O3'"  1 
ATOM   103 C  "C2'"  . DC  A 1 4  ? 6.35089   3.67885   -4.71688  1.000 28.09347 ? 4   DC  A "C2'"  1 
ATOM   104 C  "C1'"  . DC  A 1 4  ? 5.00676   4.17083   -5.23043  1.000 27.68026 ? 4   DC  A "C1'"  1 
ATOM   105 N  N1     . DC  A 1 4  ? 3.87955   3.94780   -4.27780  1.000 27.56445 ? 4   DC  A N1     1 
ATOM   106 C  C2     . DC  A 1 4  ? 3.83170   4.66525   -3.07894  1.000 27.45392 ? 4   DC  A C2     1 
ATOM   107 O  O2     . DC  A 1 4  ? 4.73198   5.47581   -2.82549  1.000 27.35390 ? 4   DC  A O2     1 
ATOM   108 N  N3     . DC  A 1 4  ? 2.79913   4.45081   -2.22496  1.000 27.21968 ? 4   DC  A N3     1 
ATOM   109 C  C4     . DC  A 1 4  ? 1.84873   3.56779   -2.53627  1.000 27.11703 ? 4   DC  A C4     1 
ATOM   110 N  N4     . DC  A 1 4  ? 0.84988   3.38949   -1.66491  1.000 26.95122 ? 4   DC  A N4     1 
ATOM   111 C  C5     . DC  A 1 4  ? 1.87965   2.82808   -3.75324  1.000 27.50918 ? 4   DC  A C5     1 
ATOM   112 C  C6     . DC  A 1 4  ? 2.90196   3.04811   -4.58611  1.000 27.67763 ? 4   DC  A C6     1 
ATOM   113 H  "H5'"  . DC  A 1 4  ? 4.83401   0.39600   -5.99604  1.000 35.87379 ? 4   DC  A "H5'"  1 
ATOM   114 H  "H5''" . DC  A 1 4  ? 3.76890   1.30913   -6.71999  1.000 35.87379 ? 4   DC  A "H5''" 1 
ATOM   115 H  "H4'"  . DC  A 1 4  ? 6.20320   2.33643   -7.20437  1.000 34.66379 ? 4   DC  A "H4'"  1 
ATOM   116 H  "H3'"  . DC  A 1 4  ? 5.88938   1.67598   -4.50473  1.000 33.53379 ? 4   DC  A "H3'"  1 
ATOM   117 H  "H2'"  . DC  A 1 4  ? 6.39618   3.74653   -3.75023  1.000 33.67379 ? 4   DC  A "H2'"  1 
ATOM   118 H  "H2''" . DC  A 1 4  ? 7.07827   4.16779   -5.13334  1.000 33.67379 ? 4   DC  A "H2''" 1 
ATOM   119 H  "H1'"  . DC  A 1 4  ? 5.06916   5.11574   -5.43869  1.000 33.17379 ? 4   DC  A "H1'"  1 
ATOM   120 H  H41    . DC  A 1 4  ? 0.82567   3.84891   -0.93858  1.000 32.30379 ? 4   DC  A H41    1 
ATOM   121 H  H42    . DC  A 1 4  ? 0.23098   2.81589   -1.83174  1.000 32.30379 ? 4   DC  A H42    1 
ATOM   122 H  H5     . DC  A 1 4  ? 1.21256   2.21444   -3.96131  1.000 32.97379 ? 4   DC  A H5     1 
ATOM   123 H  H6     . DC  A 1 4  ? 2.94674   2.58081   -5.38682  1.000 33.17379 ? 4   DC  A H6     1 
ATOM   124 P  P      . DC  A 1 5  ? 8.22360   0.51025   -4.46210  1.000 26.09849 ? 5   DC  A P      1 
ATOM   125 O  OP1    . DC  A 1 5  ? 9.48030   0.03217   -5.07581  1.000 26.81436 ? 5   DC  A OP1    1 
ATOM   126 O  OP2    . DC  A 1 5  ? 7.10498   -0.43112  -4.24110  1.000 27.69868 ? 5   DC  A OP2    1 
ATOM   127 O  "O5'"  . DC  A 1 5  ? 8.56930   1.20241   -3.06432  1.000 25.54053 ? 5   DC  A "O5'"  1 
ATOM   128 C  "C5'"  . DC  A 1 5  ? 9.60823   2.16185   -2.99206  1.000 24.74570 ? 5   DC  A "C5'"  1 
ATOM   129 C  "C4'"  . DC  A 1 5  ? 9.60310   2.87559   -1.65371  1.000 24.07983 ? 5   DC  A "C4'"  1 
ATOM   130 O  "O4'"  . DC  A 1 5  ? 8.43645   3.73427   -1.55630  1.000 23.51660 ? 5   DC  A "O4'"  1 
ATOM   131 C  "C3'"  . DC  A 1 5  ? 9.50450   1.97478   -0.43831  1.000 23.72715 ? 5   DC  A "C3'"  1 
ATOM   132 O  "O3'"  . DC  A 1 5  ? 10.76438  1.42273   -0.08800  1.000 23.50081 ? 5   DC  A "O3'"  1 
ATOM   133 C  "C2'"  . DC  A 1 5  ? 8.96776   2.93557   0.60706   1.000 23.29289 ? 5   DC  A "C2'"  1 
ATOM   134 C  "C1'"  . DC  A 1 5  ? 7.98791   3.77646   -0.20659  1.000 22.79809 ? 5   DC  A "C1'"  1 
ATOM   135 N  N1     . DC  A 1 5  ? 6.59083   3.27183   -0.14348  1.000 22.15854 ? 5   DC  A N1     1 
ATOM   136 C  C2     . DC  A 1 5  ? 5.77157   3.64520   0.92565   1.000 21.92167 ? 5   DC  A C2     1 
ATOM   137 O  O2     . DC  A 1 5  ? 6.22181   4.40056   1.79504   1.000 22.02432 ? 5   DC  A O2     1 
ATOM   138 N  N3     . DC  A 1 5  ? 4.50155   3.17205   0.97628   1.000 21.98747 ? 5   DC  A N3     1 
ATOM   139 C  C4     . DC  A 1 5  ? 4.05355   2.35929   0.01934   1.000 21.15579 ? 5   DC  A C4     1 
ATOM   140 N  N4     . DC  A 1 5  ? 2.79499   1.91631   0.11231   1.000 20.85839 ? 5   DC  A N4     1 
ATOM   141 C  C5     . DC  A 1 5  ? 4.87572   1.96304   -1.07568  1.000 21.42951 ? 5   DC  A C5     1 
ATOM   142 C  C6     . DC  A 1 5  ? 6.12596   2.43654   -1.11554  1.000 21.74534 ? 5   DC  A C6     1 
ATOM   143 H  "H5'"  . DC  A 1 5  ? 9.48843   2.81392   -3.70077  1.000 29.65379 ? 5   DC  A "H5'"  1 
ATOM   144 H  "H5''" . DC  A 1 5  ? 10.46096  1.71605   -3.11131  1.000 29.65379 ? 5   DC  A "H5''" 1 
ATOM   145 H  "H4'"  . DC  A 1 5  ? 10.40288  3.41916   -1.58151  1.000 28.85379 ? 5   DC  A "H4'"  1 
ATOM   146 H  "H3'"  . DC  A 1 5  ? 8.86189   1.26612   -0.60048  1.000 28.43379 ? 5   DC  A "H3'"  1 
ATOM   147 H  "H2'"  . DC  A 1 5  ? 8.50807   2.45696   1.31291   1.000 27.91379 ? 5   DC  A "H2'"  1 
ATOM   148 H  "H2''" . DC  A 1 5  ? 9.67940   3.48626   0.96700   1.000 27.91379 ? 5   DC  A "H2''" 1 
ATOM   149 H  "H1'"  . DC  A 1 5  ? 8.01148   4.69232   0.10977   1.000 27.31379 ? 5   DC  A "H1'"  1 
ATOM   150 H  H41    . DC  A 1 5  ? 2.47851   1.39067   -0.49041  1.000 24.99379 ? 5   DC  A H41    1 
ATOM   151 H  H42    . DC  A 1 5  ? 2.30170   2.15707   0.77474   1.000 24.99379 ? 5   DC  A H42    1 
ATOM   152 H  H5     . DC  A 1 5  ? 4.55437   1.39618   -1.73859  1.000 25.67379 ? 5   DC  A H5     1 
ATOM   153 H  H6     . DC  A 1 5  ? 6.68526   2.19451   -1.81776  1.000 26.05379 ? 5   DC  A H6     1 
ATOM   154 P  P      . DG  A 1 6  ? 10.83044  0.00087   0.65545   1.000 23.76926 ? 6   DG  A P      1 
ATOM   155 O  OP1    . DG  A 1 6  ? 12.25532  -0.38842  0.74835   1.000 24.31407 ? 6   DG  A OP1    1 
ATOM   156 O  OP2    . DG  A 1 6  ? 9.86426   -0.90261  -0.00654  1.000 23.30079 ? 6   DG  A OP2    1 
ATOM   157 O  "O5'"  . DG  A 1 6  ? 10.28617  0.31345   2.12594   1.000 23.39290 ? 6   DG  A "O5'"  1 
ATOM   158 C  "C5'"  . DG  A 1 6  ? 11.07640  1.08215   3.01659   1.000 23.10339 ? 6   DG  A "C5'"  1 
ATOM   159 C  "C4'"  . DG  A 1 6  ? 10.30692  1.44615   4.27379   1.000 22.77177 ? 6   DG  A "C4'"  1 
ATOM   160 O  "O4'"  . DG  A 1 6  ? 9.11122   2.19958   3.93211   1.000 22.03484 ? 6   DG  A "O4'"  1 
ATOM   161 C  "C3'"  . DG  A 1 6  ? 9.77860   0.27818   5.08449   1.000 23.07971 ? 6   DG  A "C3'"  1 
ATOM   162 O  "O3'"  . DG  A 1 6  ? 10.80121  -0.32741  5.87304   1.000 24.34828 ? 6   DG  A "O3'"  1 
ATOM   163 C  "C2'"  . DG  A 1 6  ? 8.70914   0.96800   5.90740   1.000 22.24013 ? 6   DG  A "C2'"  1 
ATOM   164 C  "C1'"  . DG  A 1 6  ? 8.08366   1.89523   4.87196   1.000 21.86904 ? 6   DG  A "C1'"  1 
ATOM   165 N  N9     . DG  A 1 6  ? 6.96158   1.28684   4.16768   1.000 21.73744 ? 6   DG  A N9     1 
ATOM   166 C  C8     . DG  A 1 6  ? 6.95469   0.78855   2.88642   1.000 20.76364 ? 6   DG  A C8     1 
ATOM   167 N  N7     . DG  A 1 6  ? 5.80360   0.28834   2.53249   1.000 20.63731 ? 6   DG  A N7     1 
ATOM   168 C  C5     . DG  A 1 6  ? 5.00039   0.45826   3.65365   1.000 20.89523 ? 6   DG  A C5     1 
ATOM   169 C  C6     . DG  A 1 6  ? 3.64664   0.10755   3.86575   1.000 20.64520 ? 6   DG  A C6     1 
ATOM   170 O  O6     . DG  A 1 6  ? 2.86361   -0.44096  3.07881   1.000 19.73983 ? 6   DG  A O6     1 
ATOM   171 N  N1     . DG  A 1 6  ? 3.21977   0.45475   5.14546   1.000 21.90325 ? 6   DG  A N1     1 
ATOM   172 C  C2     . DG  A 1 6  ? 4.00111   1.06332   6.09784   1.000 21.36371 ? 6   DG  A C2     1 
ATOM   173 N  N2     . DG  A 1 6  ? 3.41181   1.32280   7.27414   1.000 20.61625 ? 6   DG  A N2     1 
ATOM   174 N  N3     . DG  A 1 6  ? 5.27063   1.39835   5.91026   1.000 21.37161 ? 6   DG  A N3     1 
ATOM   175 C  C4     . DG  A 1 6  ? 5.70100   1.06622   4.66900   1.000 21.45056 ? 6   DG  A C4     1 
ATOM   176 H  "H5'"  . DG  A 1 6  ? 11.35557  1.89666   2.56914   1.000 27.68379 ? 6   DG  A "H5'"  1 
ATOM   177 H  "H5''" . DG  A 1 6  ? 11.86330  0.57115   3.26353   1.000 27.68379 ? 6   DG  A "H5''" 1 
ATOM   178 H  "H4'"  . DG  A 1 6  ? 10.87081  1.99221   4.84013   1.000 27.28379 ? 6   DG  A "H4'"  1 
ATOM   179 H  "H3'"  . DG  A 1 6  ? 9.37412   -0.37766  4.49673   1.000 27.65379 ? 6   DG  A "H3'"  1 
ATOM   180 H  "H2'"  . DG  A 1 6  ? 8.05904   0.32799   6.23792   1.000 26.64379 ? 6   DG  A "H2'"  1 
ATOM   181 H  "H2''" . DG  A 1 6  ? 9.10384   1.47569   6.63431   1.000 26.64379 ? 6   DG  A "H2''" 1 
ATOM   182 H  "H1'"  . DG  A 1 6  ? 7.78958   2.71190   5.30454   1.000 26.20379 ? 6   DG  A "H1'"  1 
ATOM   183 H  H8     . DG  A 1 6  ? 7.69549   0.81314   2.32448   1.000 24.88379 ? 6   DG  A H8     1 
ATOM   184 H  H1     . DG  A 1 6  ? 2.40513   0.27515   5.35501   1.000 26.24379 ? 6   DG  A H1     1 
ATOM   185 H  H21    . DG  A 1 6  ? 2.58803   1.11088   7.39825   1.000 24.70379 ? 6   DG  A H21    1 
ATOM   186 H  H22    . DG  A 1 6  ? 3.85863   1.70102   7.90410   1.000 24.70379 ? 6   DG  A H22    1 
ATOM   187 P  P      . DG  A 1 7  ? 11.01343  -1.92165  5.83417   1.000 24.87466 ? 7   DG  A P      1 
ATOM   188 O  OP1    . DG  A 1 7  ? 12.41519  -2.19928  6.21805   1.000 26.26693 ? 7   DG  A OP1    1 
ATOM   189 O  OP2    . DG  A 1 7  ? 10.49707  -2.41934  4.54128   1.000 24.06667 ? 7   DG  A OP2    1 
ATOM   190 O  "O5'"  . DG  A 1 7  ? 10.04365  -2.46329  6.98025   1.000 24.88255 ? 7   DG  A "O5'"  1 
ATOM   191 C  "C5'"  . DG  A 1 7  ? 8.66236   -2.62343  6.71660   1.000 24.43513 ? 7   DG  A "C5'"  1 
ATOM   192 C  "C4'"  . DG  A 1 7  ? 7.83972   -2.44271  7.98067   1.000 24.01666 ? 7   DG  A "C4'"  1 
ATOM   193 O  "O4'"  . DG  A 1 7  ? 6.81862   -1.44024  7.73797   1.000 22.92179 ? 7   DG  A "O4'"  1 
ATOM   194 C  "C3'"  . DG  A 1 7  ? 7.10148   -3.69658  8.45665   1.000 23.68241 ? 7   DG  A "C3'"  1 
ATOM   195 O  "O3'"  . DG  A 1 7  ? 7.79733   -4.31530  9.53502   1.000 23.46659 ? 7   DG  A "O3'"  1 
ATOM   196 C  "C2'"  . DG  A 1 7  ? 5.73486   -3.17276  8.87425   1.000 22.86389 ? 7   DG  A "C2'"  1 
ATOM   197 C  "C1'"  . DG  A 1 7  ? 5.53723   -1.99445  7.94016   1.000 22.55070 ? 7   DG  A "C1'"  1 
ATOM   198 N  N9     . DG  A 1 7  ? 4.97215   -2.36048  6.64426   1.000 21.66638 ? 7   DG  A N9     1 
ATOM   199 C  C8     . DG  A 1 7  ? 5.63681   -2.45752  5.44543   1.000 21.00051 ? 7   DG  A C8     1 
ATOM   200 N  N7     . DG  A 1 7  ? 4.86766   -2.81466  4.45456   1.000 20.68205 ? 7   DG  A N7     1 
ATOM   201 C  C5     . DG  A 1 7  ? 3.61701   -2.97067  5.03583   1.000 20.74522 ? 7   DG  A C5     1 
ATOM   202 C  C6     . DG  A 1 7  ? 2.38334   -3.34698  4.45586   1.000 20.71100 ? 7   DG  A C6     1 
ATOM   203 O  O6     . DG  A 1 7  ? 2.14560   -3.63084  3.27400   1.000 20.07145 ? 7   DG  A O6     1 
ATOM   204 N  N1     . DG  A 1 7  ? 1.36165   -3.38381  5.40128   1.000 20.83996 ? 7   DG  A N1     1 
ATOM   205 C  C2     . DG  A 1 7  ? 1.51525   -3.09209  6.73630   1.000 20.23989 ? 7   DG  A C2     1 
ATOM   206 N  N2     . DG  A 1 7  ? 0.41699   -3.18432  7.49601   1.000 20.23726 ? 7   DG  A N2     1 
ATOM   207 N  N3     . DG  A 1 7  ? 2.66397   -2.73690  7.28911   1.000 19.98197 ? 7   DG  A N3     1 
ATOM   208 C  C4     . DG  A 1 7  ? 3.66752   -2.69771  6.38238   1.000 20.99525 ? 7   DG  A C4     1 
ATOM   209 H  "H5'"  . DG  A 1 7  ? 8.50790   -3.51129  6.35856   1.000 29.28379 ? 7   DG  A "H5'"  1 
ATOM   210 H  "H5''" . DG  A 1 7  ? 8.38762   -1.96409  6.06118   1.000 29.28379 ? 7   DG  A "H5''" 1 
ATOM   211 H  "H4'"  . DG  A 1 7  ? 8.42146   -2.13205  8.69186   1.000 28.78379 ? 7   DG  A "H4'"  1 
ATOM   212 H  "H3'"  . DG  A 1 7  ? 7.00361   -4.32256  7.72252   1.000 28.38379 ? 7   DG  A "H3'"  1 
ATOM   213 H  "H2'"  . DG  A 1 7  ? 5.04995   -3.84402  8.73060   1.000 27.39379 ? 7   DG  A "H2'"  1 
ATOM   214 H  "H2''" . DG  A 1 7  ? 5.74591   -2.88084  9.79943   1.000 27.39379 ? 7   DG  A "H2''" 1 
ATOM   215 H  "H1'"  . DG  A 1 7  ? 4.96608   -1.33678  8.36737   1.000 27.02379 ? 7   DG  A "H1'"  1 
ATOM   216 H  H8     . DG  A 1 7  ? 6.54268   -2.27908  5.34831   1.000 25.16379 ? 7   DG  A H8     1 
ATOM   217 H  H1     . DG  A 1 7  ? 0.57741   -3.60688  5.13071   1.000 24.97379 ? 7   DG  A H1     1 
ATOM   218 H  H21    . DG  A 1 7  ? 0.39651   -2.80910  8.27025   1.000 24.24379 ? 7   DG  A H21    1 
ATOM   219 H  H22    . DG  A 1 7  ? -0.26784  -3.61831  7.21037   1.000 24.24379 ? 7   DG  A H22    1 
ATOM   220 P  P      . DG  A 1 8  ? 7.93991   -5.91367  9.59711   1.000 22.87968 ? 8   DG  A P      1 
ATOM   221 O  OP1    . DG  A 1 8  ? 8.85615   -6.23479  10.71643  1.000 23.22446 ? 8   DG  A OP1    1 
ATOM   222 O  OP2    . DG  A 1 8  ? 8.24097   -6.39519  8.23289   1.000 22.70861 ? 8   DG  A OP2    1 
ATOM   223 O  "O5'"  . DG  A 1 8  ? 6.47235   -6.41082  9.98516   1.000 23.09023 ? 8   DG  A "O5'"  1 
ATOM   224 C  "C5'"  . DG  A 1 8  ? 5.61284   -6.94978  8.98823   1.000 23.30605 ? 8   DG  A "C5'"  1 
ATOM   225 C  "C4'"  . DG  A 1 8  ? 4.16456   -6.90183  9.43774   1.000 22.94548 ? 8   DG  A "C4'"  1 
ATOM   226 O  "O4'"  . DG  A 1 8  ? 3.47882   -5.82473  8.74289   1.000 22.41647 ? 8   DG  A "O4'"  1 
ATOM   227 C  "C3'"  . DG  A 1 8  ? 3.34634   -8.15270  9.13749   1.000 23.09550 ? 8   DG  A "C3'"  1 
ATOM   228 O  "O3'"  . DG  A 1 8  ? 3.44632   -9.10335  10.19256  1.000 23.33237 ? 8   DG  A "O3'"  1 
ATOM   229 C  "C2'"  . DG  A 1 8  ? 1.94348   -7.58948  8.98554   1.000 22.89284 ? 8   DG  A "C2'"  1 
ATOM   230 C  "C1'"  . DG  A 1 8  ? 2.20862   -6.26404  8.29078   1.000 22.39015 ? 8   DG  A "C1'"  1 
ATOM   231 N  N9     . DG  A 1 8  ? 2.24175   -6.36742  6.83650   1.000 22.07169 ? 8   DG  A N9     1 
ATOM   232 C  C8     . DG  A 1 8  ? 3.35286   -6.34583  6.02971   1.000 21.64532 ? 8   DG  A C8     1 
ATOM   233 N  N7     . DG  A 1 8  ? 3.07657   -6.46457  4.76198   1.000 21.87167 ? 8   DG  A N7     1 
ATOM   234 C  C5     . DG  A 1 8  ? 1.69254   -6.57749  4.72490   1.000 21.65059 ? 8   DG  A C5     1 
ATOM   235 C  C6     . DG  A 1 8  ? 0.82080   -6.72968  3.62309   1.000 22.05853 ? 8   DG  A C6     1 
ATOM   236 O  O6     . DG  A 1 8  ? 1.10839   -6.79857  2.42045   1.000 21.83482 ? 8   DG  A O6     1 
ATOM   237 N  N1     . DG  A 1 8  ? -0.51001  -6.80438  4.02666   1.000 22.17960 ? 8   DG  A N1     1 
ATOM   238 C  C2     . DG  A 1 8  ? -0.94130  -6.74076  5.33080   1.000 22.41647 ? 8   DG  A C2     1 
ATOM   239 N  N2     . DG  A 1 8  ? -2.26558  -6.82895  5.52349   1.000 23.02444 ? 8   DG  A N2     1 
ATOM   240 N  N3     . DG  A 1 8  ? -0.13470  -6.59754  6.37237   1.000 22.21645 ? 8   DG  A N3     1 
ATOM   241 C  C4     . DG  A 1 8  ? 1.16497   -6.52194  5.99554   1.000 21.79271 ? 8   DG  A C4     1 
ATOM   242 H  "H5'"  . DG  A 1 8  ? 5.86294   -7.87155  8.81609   1.000 27.92379 ? 8   DG  A "H5'"  1 
ATOM   243 H  "H5''" . DG  A 1 8  ? 5.70992   -6.43548  8.17154   1.000 27.92379 ? 8   DG  A "H5''" 1 
ATOM   244 H  "H4'"  . DG  A 1 8  ? 4.13666   -6.72849  10.39210  1.000 27.49379 ? 8   DG  A "H4'"  1 
ATOM   245 H  "H3'"  . DG  A 1 8  ? 3.63843   -8.54817  8.30202   1.000 27.67379 ? 8   DG  A "H3'"  1 
ATOM   246 H  "H2'"  . DG  A 1 8  ? 1.39741   -8.16586  8.43122   1.000 27.43379 ? 8   DG  A "H2'"  1 
ATOM   247 H  "H2''" . DG  A 1 8  ? 1.53212   -7.44879  9.85241   1.000 27.43379 ? 8   DG  A "H2''" 1 
ATOM   248 H  "H1'"  . DG  A 1 8  ? 1.53256   -5.62023  8.55325   1.000 26.83379 ? 8   DG  A "H1'"  1 
ATOM   249 H  H8     . DG  A 1 8  ? 4.21806   -6.25141  6.35621   1.000 25.93379 ? 8   DG  A H8     1 
ATOM   250 H  H1     . DG  A 1 8  ? -1.10486  -6.89928  3.41546   1.000 26.57379 ? 8   DG  A H1     1 
ATOM   251 H  H21    . DG  A 1 8  ? -2.79306  -6.91820  4.85035   1.000 27.59379 ? 8   DG  A H21    1 
ATOM   252 H  H22    . DG  A 1 8  ? -2.58726  -6.79619  6.32047   1.000 27.59379 ? 8   DG  A H22    1 
ATOM   253 P  P      . DA  A 1 9  ? 3.39017   -10.67417 9.86668   1.000 22.93758 ? 9   DA  A P      1 
ATOM   254 O  OP1    . DA  A 1 9  ? 3.70103   -11.39556 11.11773  1.000 23.47975 ? 9   DA  A OP1    1 
ATOM   255 O  OP2    . DA  A 1 9  ? 4.20699   -10.92055 8.66006   1.000 22.20855 ? 9   DA  A OP2    1 
ATOM   256 O  "O5'"  . DA  A 1 9  ? 1.85985   -10.92845 9.48038   1.000 22.53227 ? 9   DA  A "O5'"  1 
ATOM   257 C  "C5'"  . DA  A 1 9  ? 0.82898   -10.62115 10.41076  1.000 22.75598 ? 9   DA  A "C5'"  1 
ATOM   258 C  "C4'"  . DA  A 1 9  ? -0.54192  -10.88434 9.81563   1.000 22.96917 ? 9   DA  A "C4'"  1 
ATOM   259 O  "O4'"  . DA  A 1 9  ? -0.84742  -9.85909  8.83353   1.000 23.24288 ? 9   DA  A "O4'"  1 
ATOM   260 C  "C3'"  . DA  A 1 9  ? -0.67948  -12.20672 9.07339   1.000 23.23236 ? 9   DA  A "C3'"  1 
ATOM   261 O  "O3'"  . DA  A 1 9  ? -1.06869  -13.25691 9.95314   1.000 23.03233 ? 9   DA  A "O3'"  1 
ATOM   262 C  "C2'"  . DA  A 1 9  ? -1.74612  -11.89495 8.03624   1.000 23.34026 ? 9   DA  A "C2'"  1 
ATOM   263 C  "C1'"  . DA  A 1 9  ? -1.46195  -10.43896 7.69432   1.000 23.03760 ? 9   DA  A "C1'"  1 
ATOM   264 N  N9     . DA  A 1 9  ? -0.57056  -10.27622 6.55267   1.000 22.91653 ? 9   DA  A N9     1 
ATOM   265 C  C8     . DA  A 1 9  ? 0.77576   -10.04810 6.58206   1.000 22.91127 ? 9   DA  A C8     1 
ATOM   266 N  N7     . DA  A 1 9  ? 1.32127   -9.94625  5.39355   1.000 22.85863 ? 9   DA  A N7     1 
ATOM   267 C  C5     . DA  A 1 9  ? 0.25843   -10.12334 4.52654   1.000 23.03760 ? 9   DA  A C5     1 
ATOM   268 C  C6     . DA  A 1 9  ? 0.16911   -10.12664 3.12262   1.000 23.06128 ? 9   DA  A C6     1 
ATOM   269 N  N6     . DA  A 1 9  ? 1.21978   -9.93997  2.31536   1.000 23.00865 ? 9   DA  A N6     1 
ATOM   270 N  N1     . DA  A 1 9  ? -1.04333  -10.33647 2.57801   1.000 22.86652 ? 9   DA  A N1     1 
ATOM   271 C  C2     . DA  A 1 9  ? -2.09441  -10.51991 3.38256   1.000 22.35067 ? 9   DA  A C2     1 
ATOM   272 N  N3     . DA  A 1 9  ? -2.13631  -10.53541 4.71080   1.000 22.38225 ? 9   DA  A N3     1 
ATOM   273 C  C4     . DA  A 1 9  ? -0.91524  -10.32927 5.22614   1.000 22.86389 ? 9   DA  A C4     1 
ATOM   274 H  "H5'"  . DA  A 1 9  ? 0.89333   -9.68540  10.65923  1.000 27.27379 ? 9   DA  A "H5'"  1 
ATOM   275 H  "H5''" . DA  A 1 9  ? 0.94258   -11.16906 11.20294  1.000 27.27379 ? 9   DA  A "H5''" 1 
ATOM   276 H  "H4'"  . DA  A 1 9  ? -1.20450  -10.85003 10.52374  1.000 27.52379 ? 9   DA  A "H4'"  1 
ATOM   277 H  "H3'"  . DA  A 1 9  ? 0.15575   -12.43028 8.63437   1.000 27.84379 ? 9   DA  A "H3'"  1 
ATOM   278 H  "H2'"  . DA  A 1 9  ? -1.63989  -12.45911 7.25416   1.000 27.96379 ? 9   DA  A "H2'"  1 
ATOM   279 H  "H2''" . DA  A 1 9  ? -2.63322  -11.99234 8.41581   1.000 27.96379 ? 9   DA  A "H2''" 1 
ATOM   280 H  "H1'"  . DA  A 1 9  ? -2.29920  -9.98274  7.51565   1.000 27.60379 ? 9   DA  A "H1'"  1 
ATOM   281 H  H8     . DA  A 1 9  ? 1.26065   -9.96932  7.37217   1.000 27.45379 ? 9   DA  A H8     1 
ATOM   282 H  H61    . DA  A 1 9  ? 2.00020   -9.80447  2.64975   1.000 27.57379 ? 9   DA  A H61    1 
ATOM   283 H  H62    . DA  A 1 9  ? 1.11424   -9.95512  1.46163   1.000 27.57379 ? 9   DA  A H62    1 
ATOM   284 H  H2     . DA  A 1 9  ? -2.90819  -10.65707 2.95355   1.000 26.78379 ? 9   DA  A H2     1 
ATOM   285 P  P      . DC  A 1 10 ? -0.58587  -14.76189 9.66945   1.000 22.48753 ? 10  DC  A P      1 
ATOM   286 O  OP1    . DC  A 1 10 ? -1.24494  -15.63235 10.66726  1.000 22.68755 ? 10  DC  A OP1    1 
ATOM   287 O  OP2    . DC  A 1 10 ? 0.88885   -14.75016 9.56125   1.000 22.36646 ? 10  DC  A OP2    1 
ATOM   288 O  "O5'"  . DC  A 1 10 ? -1.18506  -15.09590 8.22340   1.000 23.51923 ? 10  DC  A "O5'"  1 
ATOM   289 C  "C5'"  . DC  A 1 10 ? -2.59096  -15.22185 8.05063   1.000 23.35079 ? 10  DC  A "C5'"  1 
ATOM   290 C  "C4'"  . DC  A 1 10 ? -2.94645  -15.49150 6.59868   1.000 22.89284 ? 10  DC  A "C4'"  1 
ATOM   291 O  "O4'"  . DC  A 1 10 ? -2.65120  -14.32561 5.79027   1.000 22.78230 ? 10  DC  A "O4'"  1 
ATOM   292 C  "C3'"  . DC  A 1 10 ? -2.16868  -16.60906 5.93156   1.000 23.55082 ? 10  DC  A "C3'"  1 
ATOM   293 O  "O3'"  . DC  A 1 10 ? -2.70602  -17.88113 6.25806   1.000 23.63767 ? 10  DC  A "O3'"  1 
ATOM   294 C  "C2'"  . DC  A 1 10 ? -2.33227  -16.26607 4.45972   1.000 23.83506 ? 10  DC  A "C2'"  1 
ATOM   295 C  "C1'"  . DC  A 1 10 ? -2.32885  -14.73594 4.46756   1.000 23.00601 ? 10  DC  A "C1'"  1 
ATOM   296 N  N1     . DC  A 1 10 ? -1.01347  -14.15356 4.08788   1.000 22.71651 ? 10  DC  A N1     1 
ATOM   297 C  C2     . DC  A 1 10 ? -0.79370  -13.73684 2.76983   1.000 22.32435 ? 10  DC  A C2     1 
ATOM   298 O  O2     . DC  A 1 10 ? -1.70534  -13.84848 1.94084   1.000 22.15854 ? 10  DC  A O2     1 
ATOM   299 N  N3     . DC  A 1 10 ? 0.41363   -13.21643 2.43972   1.000 22.28224 ? 10  DC  A N3     1 
ATOM   300 C  C4     . DC  A 1 10 ? 1.37181   -13.11521 3.36168   1.000 22.39015 ? 10  DC  A C4     1 
ATOM   301 N  N4     . DC  A 1 10 ? 2.54524   -12.59456 2.98867   1.000 22.62702 ? 10  DC  A N4     1 
ATOM   302 C  C5     . DC  A 1 10 ? 1.16817   -13.53877 4.70895   1.000 22.27961 ? 10  DC  A C5     1 
ATOM   303 C  C6     . DC  A 1 10 ? -0.02627  -14.05006 5.02258   1.000 22.51911 ? 10  DC  A C6     1 
ATOM   304 H  "H5'"  . DC  A 1 10 ? -3.02070  -14.39967 8.33549   1.000 27.98379 ? 10  DC  A "H5'"  1 
ATOM   305 H  "H5''" . DC  A 1 10 ? -2.91312  -15.95494 8.59790   1.000 27.98379 ? 10  DC  A "H5''" 1 
ATOM   306 H  "H4'"  . DC  A 1 10 ? -3.89449  -15.68594 6.53678   1.000 27.43379 ? 10  DC  A "H4'"  1 
ATOM   307 H  "H3'"  . DC  A 1 10 ? -1.23272  -16.56309 6.18416   1.000 28.22379 ? 10  DC  A "H3'"  1 
ATOM   308 H  "HO3'" . DC  A 1 10 ? -3.02915  -18.36809 5.65493   1.000 28.32379 ? 10  DC  A "HO3'" 1 
ATOM   309 H  "H2'"  . DC  A 1 10 ? -1.58607  -16.60833 3.94231   1.000 28.56379 ? 10  DC  A "H2'"  1 
ATOM   310 H  "H2''" . DC  A 1 10 ? -3.17486  -16.60561 4.11912   1.000 28.56379 ? 10  DC  A "H2''" 1 
ATOM   311 H  "H1'"  . DC  A 1 10 ? -3.01026  -14.41157 3.85850   1.000 27.56379 ? 10  DC  A "H1'"  1 
ATOM   312 H  H41    . DC  A 1 10 ? 2.66285   -12.33776 2.17622   1.000 27.11379 ? 10  DC  A H41    1 
ATOM   313 H  H42    . DC  A 1 10 ? 3.18248   -12.51661 3.56077   1.000 27.11379 ? 10  DC  A H42    1 
ATOM   314 H  H5     . DC  A 1 10 ? 1.84193   -13.46204 5.34522   1.000 26.69379 ? 10  DC  A H5     1 
ATOM   315 H  H6     . DC  A 1 10 ? -0.18810  -14.33499 5.89288   1.000 26.98379 ? 10  DC  A H6     1 
ATOM   316 O  "O5'"  . DG  B 1 1  ? 2.30740   -11.45982 -7.71483  1.000 28.91462 ? 1   DG  B "O5'"  1 
ATOM   317 C  "C5'"  . DG  B 1 1  ? 1.25363   -10.50088 -7.61543  1.000 27.66973 ? 1   DG  B "C5'"  1 
ATOM   318 C  "C4'"  . DG  B 1 1  ? -0.10540  -11.16142 -7.57072  1.000 26.20377 ? 1   DG  B "C4'"  1 
ATOM   319 O  "O4'"  . DG  B 1 1  ? 0.01397   -12.37876 -6.78269  1.000 25.71160 ? 1   DG  B "O4'"  1 
ATOM   320 C  "C3'"  . DG  B 1 1  ? -1.09374  -10.26887 -6.83811  1.000 25.63528 ? 1   DG  B "C3'"  1 
ATOM   321 O  "O3'"  . DG  B 1 1  ? -2.15146  -9.64162  -7.57053  1.000 25.98532 ? 1   DG  B "O3'"  1 
ATOM   322 C  "C2'"  . DG  B 1 1  ? -1.77307  -11.21416 -5.84468  1.000 25.50368 ? 1   DG  B "C2'"  1 
ATOM   323 C  "C1'"  . DG  B 1 1  ? -0.75176  -12.30276 -5.61073  1.000 25.35366 ? 1   DG  B "C1'"  1 
ATOM   324 N  N9     . DG  B 1 1  ? 0.16770   -12.08604 -4.49995  1.000 24.77465 ? 1   DG  B N9     1 
ATOM   325 C  C8     . DG  B 1 1  ? 1.49842   -11.77930 -4.58304  1.000 24.73254 ? 1   DG  B C8     1 
ATOM   326 N  N7     . DG  B 1 1  ? 2.07079   -11.66080 -3.41935  1.000 24.39039 ? 1   DG  B N7     1 
ATOM   327 C  C5     . DG  B 1 1  ? 1.07821   -11.99876 -2.51930  1.000 24.20353 ? 1   DG  B C5     1 
ATOM   328 C  C6     . DG  B 1 1  ? 1.10379   -12.04305 -1.10949  1.000 23.95613 ? 1   DG  B C6     1 
ATOM   329 O  O6     . DG  B 1 1  ? 2.04831   -11.83788 -0.35668  1.000 25.53790 ? 1   DG  B O6     1 
ATOM   330 N  N1     . DG  B 1 1  ? -0.12190  -12.41351 -0.59048  1.000 23.04023 ? 1   DG  B N1     1 
ATOM   331 C  C2     . DG  B 1 1  ? -1.24360  -12.67743 -1.33036  1.000 23.36921 ? 1   DG  B C2     1 
ATOM   332 N  N2     . DG  B 1 1  ? -2.34556  -12.99291 -0.65865  1.000 23.81927 ? 1   DG  B N2     1 
ATOM   333 N  N3     . DG  B 1 1  ? -1.29170  -12.59651 -2.64375  1.000 23.73242 ? 1   DG  B N3     1 
ATOM   334 C  C4     . DG  B 1 1  ? -0.09819  -12.28025 -3.17242  1.000 24.10351 ? 1   DG  B C4     1 
ATOM   335 H  "H5'"  . DG  B 1 1  ? 1.29176   -9.90942  -8.38362  1.000 27.66379 ? 1   DG  B "H5'"  1 
ATOM   336 H  "H5''" . DG  B 1 1  ? 1.38127   -9.97888  -6.80817  1.000 27.66379 ? 1   DG  B "H5''" 1 
ATOM   337 H  "H4'"  . DG  B 1 1  ? -0.42067  -11.36166 -8.46550  1.000 26.20379 ? 1   DG  B "H4'"  1 
ATOM   338 H  "H3'"  . DG  B 1 1  ? -0.60801  -9.59054  -6.34517  1.000 25.63379 ? 1   DG  B "H3'"  1 
ATOM   339 H  "H2'"  . DG  B 1 1  ? -1.97026  -10.75386 -5.01912  1.000 25.50379 ? 1   DG  B "H2'"  1 
ATOM   340 H  "H2''" . DG  B 1 1  ? -2.58186  -11.58610 -6.22897  1.000 25.50379 ? 1   DG  B "H2''" 1 
ATOM   341 H  "H1'"  . DG  B 1 1  ? -1.21308  -13.14532 -5.47889  1.000 25.35379 ? 1   DG  B "H1'"  1 
ATOM   342 H  H8     . DG  B 1 1  ? 1.93195   -11.60031 -5.38570  1.000 24.73379 ? 1   DG  B H8     1 
ATOM   343 H  H1     . DG  B 1 1  ? -0.18835  -12.47297 0.26495   1.000 23.04379 ? 1   DG  B H1     1 
ATOM   344 H  H21    . DG  B 1 1  ? -3.07902  -13.14159 -1.08175  1.000 23.82379 ? 1   DG  B H21    1 
ATOM   345 H  H22    . DG  B 1 1  ? -2.32512  -13.04897 0.19922   1.000 23.82379 ? 1   DG  B H22    1 
ATOM   346 H  "HO5'" . DG  B 1 1  ? 2.16735   -12.26132 -7.50634  1.000 28.91379 ? 1   DG  B "HO5'" 1 
HETATM 347 SE SE1    . XCI B 1 2  ? -3.33043  -7.11972  -5.84630  1.000 27.75132 ? 2   XCI B SE1    1 
HETATM 348 C  "C1'"  . XCI B 1 2  ? -4.59406  -9.65464  -2.76932  1.000 24.91151 ? 2   XCI B "C1'"  1 
HETATM 349 C  C2     . XCI B 1 2  ? -3.07282  -9.67037  -0.87342  1.000 24.53251 ? 2   XCI B C2     1 
HETATM 350 C  "C2'"  . XCI B 1 2  ? -5.69534  -8.68889  -2.38460  1.000 24.65884 ? 2   XCI B "C2'"  1 
HETATM 351 C  "C3'"  . XCI B 1 2  ? -5.74129  -7.73424  -3.56680  1.000 25.31945 ? 2   XCI B "C3'"  1 
HETATM 352 C  C4     . XCI B 1 2  ? -0.70099  -9.07624  -1.16071  1.000 24.59305 ? 2   XCI B C4     1 
HETATM 353 C  "C4'"  . XCI B 1 2  ? -5.45563  -8.68515  -4.72263  1.000 26.03796 ? 2   XCI B "C4'"  1 
HETATM 354 C  C5     . XCI B 1 2  ? -0.96303  -8.84040  -2.56312  1.000 25.01941 ? 2   XCI B C5     1 
HETATM 355 C  "C5'"  . XCI B 1 2  ? -5.00393  -8.08604  -6.04043  1.000 26.70646 ? 2   XCI B "C5'"  1 
HETATM 356 C  C6     . XCI B 1 2  ? -2.20733  -9.03669  -3.01423  1.000 25.12995 ? 2   XCI B C6     1 
HETATM 357 C  C7     . XCI B 1 2  ? 0.16060   -8.39881  -3.44479  1.000 24.95625 ? 2   XCI B C7     1 
HETATM 358 N  N1     . XCI B 1 2  ? -3.25528  -9.43093  -2.21165  1.000 24.57725 ? 2   XCI B N1     1 
HETATM 359 N  N3     . XCI B 1 2  ? -1.79037  -9.48427  -0.42324  1.000 24.83255 ? 2   XCI B N3     1 
HETATM 360 O  O2     . XCI B 1 2  ? -3.96486  -10.02790 -0.14294  1.000 24.70359 ? 2   XCI B O2     1 
HETATM 361 O  "O3'"  . XCI B 1 2  ? -7.00675  -7.12187  -3.72648  1.000 25.41157 ? 2   XCI B "O3'"  1 
HETATM 362 O  O4     . XCI B 1 2  ? 0.37862   -8.92321  -0.61450  1.000 23.78769 ? 2   XCI B O4     1 
HETATM 363 O  "O4'"  . XCI B 1 2  ? -4.51074  -9.63348  -4.17478  1.000 25.95900 ? 2   XCI B "O4'"  1 
HETATM 364 O  OP1    . XCI B 1 2  ? -0.95897  -7.51607  -7.68053  1.000 26.69330 ? 2   XCI B OP1    1 
HETATM 365 O  OP2    . XCI B 1 2  ? -3.14449  -7.83382  -8.70224  1.000 26.20903 ? 2   XCI B OP2    1 
HETATM 366 P  P      . XCI B 1 2  ? -2.26297  -8.02404  -7.61436  1.000 26.81700 ? 2   XCI B P      1 
HETATM 367 H  "H1'"  . XCI B 1 2  ? -4.92633  -10.65580 -2.46124  1.000 24.91379 ? 2   XCI B "H1'"  1 
HETATM 368 H  "H2''" . XCI B 1 2  ? -5.45045  -8.16082  -1.46206  1.000 24.65379 ? 2   XCI B "H2''" 1 
HETATM 369 H  "H2'"  . XCI B 1 2  ? -6.64797  -9.20934  -2.26556  1.000 24.65379 ? 2   XCI B "H2'"  1 
HETATM 370 H  "H3'"  . XCI B 1 2  ? -4.94103  -6.98664  -3.47657  1.000 25.32379 ? 2   XCI B "H3'"  1 
HETATM 371 H  "H4'"  . XCI B 1 2  ? -6.39252  -9.22138  -4.92764  1.000 26.03379 ? 2   XCI B "H4'"  1 
HETATM 372 H  "H5'"  . XCI B 1 2  ? -5.77374  -7.40576  -6.41202  1.000 26.70379 ? 2   XCI B "H5'"  1 
HETATM 373 H  "H5''" . XCI B 1 2  ? -4.87816  -8.88305  -6.77621  1.000 26.70379 ? 2   XCI B "H5''" 1 
HETATM 374 H  H6     . XCI B 1 2  ? -2.38556  -8.86869  -4.06206  1.000 25.13379 ? 2   XCI B H6     1 
HETATM 375 H  H72    . XCI B 1 2  ? 0.36673   -9.15355  -4.15844  1.000 24.95379 ? 2   XCI B H72    1 
HETATM 376 H  H73    . XCI B 1 2  ? -0.11388  -7.50601  -3.94464  1.000 24.95379 ? 2   XCI B H73    1 
HETATM 377 H  H71    . XCI B 1 2  ? 1.02457   -8.22299  -2.85822  1.000 24.95379 ? 2   XCI B H71    1 
HETATM 378 H  H3     . XCI B 1 2  ? -1.63659  -9.63584  0.57931   1.000 24.83379 ? 2   XCI B H3     1 
ATOM   379 P  P      . DC  B 1 3  ? -7.27005  -5.63093  -3.16344  1.000 24.76675 ? 3   DC  B P      1 
ATOM   380 O  OP1    . DC  B 1 3  ? -8.67488  -5.25672  -3.43245  1.000 25.73529 ? 3   DC  B OP1    1 
ATOM   381 O  OP2    . DC  B 1 3  ? -6.16215  -4.76856  -3.63472  1.000 23.92981 ? 3   DC  B OP2    1 
ATOM   382 O  "O5'"  . DC  B 1 3  ? -7.09714  -5.84129  -1.58609  1.000 24.62726 ? 3   DC  B "O5'"  1 
ATOM   383 C  "C5'"  . DC  B 1 3  ? -8.12572  -6.47573  -0.84063  1.000 24.28511 ? 3   DC  B "C5'"  1 
ATOM   384 C  "C4'"  . DC  B 1 3  ? -7.74288  -6.60949  0.62372   1.000 23.85348 ? 3   DC  B "C4'"  1 
ATOM   385 O  "O4'"  . DC  B 1 3  ? -6.60555  -7.50137  0.75715   1.000 23.84032 ? 3   DC  B "O4'"  1 
ATOM   386 C  "C3'"  . DC  B 1 3  ? -7.29124  -5.32879  1.29971   1.000 24.66148 ? 3   DC  B "C3'"  1 
ATOM   387 O  "O3'"  . DC  B 1 3  ? -8.39298  -4.53647  1.71468   1.000 25.59317 ? 3   DC  B "O3'"  1 
ATOM   388 C  "C2'"  . DC  B 1 3  ? -6.48654  -5.86722  2.47074   1.000 24.53514 ? 3   DC  B "C2'"  1 
ATOM   389 C  "C1'"  . DC  B 1 3  ? -5.81657  -7.10080  1.87309   1.000 24.14826 ? 3   DC  B "C1'"  1 
ATOM   390 N  N1     . DC  B 1 3  ? -4.42169  -6.84695  1.41556   1.000 23.97455 ? 3   DC  B N1     1 
ATOM   391 C  C2     . DC  B 1 3  ? -3.35368  -7.11039  2.27762   1.000 24.19300 ? 3   DC  B C2     1 
ATOM   392 O  O2     . DC  B 1 3  ? -3.58474  -7.56154  3.40598   1.000 23.83769 ? 3   DC  B O2     1 
ATOM   393 N  N3     . DC  B 1 3  ? -2.08955  -6.86751  1.85021   1.000 24.61147 ? 3   DC  B N3     1 
ATOM   394 C  C4     . DC  B 1 3  ? -1.88091  -6.38051  0.62572   1.000 23.63767 ? 3   DC  B C4     1 
ATOM   395 N  N4     . DC  B 1 3  ? -0.61870  -6.15795  0.24806   1.000 23.21393 ? 3   DC  B N4     1 
ATOM   396 C  C5     . DC  B 1 3  ? -2.95879  -6.10082  -0.26450  1.000 23.41396 ? 3   DC  B C5     1 
ATOM   397 C  C6     . DC  B 1 3  ? -4.19923  -6.34214  0.16933   1.000 23.57713 ? 3   DC  B C6     1 
ATOM   398 H  "H5'"  . DC  B 1 3  ? -8.28617  -7.35902  -1.20853  1.000 29.10379 ? 3   DC  B "H5'"  1 
ATOM   399 H  "H5''" . DC  B 1 3  ? -8.93823  -5.95076  -0.91012  1.000 29.10379 ? 3   DC  B "H5''" 1 
ATOM   400 H  "H4'"  . DC  B 1 3  ? -8.49419  -6.97870  1.11465   1.000 28.58379 ? 3   DC  B "H4'"  1 
ATOM   401 H  "H3'"  . DC  B 1 3  ? -6.71737  -4.82151  0.70487   1.000 29.55379 ? 3   DC  B "H3'"  1 
ATOM   402 H  "H2'"  . DC  B 1 3  ? -5.82369  -5.22195  2.75806   1.000 29.40379 ? 3   DC  B "H2'"  1 
ATOM   403 H  "H2''" . DC  B 1 3  ? -7.07087  -6.11414  3.20436   1.000 29.40379 ? 3   DC  B "H2''" 1 
ATOM   404 H  "H1'"  . DC  B 1 3  ? -5.81318  -7.81240  2.53199   1.000 28.94379 ? 3   DC  B "H1'"  1 
ATOM   405 H  H41    . DC  B 1 3  ? -0.45367  -5.84424  -0.53535  1.000 27.81379 ? 3   DC  B H41    1 
ATOM   406 H  H42    . DC  B 1 3  ? 0.02829   -6.32811  0.78894   1.000 27.81379 ? 3   DC  B H42    1 
ATOM   407 H  H5     . DC  B 1 3  ? -2.80445  -5.76081  -1.11664  1.000 28.05379 ? 3   DC  B H5     1 
ATOM   408 H  H6     . DC  B 1 3  ? -4.92162  -6.17144  -0.39091  1.000 28.25379 ? 3   DC  B H6     1 
ATOM   409 P  P      . DC  B 1 4  ? -8.18684  -2.96767  1.99352   1.000 25.28523 ? 4   DC  B P      1 
ATOM   410 O  OP1    . DC  B 1 4  ? -9.51408  -2.39246  2.29956   1.000 26.41958 ? 4   DC  B OP1    1 
ATOM   411 O  OP2    . DC  B 1 4  ? -7.38258  -2.41865  0.87850   1.000 25.94584 ? 4   DC  B OP2    1 
ATOM   412 O  "O5'"  . DC  B 1 4  ? -7.28638  -2.92168  3.31556   1.000 24.30617 ? 4   DC  B "O5'"  1 
ATOM   413 C  "C5'"  . DC  B 1 4  ? -7.85617  -3.27633  4.56743   1.000 24.44566 ? 4   DC  B "C5'"  1 
ATOM   414 C  "C4'"  . DC  B 1 4  ? -6.80752  -3.31428  5.66805   1.000 24.52725 ? 4   DC  B "C4'"  1 
ATOM   415 O  "O4'"  . DC  B 1 4  ? -5.73839  -4.22599  5.31019   1.000 23.96402 ? 4   DC  B "O4'"  1 
ATOM   416 C  "C3'"  . DC  B 1 4  ? -6.08987  -2.00780  5.93694   1.000 25.01415 ? 4   DC  B "C3'"  1 
ATOM   417 O  "O3'"  . DC  B 1 4  ? -6.87516  -1.12538  6.72427   1.000 24.99836 ? 4   DC  B "O3'"  1 
ATOM   418 C  "C2'"  . DC  B 1 4  ? -4.84623  -2.49191  6.66655   1.000 25.15890 ? 4   DC  B "C2'"  1 
ATOM   419 C  "C1'"  . DC  B 1 4  ? -4.54142  -3.81648  5.96511   1.000 24.26406 ? 4   DC  B "C1'"  1 
ATOM   420 N  N1     . DC  B 1 4  ? -3.44515  -3.70783  4.96256   1.000 23.41396 ? 4   DC  B N1     1 
ATOM   421 C  C2     . DC  B 1 4  ? -2.11780  -3.66442  5.39876   1.000 23.12182 ? 4   DC  B C2     1 
ATOM   422 O  O2     . DC  B 1 4  ? -1.88081  -3.73064  6.61070   1.000 23.10866 ? 4   DC  B O2     1 
ATOM   423 N  N3     . DC  B 1 4  ? -1.12632  -3.55892  4.48115   1.000 23.56134 ? 4   DC  B N3     1 
ATOM   424 C  C4     . DC  B 1 4  ? -1.42242  -3.49191  3.18397   1.000 23.46133 ? 4   DC  B C4     1 
ATOM   425 N  N4     . DC  B 1 4  ? -0.40992  -3.38792  2.31739   1.000 23.60082 ? 4   DC  B N4     1 
ATOM   426 C  C5     . DC  B 1 4  ? -2.77024  -3.52864  2.71828   1.000 23.42975 ? 4   DC  B C5     1 
ATOM   427 C  C6     . DC  B 1 4  ? -3.73994  -3.63399  3.63318   1.000 23.78242 ? 4   DC  B C6     1 
ATOM   428 H  "H5'"  . DC  B 1 4  ? -8.26770  -4.15145  4.49160   1.000 29.29379 ? 4   DC  B "H5'"  1 
ATOM   429 H  "H5''" . DC  B 1 4  ? -8.53757  -2.62612  4.80111   1.000 29.29379 ? 4   DC  B "H5''" 1 
ATOM   430 H  "H4'"  . DC  B 1 4  ? -7.22218  -3.62150  6.48929   1.000 29.39379 ? 4   DC  B "H4'"  1 
ATOM   431 H  "H3'"  . DC  B 1 4  ? -5.84245  -1.58358  5.10009   1.000 29.98379 ? 4   DC  B "H3'"  1 
ATOM   432 H  "H2'"  . DC  B 1 4  ? -4.11563  -1.86680  6.55083   1.000 30.15379 ? 4   DC  B "H2'"  1 
ATOM   433 H  "H2''" . DC  B 1 4  ? -5.03383  -2.63636  7.60685   1.000 30.15379 ? 4   DC  B "H2''" 1 
ATOM   434 H  "H1'"  . DC  B 1 4  ? -4.30001  -4.48001  6.63012   1.000 29.07379 ? 4   DC  B "H1'"  1 
ATOM   435 H  H41    . DC  B 1 4  ? -0.56934  -3.34235  1.47377   1.000 28.28379 ? 4   DC  B H41    1 
ATOM   436 H  H42    . DC  B 1 4  ? 0.40063   -3.36641  2.60349   1.000 28.28379 ? 4   DC  B H42    1 
ATOM   437 H  H5     . DC  B 1 4  ? -2.96755  -3.48164  1.81019   1.000 28.07379 ? 4   DC  B H5     1 
ATOM   438 H  H6     . DC  B 1 4  ? -4.62721  -3.65896  3.35851   1.000 28.50379 ? 4   DC  B H6     1 
ATOM   439 P  P      . DC  B 1 5  ? -6.57868  0.45281   6.68904   1.000 25.64317 ? 5   DC  B P      1 
ATOM   440 O  OP1    . DC  B 1 5  ? -7.63908  1.12614   7.46846   1.000 27.03544 ? 5   DC  B OP1    1 
ATOM   441 O  OP2    . DC  B 1 5  ? -6.34463  0.83191   5.27831   1.000 26.12481 ? 5   DC  B OP2    1 
ATOM   442 O  "O5'"  . DC  B 1 5  ? -5.19040  0.60436   7.46829   1.000 24.85360 ? 5   DC  B "O5'"  1 
ATOM   443 C  "C5'"  . DC  B 1 5  ? -5.13632  0.37501   8.86729   1.000 24.37460 ? 5   DC  B "C5'"  1 
ATOM   444 C  "C4'"  . DC  B 1 5  ? -3.73650  0.60404   9.40962   1.000 24.17721 ? 5   DC  B "C4'"  1 
ATOM   445 O  "O4'"  . DC  B 1 5  ? -2.83121  -0.40912  8.89425   1.000 23.84296 ? 5   DC  B "O4'"  1 
ATOM   446 C  "C3'"  . DC  B 1 5  ? -3.08563  1.91313   9.00779   1.000 24.37197 ? 5   DC  B "C3'"  1 
ATOM   447 O  "O3'"  . DC  B 1 5  ? -3.53897  2.99514   9.80049   1.000 24.99309 ? 5   DC  B "O3'"  1 
ATOM   448 C  "C2'"  . DC  B 1 5  ? -1.61918  1.59330   9.22738   1.000 23.72189 ? 5   DC  B "C2'"  1 
ATOM   449 C  "C1'"  . DC  B 1 5  ? -1.53495  0.15715   8.72300   1.000 23.77453 ? 5   DC  B "C1'"  1 
ATOM   450 N  N1     . DC  B 1 5  ? -1.15430  0.06584   7.28807   1.000 23.55345 ? 5   DC  B N1     1 
ATOM   451 C  C2     . DC  B 1 5  ? 0.19623   0.09911   6.92794   1.000 22.89811 ? 5   DC  B C2     1 
ATOM   452 O  O2     . DC  B 1 5  ? 1.05509   0.19216   7.81344   1.000 22.58754 ? 5   DC  B O2     1 
ATOM   453 N  N3     . DC  B 1 5  ? 0.52735   0.02484   5.61693   1.000 22.44016 ? 5   DC  B N3     1 
ATOM   454 C  C4     . DC  B 1 5  ? -0.42729  -0.07257  4.69124   1.000 22.80862 ? 5   DC  B C4     1 
ATOM   455 N  N4     . DC  B 1 5  ? -0.05244  -0.14024  3.40916   1.000 22.59544 ? 5   DC  B N4     1 
ATOM   456 C  C5     . DC  B 1 5  ? -1.80955  -0.10235  5.03818   1.000 23.26920 ? 5   DC  B C5     1 
ATOM   457 C  C6     . DC  B 1 5  ? -2.12442  -0.02722  6.33526   1.000 23.56398 ? 5   DC  B C6     1 
ATOM   458 H  "H5'"  . DC  B 1 5  ? -5.40128  -0.53975  9.04939   1.000 29.21379 ? 5   DC  B "H5'"  1 
ATOM   459 H  "H5''" . DC  B 1 5  ? -5.75193  0.97892   9.31187   1.000 29.21379 ? 5   DC  B "H5''" 1 
ATOM   460 H  "H4'"  . DC  B 1 5  ? -3.75897  0.54550   10.37783  1.000 28.97379 ? 5   DC  B "H4'"  1 
ATOM   461 H  "H3'"  . DC  B 1 5  ? -3.25040  2.09289   8.06923   1.000 29.20379 ? 5   DC  B "H3'"  1 
ATOM   462 H  "H2'"  . DC  B 1 5  ? -1.05466  2.17958   8.69973   1.000 28.43379 ? 5   DC  B "H2'"  1 
ATOM   463 H  "H2''" . DC  B 1 5  ? -1.39131  1.64333   10.16843  1.000 28.43379 ? 5   DC  B "H2''" 1 
ATOM   464 H  "H1'"  . DC  B 1 5  ? -0.89521  -0.33621  9.25733   1.000 28.49379 ? 5   DC  B "H1'"  1 
ATOM   465 H  H41    . DC  B 1 5  ? 0.78241   -0.12044  3.20395   1.000 27.07379 ? 5   DC  B H41    1 
ATOM   466 H  H42    . DC  B 1 5  ? -0.64680  -0.20335  2.79011   1.000 27.07379 ? 5   DC  B H42    1 
ATOM   467 H  H5     . DC  B 1 5  ? -2.46905  -0.17016  4.38572   1.000 27.88379 ? 5   DC  B H5     1 
ATOM   468 H  H6     . DC  B 1 5  ? -3.01800  -0.04425  6.59164   1.000 28.24379 ? 5   DC  B H6     1 
ATOM   469 P  P      . DG  B 1 6  ? -3.64927  4.46105   9.15083   1.000 25.80898 ? 6   DG  B P      1 
ATOM   470 O  OP1    . DG  B 1 6  ? -4.25904  5.35410   10.15993  1.000 25.56948 ? 6   DG  B OP1    1 
ATOM   471 O  OP2    . DG  B 1 6  ? -4.27276  4.31373   7.81675   1.000 26.31957 ? 6   DG  B OP2    1 
ATOM   472 O  "O5'"  . DG  B 1 6  ? -2.12711  4.89891   8.92819   1.000 25.48789 ? 6   DG  B "O5'"  1 
ATOM   473 C  "C5'"  . DG  B 1 6  ? -1.31194  5.19630   10.04910  1.000 24.71411 ? 6   DG  B "C5'"  1 
ATOM   474 C  "C4'"  . DG  B 1 6  ? 0.11405   5.50930   9.63014   1.000 23.96665 ? 6   DG  B "C4'"  1 
ATOM   475 O  "O4'"  . DG  B 1 6  ? 0.75565   4.31504   9.10683   1.000 23.69294 ? 6   DG  B "O4'"  1 
ATOM   476 C  "C3'"  . DG  B 1 6  ? 0.26180   6.51507   8.50633   1.000 24.43513 ? 6   DG  B "C3'"  1 
ATOM   477 O  "O3'"  . DG  B 1 6  ? 0.09238   7.85213   8.95510   1.000 23.95350 ? 6   DG  B "O3'"  1 
ATOM   478 C  "C2'"  . DG  B 1 6  ? 1.67545   6.21769   8.04101   1.000 24.49567 ? 6   DG  B "C2'"  1 
ATOM   479 C  "C1'"  . DG  B 1 6  ? 1.70335   4.69400   8.10985   1.000 23.89296 ? 6   DG  B "C1'"  1 
ATOM   480 N  N9     . DG  B 1 6  ? 1.34531   4.06758   6.84239   1.000 23.00338 ? 6   DG  B N9     1 
ATOM   481 C  C8     . DG  B 1 6  ? 0.11789   3.57062   6.47872   1.000 22.59807 ? 6   DG  B C8     1 
ATOM   482 N  N7     . DG  B 1 6  ? 0.09447   3.08270   5.26832   1.000 22.50595 ? 6   DG  B N7     1 
ATOM   483 C  C5     . DG  B 1 6  ? 1.38601   3.27930   4.79709   1.000 22.27961 ? 6   DG  B C5     1 
ATOM   484 C  C6     . DG  B 1 6  ? 1.96138   2.95528   3.54594   1.000 21.91115 ? 6   DG  B C6     1 
ATOM   485 O  O6     . DG  B 1 6  ? 1.42592   2.41152   2.57092   1.000 21.56637 ? 6   DG  B O6     1 
ATOM   486 N  N1     . DG  B 1 6  ? 3.30034   3.32883   3.48378   1.000 21.85851 ? 6   DG  B N1     1 
ATOM   487 C  C2     . DG  B 1 6  ? 3.99391   3.93960   4.49984   1.000 22.19539 ? 6   DG  B C2     1 
ATOM   488 N  N2     . DG  B 1 6  ? 5.27916   4.22411   4.25522   1.000 22.27698 ? 6   DG  B N2     1 
ATOM   489 N  N3     . DG  B 1 6  ? 3.46796   4.24744   5.67602   1.000 22.44016 ? 6   DG  B N3     1 
ATOM   490 C  C4     . DG  B 1 6  ? 2.16470   3.89056   5.75344   1.000 22.50069 ? 6   DG  B C4     1 
ATOM   491 H  "H5'"  . DG  B 1 6  ? -1.30615  4.43323   10.64775  1.000 29.61379 ? 6   DG  B "H5'"  1 
ATOM   492 H  "H5''" . DG  B 1 6  ? -1.68106  5.96318   10.51502  1.000 29.61379 ? 6   DG  B "H5''" 1 
ATOM   493 H  "H4'"  . DG  B 1 6  ? 0.60996   5.82258   10.40301  1.000 28.72379 ? 6   DG  B "H4'"  1 
ATOM   494 H  "H3'"  . DG  B 1 6  ? -0.37039  6.31717   7.79749   1.000 29.28379 ? 6   DG  B "H3'"  1 
ATOM   495 H  "H2'"  . DG  B 1 6  ? 1.81335   6.52631   7.13143   1.000 29.35379 ? 6   DG  B "H2'"  1 
ATOM   496 H  "H2''" . DG  B 1 6  ? 2.32828   6.60396   8.64560   1.000 29.35379 ? 6   DG  B "H2''" 1 
ATOM   497 H  "H1'"  . DG  B 1 6  ? 2.58834   4.39911   8.37751   1.000 28.63379 ? 6   DG  B "H1'"  1 
ATOM   498 H  H8     . DG  B 1 6  ? -0.62101  3.57233   7.04299   1.000 27.07379 ? 6   DG  B H8     1 
ATOM   499 H  H1     . DG  B 1 6  ? 3.72464   3.16664   2.75366   1.000 26.19379 ? 6   DG  B H1     1 
ATOM   500 H  H21    . DG  B 1 6  ? 5.64505   3.96382   3.52267   1.000 26.69379 ? 6   DG  B H21    1 
ATOM   501 H  H22    . DG  B 1 6  ? 5.73944   4.66618   4.83178   1.000 26.69379 ? 6   DG  B H22    1 
ATOM   502 P  P      . DG  B 1 7  ? -0.53687  8.94457   7.95836   1.000 23.78242 ? 7   DG  B P      1 
ATOM   503 O  OP1    . DG  B 1 7  ? -0.73170  10.19048  8.73043   1.000 25.57737 ? 7   DG  B OP1    1 
ATOM   504 O  OP2    . DG  B 1 7  ? -1.68464  8.32415   7.26350   1.000 24.93519 ? 7   DG  B OP2    1 
ATOM   505 O  "O5'"  . DG  B 1 7  ? 0.61496   9.18149   6.87600   1.000 24.25616 ? 7   DG  B "O5'"  1 
ATOM   506 C  "C5'"  . DG  B 1 7  ? 1.82312   9.81527   7.26639   1.000 24.17194 ? 7   DG  B "C5'"  1 
ATOM   507 C  "C4'"  . DG  B 1 7  ? 2.90473   9.65420   6.21237   1.000 23.51397 ? 7   DG  B "C4'"  1 
ATOM   508 O  "O4'"  . DG  B 1 7  ? 3.11296   8.24602   5.91618   1.000 22.91916 ? 7   DG  B "O4'"  1 
ATOM   509 C  "C3'"  . DG  B 1 7  ? 2.59947   10.25833  4.85459   1.000 23.37974 ? 7   DG  B "C3'"  1 
ATOM   510 O  "O3'"  . DG  B 1 7  ? 2.77734   11.66789  4.83843   1.000 23.46923 ? 7   DG  B "O3'"  1 
ATOM   511 C  "C2'"  . DG  B 1 7  ? 3.60415   9.52383   3.98630   1.000 23.34290 ? 7   DG  B "C2'"  1 
ATOM   512 C  "C1'"  . DG  B 1 7  ? 3.52044   8.11165   4.55521   1.000 23.06128 ? 7   DG  B "C1'"  1 
ATOM   513 N  N9     . DG  B 1 7  ? 2.56012   7.27957   3.84297   1.000 22.82178 ? 7   DG  B N9     1 
ATOM   514 C  C8     . DG  B 1 7  ? 1.30476   6.90972   4.25846   1.000 23.09023 ? 7   DG  B C8     1 
ATOM   515 N  N7     . DG  B 1 7  ? 0.66776   6.17462   3.38819   1.000 23.78505 ? 7   DG  B N7     1 
ATOM   516 C  C5     . DG  B 1 7  ? 1.55404   6.06288   2.32502   1.000 23.73768 ? 7   DG  B C5     1 
ATOM   517 C  C6     . DG  B 1 7  ? 1.42005   5.38426   1.09105   1.000 23.46133 ? 7   DG  B C6     1 
ATOM   518 O  O6     . DG  B 1 7  ? 0.45898   4.72407   0.67815   1.000 23.76400 ? 7   DG  B O6     1 
ATOM   519 N  N1     . DG  B 1 7  ? 2.55715   5.52586   0.29962   1.000 23.49291 ? 7   DG  B N1     1 
ATOM   520 C  C2     . DG  B 1 7  ? 3.67893   6.23401   0.65639   1.000 23.16919 ? 7   DG  B C2     1 
ATOM   521 N  N2     . DG  B 1 7  ? 4.67658   6.26155   -0.23756  1.000 23.31921 ? 7   DG  B N2     1 
ATOM   522 N  N3     . DG  B 1 7  ? 3.81583   6.87235   1.80802   1.000 23.27447 ? 7   DG  B N3     1 
ATOM   523 C  C4     . DG  B 1 7  ? 2.71878   6.74332   2.58816   1.000 23.54029 ? 7   DG  B C4     1 
ATOM   524 H  "H5'"  . DG  B 1 7  ? 2.13142   9.42374   8.09897   1.000 28.96379 ? 7   DG  B "H5'"  1 
ATOM   525 H  "H5''" . DG  B 1 7  ? 1.65388   10.76062  7.40439   1.000 28.96379 ? 7   DG  B "H5''" 1 
ATOM   526 H  "H4'"  . DG  B 1 7  ? 3.73226   10.03224  6.54734   1.000 28.17379 ? 7   DG  B "H4'"  1 
ATOM   527 H  "H3'"  . DG  B 1 7  ? 1.69625   10.03082  4.58407   1.000 28.02379 ? 7   DG  B "H3'"  1 
ATOM   528 H  "H2'"  . DG  B 1 7  ? 3.33421   9.53969   3.05494   1.000 27.97379 ? 7   DG  B "H2'"  1 
ATOM   529 H  "H2''" . DG  B 1 7  ? 4.49422   9.89101   4.09959   1.000 27.97379 ? 7   DG  B "H2''" 1 
ATOM   530 H  "H1'"  . DG  B 1 7  ? 4.39692   7.69664   4.52032   1.000 27.63379 ? 7   DG  B "H1'"  1 
ATOM   531 H  H8     . DG  B 1 7  ? 0.94766   7.14977   5.08310   1.000 27.67379 ? 7   DG  B H8     1 
ATOM   532 H  H1     . DG  B 1 7  ? 2.55647   5.14263   -0.46995  1.000 28.15379 ? 7   DG  B H1     1 
ATOM   533 H  H21    . DG  B 1 7  ? 4.68142   5.70739   -0.89374  1.000 27.94379 ? 7   DG  B H21    1 
ATOM   534 H  H22    . DG  B 1 7  ? 5.31470   6.83248   -0.15231  1.000 27.94379 ? 7   DG  B H22    1 
ATOM   535 P  P      . DG  B 1 8  ? 1.92235   12.56092  3.81102   1.000 24.30091 ? 8   DG  B P      1 
ATOM   536 O  OP1    . DG  B 1 8  ? 2.24700   13.97817  4.08080   1.000 25.38261 ? 8   DG  B OP1    1 
ATOM   537 O  OP2    . DG  B 1 8  ? 0.51792   12.10592  3.86734   1.000 24.41934 ? 8   DG  B OP2    1 
ATOM   538 O  "O5'"  . DG  B 1 8  ? 2.50796   12.16338  2.37599   1.000 24.15615 ? 8   DG  B "O5'"  1 
ATOM   539 C  "C5'"  . DG  B 1 8  ? 3.83198   12.54416  2.02955   1.000 23.75874 ? 8   DG  B "C5'"  1 
ATOM   540 C  "C4'"  . DG  B 1 8  ? 4.26332   11.93609  0.70384   1.000 23.23762 ? 8   DG  B "C4'"  1 
ATOM   541 O  "O4'"  . DG  B 1 8  ? 4.00460   10.51082  0.69794   1.000 22.62176 ? 8   DG  B "O4'"  1 
ATOM   542 C  "C3'"  . DG  B 1 8  ? 3.52408   12.43781  -0.52187  1.000 23.16393 ? 8   DG  B "C3'"  1 
ATOM   543 O  "O3'"  . DG  B 1 8  ? 4.00522   13.71095  -0.94368  1.000 23.22972 ? 8   DG  B "O3'"  1 
ATOM   544 C  "C2'"  . DG  B 1 8  ? 3.82365   11.33246  -1.52382  1.000 22.95338 ? 8   DG  B "C2'"  1 
ATOM   545 C  "C1'"  . DG  B 1 8  ? 3.83243   10.07663  -0.64791  1.000 22.86652 ? 8   DG  B "C1'"  1 
ATOM   546 N  N9     . DG  B 1 8  ? 2.60135   9.29822   -0.74965  1.000 21.85588 ? 8   DG  B N9     1 
ATOM   547 C  C8     . DG  B 1 8  ? 1.59427   9.20861   0.18005   1.000 21.56637 ? 8   DG  B C8     1 
ATOM   548 N  N7     . DG  B 1 8  ? 0.60972   8.43862   -0.19478  1.000 21.20843 ? 8   DG  B N7     1 
ATOM   549 C  C5     . DG  B 1 8  ? 0.98676   7.99305   -1.45569  1.000 21.75323 ? 8   DG  B C5     1 
ATOM   550 C  C6     . DG  B 1 8  ? 0.31900   7.12926   -2.35574  1.000 21.63743 ? 8   DG  B C6     1 
ATOM   551 O  O6     . DG  B 1 8  ? -0.77482  6.56687   -2.21319  1.000 20.70837 ? 8   DG  B O6     1 
ATOM   552 N  N1     . DG  B 1 8  ? 1.05014   6.93878   -3.52634  1.000 22.19276 ? 8   DG  B N1     1 
ATOM   553 C  C2     . DG  B 1 8  ? 2.27090   7.51047   -3.79182  1.000 21.88483 ? 8   DG  B C2     1 
ATOM   554 N  N2     . DG  B 1 8  ? 2.82467   7.20825   -4.97468  1.000 21.78481 ? 8   DG  B N2     1 
ATOM   555 N  N3     . DG  B 1 8  ? 2.90735   8.32084   -2.95628  1.000 21.70323 ? 8   DG  B N3     1 
ATOM   556 C  C4     . DG  B 1 8  ? 2.20876   8.51561   -1.81198  1.000 21.75850 ? 8   DG  B C4     1 
ATOM   557 H  "H5'"  . DG  B 1 8  ? 4.43818   12.24728  2.72577   1.000 28.47379 ? 8   DG  B "H5'"  1 
ATOM   558 H  "H5''" . DG  B 1 8  ? 3.87598   13.51085  1.96351   1.000 28.47379 ? 8   DG  B "H5''" 1 
ATOM   559 H  "H4'"  . DG  B 1 8  ? 5.21390   12.08471  0.58215   1.000 27.84379 ? 8   DG  B "H4'"  1 
ATOM   560 H  "H3'"  . DG  B 1 8  ? 2.57165   12.47860  -0.34359  1.000 27.76379 ? 8   DG  B "H3'"  1 
ATOM   561 H  "H2'"  . DG  B 1 8  ? 3.12720   11.27791  -2.19250  1.000 27.50379 ? 8   DG  B "H2'"  1 
ATOM   562 H  "H2''" . DG  B 1 8  ? 4.69072   11.46896  -1.93667  1.000 27.50379 ? 8   DG  B "H2''" 1 
ATOM   563 H  "H1'"  . DG  B 1 8  ? 4.58397   9.51782   -0.90106  1.000 27.40379 ? 8   DG  B "H1'"  1 
ATOM   564 H  H8     . DG  B 1 8  ? 1.61420   9.64966   0.99834   1.000 25.84379 ? 8   DG  B H8     1 
ATOM   565 H  H1     . DG  B 1 8  ? 0.71241   6.42527   -4.12725  1.000 26.59379 ? 8   DG  B H1     1 
ATOM   566 H  H21    . DG  B 1 8  ? 2.41483   6.68614   -5.52086  1.000 26.10379 ? 8   DG  B H21    1 
ATOM   567 H  H22    . DG  B 1 8  ? 3.59016   7.53696   -5.18700  1.000 26.10379 ? 8   DG  B H22    1 
ATOM   568 P  P      . DA  B 1 9  ? 3.03532   14.71014  -1.74659  1.000 23.59029 ? 9   DA  B P      1 
ATOM   569 O  OP1    . DA  B 1 9  ? 3.65448   16.05163  -1.71080  1.000 23.66662 ? 9   DA  B OP1    1 
ATOM   570 O  OP2    . DA  B 1 9  ? 1.66062   14.52917  -1.23432  1.000 23.36921 ? 9   DA  B OP2    1 
ATOM   571 O  "O5'"  . DA  B 1 9  ? 3.07371   14.15751  -3.24643  1.000 23.11129 ? 9   DA  B "O5'"  1 
ATOM   572 C  "C5'"  . DA  B 1 9  ? 4.31419   14.03425  -3.93066  1.000 23.78242 ? 9   DA  B "C5'"  1 
ATOM   573 C  "C4'"  . DA  B 1 9  ? 4.12423   13.43007  -5.31326  1.000 24.40881 ? 9   DA  B "C4'"  1 
ATOM   574 O  "O4'"  . DA  B 1 9  ? 3.90798   11.99678  -5.19176  1.000 24.17721 ? 9   DA  B "O4'"  1 
ATOM   575 C  "C3'"  . DA  B 1 9  ? 2.92108   13.95171  -6.09042  1.000 25.36682 ? 9   DA  B "C3'"  1 
ATOM   576 O  "O3'"  . DA  B 1 9  ? 3.24738   15.11082  -6.84711  1.000 26.15113 ? 9   DA  B "O3'"  1 
ATOM   577 C  "C2'"  . DA  B 1 9  ? 2.56716   12.76531  -6.96787  1.000 25.00099 ? 9   DA  B "C2'"  1 
ATOM   578 C  "C1'"  . DA  B 1 9  ? 2.84556   11.59332  -6.04167  1.000 24.43776 ? 9   DA  B "C1'"  1 
ATOM   579 N  N9     . DA  B 1 9  ? 1.70280   11.22689  -5.21381  1.000 24.24827 ? 9   DA  B N9     1 
ATOM   580 C  C8     . DA  B 1 9  ? 1.33236   11.79211  -4.02828  1.000 24.71938 ? 9   DA  B C8     1 
ATOM   581 N  N7     . DA  B 1 9  ? 0.25797   11.26090  -3.50032  1.000 24.83781 ? 9   DA  B N7     1 
ATOM   582 C  C5     . DA  B 1 9  ? -0.10608  10.28320  -4.40599  1.000 25.15627 ? 9   DA  B C5     1 
ATOM   583 C  C6     . DA  B 1 9  ? -1.16627  9.36112   -4.42831  1.000 25.25628 ? 9   DA  B C6     1 
ATOM   584 N  N6     . DA  B 1 9  ? -2.09337  9.27827   -3.46830  1.000 25.86951 ? 9   DA  B N6     1 
ATOM   585 N  N1     . DA  B 1 9  ? -1.23981  8.52515   -5.47870  1.000 25.01678 ? 9   DA  B N1     1 
ATOM   586 C  C2     . DA  B 1 9  ? -0.31237  8.60786   -6.44041  1.000 24.87203 ? 9   DA  B C2     1 
ATOM   587 N  N3     . DA  B 1 9  ? 0.72848   9.43003   -6.52950  1.000 24.76938 ? 9   DA  B N3     1 
ATOM   588 C  C4     . DA  B 1 9  ? 0.77444   10.25010  -5.47035  1.000 24.64042 ? 9   DA  B C4     1 
ATOM   589 H  "H5'"  . DA  B 1 9  ? 4.90649   13.46508  -3.41437  1.000 28.50379 ? 9   DA  B "H5'"  1 
ATOM   590 H  "H5''" . DA  B 1 9  ? 4.71614   14.91233  -4.02010  1.000 28.50379 ? 9   DA  B "H5''" 1 
ATOM   591 H  "H4'"  . DA  B 1 9  ? 4.92672   13.58351  -5.83624  1.000 29.25379 ? 9   DA  B "H4'"  1 
ATOM   592 H  "H3'"  . DA  B 1 9  ? 2.19075   14.14464  -5.48297  1.000 30.40379 ? 9   DA  B "H3'"  1 
ATOM   593 H  "H2'"  . DA  B 1 9  ? 1.63310   12.79014  -7.22182  1.000 29.96379 ? 9   DA  B "H2'"  1 
ATOM   594 H  "H2''" . DA  B 1 9  ? 3.13958   12.73107  -7.74968  1.000 29.96379 ? 9   DA  B "H2''" 1 
ATOM   595 H  "H1'"  . DA  B 1 9  ? 3.12468   10.82607  -6.56527  1.000 29.28379 ? 9   DA  B "H1'"  1 
ATOM   596 H  H8     . DA  B 1 9  ? 1.80269   12.48424  -3.62821  1.000 29.62379 ? 9   DA  B H8     1 
ATOM   597 H  H61    . DA  B 1 9  ? -2.72439  8.69714   -3.52881  1.000 31.00379 ? 9   DA  B H61    1 
ATOM   598 H  H62    . DA  B 1 9  ? -2.05837  9.80656   -2.79071  1.000 31.00379 ? 9   DA  B H62    1 
ATOM   599 H  H2     . DA  B 1 9  ? -0.40894  8.00645   -7.14323  1.000 29.80379 ? 9   DA  B H2     1 
ATOM   600 P  P      . DC  B 1 10 ? 2.08034   16.10093  -7.33502  1.000 26.47748 ? 10  DC  B P      1 
ATOM   601 O  OP1    . DC  B 1 10 ? 2.72350   17.24567  -8.01195  1.000 26.77489 ? 10  DC  B OP1    1 
ATOM   602 O  OP2    . DC  B 1 10 ? 1.17908   16.33703  -6.18474  1.000 27.04071 ? 10  DC  B OP2    1 
ATOM   603 O  "O5'"  . DC  B 1 10 ? 1.27513   15.24146  -8.41969  1.000 26.00111 ? 10  DC  B "O5'"  1 
ATOM   604 C  "C5'"  . DC  B 1 10 ? 1.91874   14.83013  -9.62268  1.000 25.34577 ? 10  DC  B "C5'"  1 
ATOM   605 C  "C4'"  . DC  B 1 10 ? 1.05091   13.85819  -10.40573 1.000 24.65884 ? 10  DC  B "C4'"  1 
ATOM   606 O  "O4'"  . DC  B 1 10 ? 0.82617   12.66329  -9.61558  1.000 24.52725 ? 10  DC  B "O4'"  1 
ATOM   607 C  "C3'"  . DC  B 1 10 ? -0.33833  14.36389  -10.74988 1.000 24.85097 ? 10  DC  B "C3'"  1 
ATOM   608 O  "O3'"  . DC  B 1 10 ? -0.32519  15.11848  -11.95617 1.000 25.64580 ? 10  DC  B "O3'"  1 
ATOM   609 C  "C2'"  . DC  B 1 10 ? -1.14072  13.07497  -10.88011 1.000 24.52462 ? 10  DC  B "C2'"  1 
ATOM   610 C  "C1'"  . DC  B 1 10 ? -0.46423  12.13738  -9.88198  1.000 23.92718 ? 10  DC  B "C1'"  1 
ATOM   611 N  N1     . DC  B 1 10 ? -1.20119  12.00839  -8.59209  1.000 23.42448 ? 10  DC  B N1     1 
ATOM   612 C  C2     . DC  B 1 10 ? -2.06309  10.92431  -8.38850  1.000 23.16130 ? 10  DC  B C2     1 
ATOM   613 O  O2     . DC  B 1 10 ? -2.19751  10.08423  -9.28654  1.000 22.99285 ? 10  DC  B O2     1 
ATOM   614 N  N3     . DC  B 1 10 ? -2.72426  10.82328  -7.20857  1.000 22.81652 ? 10  DC  B N3     1 
ATOM   615 C  C4     . DC  B 1 10 ? -2.55352  11.75222  -6.26569  1.000 22.97706 ? 10  DC  B C4     1 
ATOM   616 N  N4     . DC  B 1 10 ? -3.22629  11.61152  -5.12026  1.000 23.14550 ? 10  DC  B N4     1 
ATOM   617 C  C5     . DC  B 1 10 ? -1.68146  12.86432  -6.45656  1.000 22.99549 ? 10  DC  B C5     1 
ATOM   618 C  C6     . DC  B 1 10 ? -1.03473  12.95222  -7.62236  1.000 23.03233 ? 10  DC  B C6     1 
ATOM   619 H  "H5'"  . DC  B 1 10 ? 2.75935   14.39872  -9.40167  1.000 30.37379 ? 10  DC  B "H5'"  1 
ATOM   620 H  "H5''" . DC  B 1 10 ? 2.09618   15.61079  -10.17112 1.000 30.37379 ? 10  DC  B "H5''" 1 
ATOM   621 H  "H4'"  . DC  B 1 10 ? 1.50995   13.61396  -11.22486 1.000 29.55379 ? 10  DC  B "H4'"  1 
ATOM   622 H  "H3'"  . DC  B 1 10 ? -0.68681  14.90139  -10.02146 1.000 29.78379 ? 10  DC  B "H3'"  1 
ATOM   623 H  "HO3'" . DC  B 1 10 ? -0.66142  15.88805  -11.97428 1.000 30.73379 ? 10  DC  B "HO3'" 1 
ATOM   624 H  "H2'"  . DC  B 1 10 ? -2.06803  13.22360  -10.63599 1.000 29.39379 ? 10  DC  B "H2'"  1 
ATOM   625 H  "H2''" . DC  B 1 10 ? -1.07492  12.72050  -11.78049 1.000 29.39379 ? 10  DC  B "H2''" 1 
ATOM   626 H  "H1'"  . DC  B 1 10 ? -0.37110  11.25956  -10.28436 1.000 28.67379 ? 10  DC  B "H1'"  1 
ATOM   627 H  H41    . DC  B 1 10 ? -3.13641  12.19429  -4.49465  1.000 27.73379 ? 10  DC  B H41    1 
ATOM   628 H  H42    . DC  B 1 10 ? -3.74901  10.93814  -5.00891  1.000 27.73379 ? 10  DC  B H42    1 
ATOM   629 H  H5     . DC  B 1 10 ? -1.56756  13.50649  -5.79323  1.000 27.55379 ? 10  DC  B H5     1 
ATOM   630 H  H6     . DC  B 1 10 ? -0.45882  13.66693  -7.77311  1.000 27.60379 ? 10  DC  B H6     1 
HETATM 631 BA BA     . BA  C 2 .  ? 3.68515   -5.78967  1.68383   1.000 22.04800 ? 101 BA  A BA     1 
HETATM 632 NA NA     . NA  D 3 .  ? 5.57344   -1.25600  0.34059   1.000 33.04406 ? 102 NA  A NA     1 
HETATM 633 CL CL     . CL  E 4 .  ? 7.98479   -5.24039  1.39904   1.000 22.10854 ? 103 CL  A CL     1 
HETATM 634 N  N1     . SPM F 5 .  ? -10.42730 -2.12935  -1.35396  1.000 36.80767 ? 101 SPM B N1     1 
HETATM 635 C  C2     . SPM F 5 .  ? -10.01739 -2.31303  -2.73279  1.000 36.69450 ? 101 SPM B C2     1 
HETATM 636 C  C3     . SPM F 5 .  ? -8.55714  -1.90443  -2.90107  1.000 36.42078 ? 101 SPM B C3     1 
HETATM 637 C  C4     . SPM F 5 .  ? -8.04698  -2.26382  -4.29182  1.000 36.62870 ? 101 SPM B C4     1 
HETATM 638 N  N5     . SPM F 5 .  ? -6.60024  -2.38653  -4.32359  1.000 37.19456 ? 101 SPM B N5     1 
HETATM 639 C  C6     . SPM F 5 .  ? -5.88531  -2.57526  -5.57442  1.000 37.33142 ? 101 SPM B C6     1 
HETATM 640 C  C7     . SPM F 5 .  ? -6.73006  -3.24215  -6.65644  1.000 37.07086 ? 101 SPM B C7     1 
HETATM 641 C  C8     . SPM F 5 .  ? -5.87047  -3.84199  -7.76543  1.000 37.01296 ? 101 SPM B C8     1 
HETATM 642 C  C9     . SPM F 5 .  ? -4.81625  -2.86477  -8.27596  1.000 37.00506 ? 101 SPM B C9     1 
HETATM 643 N  N10    . SPM F 5 .  ? -3.54435  -3.01646  -7.59424  1.000 36.65765 ? 101 SPM B N10    1 
HETATM 644 C  C11    . SPM F 5 .  ? -2.44979  -3.70710  -8.25131  1.000 36.42604 ? 101 SPM B C11    1 
HETATM 645 C  C12    . SPM F 5 .  ? -1.10871  -3.43158  -7.57990  1.000 36.45763 ? 101 SPM B C12    1 
HETATM 646 C  C13    . SPM F 5 .  ? 0.00054   -4.26281  -8.21407  1.000 36.72871 ? 101 SPM B C13    1 
HETATM 647 N  N14    . SPM F 5 .  ? 1.28070   -3.60841  -8.02361  1.000 36.97874 ? 101 SPM B N14    1 
HETATM 648 H  HN11   . SPM F 5 .  ? -9.76585  -1.77391  -0.67061  1.000 44.13379 ? 101 SPM B HN11   1 
HETATM 649 H  HN12   . SPM F 5 .  ? -11.37543 -2.35620  -1.07165  1.000 44.13379 ? 101 SPM B HN12   1 
HETATM 650 H  H21    . SPM F 5 .  ? -10.65160 -1.72491  -3.39560  1.000 43.99379 ? 101 SPM B H21    1 
HETATM 651 H  H22    . SPM F 5 .  ? -10.11675 -3.36075  -2.99675  1.000 43.99379 ? 101 SPM B H22    1 
HETATM 652 H  H31    . SPM F 5 .  ? -8.46010  -0.82956  -2.74442  1.000 43.66379 ? 101 SPM B H31    1 
HETATM 653 H  H32    . SPM F 5 .  ? -7.95010  -2.40924  -2.14961  1.000 43.66379 ? 101 SPM B H32    1 
HETATM 654 H  H41    . SPM F 5 .  ? -8.50442  -3.20102  -4.60573  1.000 43.91379 ? 101 SPM B H41    1 
HETATM 655 H  H42    . SPM F 5 .  ? -8.35664  -1.49274  -4.99782  1.000 43.91379 ? 101 SPM B H42    1 
HETATM 656 H  HN5    . SPM F 5 .  ? -6.07562  -2.11388  -3.50434  1.000 44.59379 ? 101 SPM B HN5    1 
HETATM 657 H  H61    . SPM F 5 .  ? -5.54569  -1.60482  -5.93460  1.000 44.76379 ? 101 SPM B H61    1 
HETATM 658 H  H62    . SPM F 5 .  ? -5.00046  -3.18425  -5.38825  1.000 44.76379 ? 101 SPM B H62    1 
HETATM 659 H  H71    . SPM F 5 .  ? -7.32706  -4.03826  -6.21305  1.000 44.44379 ? 101 SPM B H71    1 
HETATM 660 H  H72    . SPM F 5 .  ? -7.41519  -2.50983  -7.08443  1.000 44.44379 ? 101 SPM B H72    1 
HETATM 661 H  H81    . SPM F 5 .  ? -5.37621  -4.73816  -7.39064  1.000 44.37379 ? 101 SPM B H81    1 
HETATM 662 H  H82    . SPM F 5 .  ? -6.51247  -4.14130  -8.59369  1.000 44.37379 ? 101 SPM B H82    1 
HETATM 663 H  H91    . SPM F 5 .  ? -4.66966  -3.02662  -9.34387  1.000 44.36379 ? 101 SPM B H91    1 
HETATM 664 H  H92    . SPM F 5 .  ? -5.17585  -1.84432  -8.14588  1.000 44.36379 ? 101 SPM B H92    1 
HETATM 665 H  HN0    . SPM F 5 .  ? -3.33104  -2.39379  -6.82832  1.000 43.94379 ? 101 SPM B HN0    1 
HETATM 666 H  H111   . SPM F 5 .  ? -2.39950  -3.39232  -9.29368  1.000 43.67379 ? 101 SPM B H111   1 
HETATM 667 H  H112   . SPM F 5 .  ? -2.64324  -4.78005  -8.23904  1.000 43.67379 ? 101 SPM B H112   1 
HETATM 668 H  H121   . SPM F 5 .  ? -1.17879  -3.66987  -6.51891  1.000 43.71379 ? 101 SPM B H121   1 
HETATM 669 H  H122   . SPM F 5 .  ? -0.86501  -2.37343  -7.67005  1.000 43.71379 ? 101 SPM B H122   1 
HETATM 670 H  H131   . SPM F 5 .  ? -0.19443  -4.38441  -9.27965  1.000 44.03379 ? 101 SPM B H131   1 
HETATM 671 H  H132   . SPM F 5 .  ? 0.02407   -5.25200  -7.75794  1.000 44.03379 ? 101 SPM B H132   1 
HETATM 672 H  HN41   . SPM F 5 .  ? 2.07857   -4.14168  -7.69285  1.000 44.33379 ? 101 SPM B HN41   1 
HETATM 673 H  HN42   . SPM F 5 .  ? 1.37790   -2.61703  -8.21926  1.000 44.33379 ? 101 SPM B HN42   1 
HETATM 674 BA BA     . BA  G 2 .  ? -1.81512  6.64770   0.25148   1.000 21.03472 ? 102 BA  B BA     1 
HETATM 675 NA NA     . NA  H 3 .  ? -0.89197  11.77813  -1.35158  1.000 37.45775 ? 103 NA  B NA     1 
HETATM 676 O  O      . HOH I 6 .  ? 14.43930  -2.80313  6.41218   1.000 23.91402 ? 201 HOH A O      1 
HETATM 677 O  O      . HOH I 6 .  ? -2.56271  -17.70776 10.81347  1.000 27.93818 ? 202 HOH A O      1 
HETATM 678 O  O      . HOH I 6 .  ? -3.61317  5.74115   -1.79853  1.000 33.03616 ? 203 HOH A O      1 
HETATM 679 O  O      . HOH I 6 .  ? -3.81275  -7.70225  7.75729   1.000 30.90433 ? 204 HOH A O      1 
HETATM 680 O  O      . HOH I 6 .  ? -0.78926  -6.31951  9.14651   1.000 32.06236 ? 205 HOH A O      1 
HETATM 681 O  O      . HOH I 6 .  ? 2.67219   -1.79034  0.55532   1.000 19.32136 ? 206 HOH A O      1 
HETATM 682 O  O      . HOH I 6 .  ? 2.22620   -2.04870  -11.54225 1.000 37.46301 ? 207 HOH A O      1 
HETATM 683 O  O      . HOH I 6 .  ? -3.41449  2.46022   -2.18585  1.000 27.59341 ? 208 HOH A O      1 
HETATM 684 O  O      . HOH I 6 .  ? -0.76645  0.96109   -2.54871  1.000 29.08306 ? 209 HOH A O      1 
HETATM 685 O  O      A HOH I 6 .  ? 5.87193   -4.03265  1.75793   0.870 31.68337 ? 210 HOH A O      1 
HETATM 686 O  O      B HOH I 6 .  ? 4.40055   -2.95627  1.62228   0.130 30.03054 ? 210 HOH A O      1 
HETATM 687 O  O      . HOH I 6 .  ? 2.23633   -4.16093  0.09054   1.000 24.15878 ? 211 HOH A O      1 
HETATM 688 O  O      . HOH I 6 .  ? 6.91992   -8.21852  12.76846  1.000 30.23846 ? 212 HOH A O      1 
HETATM 689 O  O      A HOH I 6 .  ? -8.49537  2.34062   -3.16765  0.690 30.48849 ? 213 HOH A O      1 
HETATM 690 O  O      B HOH I 6 .  ? -7.83840  1.47038   -4.76534  0.310 30.54376 ? 213 HOH A O      1 
HETATM 691 O  O      . HOH I 6 .  ? 15.74121  -2.46944  4.15960   1.000 30.78326 ? 214 HOH A O      1 
HETATM 692 O  O      . HOH I 6 .  ? 7.36038   6.58151   -6.80960  1.000 30.44375 ? 215 HOH A O      1 
HETATM 693 O  O      . HOH I 6 .  ? -5.39058  -15.73525 3.03823   1.000 26.88806 ? 216 HOH A O      1 
HETATM 694 O  O      A HOH I 6 .  ? -7.32721  -13.39083 6.00316   0.980 20.58467 ? 217 HOH A O      1 
HETATM 695 O  O      B HOH I 6 .  ? -5.50721  -13.60449 7.28077   0.020 20.69521 ? 217 HOH A O      1 
HETATM 696 O  O      . HOH I 6 .  ? 16.53849  -4.46677  4.81915   1.000 37.13666 ? 218 HOH A O      1 
HETATM 697 O  O      . HOH I 6 .  ? 6.58428   -4.56382  -0.55399  1.000 34.02576 ? 219 HOH A O      1 
HETATM 698 O  O      . HOH I 6 .  ? 6.19547   -8.51326  1.18037   1.000 38.18152 ? 220 HOH A O      1 
HETATM 699 O  O      . HOH I 6 .  ? 9.34861   -6.37581  -1.03646  1.000 29.01726 ? 221 HOH A O      1 
HETATM 700 O  O      . HOH I 6 .  ? 6.01658   -7.00774  -0.91692  1.000 37.72094 ? 222 HOH A O      1 
HETATM 701 O  O      . HOH I 6 .  ? 12.28460  -10.66685 -1.41750  1.000 34.36264 ? 223 HOH A O      1 
HETATM 702 O  O      . HOH J 6 .  ? -4.10389  -4.68808  -2.99061  1.000 29.59101 ? 201 HOH B O      1 
HETATM 703 O  O      . HOH J 6 .  ? -0.16614  17.39778  -11.49937 1.000 23.66925 ? 202 HOH B O      1 
HETATM 704 O  O      . HOH J 6 .  ? -1.66646  5.87268   3.12170   1.000 20.60836 ? 203 HOH B O      1 
HETATM 705 O  O      . HOH J 6 .  ? -0.78643  2.16361   1.36016   1.000 24.36933 ? 204 HOH B O      1 
HETATM 706 O  O      . HOH J 6 .  ? -1.88825  3.16526   3.62966   1.000 29.56733 ? 205 HOH B O      1 
HETATM 707 O  O      . HOH J 6 .  ? 6.20618   15.75248  -1.25727  1.000 32.66243 ? 206 HOH B O      1 
HETATM 708 O  O      . HOH J 6 .  ? -2.76033  -3.84027  9.11527   1.000 23.53502 ? 207 HOH B O      1 
HETATM 709 O  O      . HOH J 6 .  ? -2.65881  9.04066   -0.83255  1.000 19.76089 ? 208 HOH B O      1 
HETATM 710 O  O      . HOH J 6 .  ? -6.58845  5.63252   8.34658   1.000 43.45320 ? 209 HOH B O      1 
HETATM 711 O  O      . HOH J 6 .  ? -3.25176  3.20673   5.52849   1.000 26.65382 ? 210 HOH B O      1 
HETATM 712 O  O      . HOH J 6 .  ? -5.45724  -8.07395  5.35170   1.000 30.17266 ? 211 HOH B O      1 
HETATM 713 O  O      . HOH J 6 .  ? -4.77720  -0.27102  -3.97609  1.000 32.33608 ? 212 HOH B O      1 
HETATM 714 O  O      . HOH J 6 .  ? -2.70730  6.24305   5.58232   1.000 35.19432 ? 213 HOH B O      1 
HETATM 715 O  O      . HOH J 6 .  ? -1.68639  -0.08394  1.02217   1.000 28.63564 ? 214 HOH B O      1 
HETATM 716 O  O      . HOH J 6 .  ? -2.29752  3.94837   0.21350   1.000 34.88639 ? 215 HOH B O      1 
HETATM 717 O  O      . HOH J 6 .  ? -0.98609  11.37702  1.49604   1.000 28.63827 ? 216 HOH B O      1 
HETATM 718 O  O      . HOH J 6 .  ? -0.97894  8.62577   2.30428   1.000 30.82800 ? 217 HOH B O      1 
HETATM 719 O  O      . HOH J 6 .  ? -11.58798 -4.70026  -3.95647  1.000 37.57092 ? 218 HOH B O      1 
HETATM 720 O  O      . HOH J 6 .  ? -0.53285  15.15699  -3.34533  1.000 30.72010 ? 219 HOH B O      1 
HETATM 721 O  O      . HOH J 6 .  ? 4.16154   17.94359  -4.13161  1.000 30.81484 ? 220 HOH B O      1 
HETATM 722 O  O      . HOH J 6 .  ? -1.23873  -2.91562  -0.74974  1.000 34.14682 ? 221 HOH B O      1 
HETATM 723 O  O      . HOH J 6 .  ? -2.59248  13.37903  -2.49335  1.000 30.55692 ? 222 HOH B O      1 
HETATM 724 O  O      . HOH J 6 .  ? -11.51274 -5.23389  -0.76830  1.000 32.58085 ? 223 HOH B O      1 
HETATM 725 O  O      . HOH J 6 .  ? 7.40169   13.54845  -1.06527  1.000 24.69832 ? 224 HOH B O      1 
HETATM 726 O  O      . HOH J 6 .  ? 5.50961   14.16002  5.08249   1.000 36.86294 ? 225 HOH B O      1 
HETATM 727 O  O      . HOH J 6 .  ? 2.22158   -7.17641  -5.71755  1.000 32.87562 ? 226 HOH B O      1 
HETATM 728 O  O      . HOH J 6 .  ? -9.58398  -8.95004  2.57029   1.000 28.93041 ? 227 HOH B O      1 
HETATM 729 O  O      . HOH J 6 .  ? 2.53462   13.47610  8.22202   1.000 26.42221 ? 228 HOH B O      1 
HETATM 730 O  O      . HOH J 6 .  ? 6.40543   15.41400  1.79195   1.000 32.74139 ? 229 HOH B O      1 
HETATM 731 O  O      A HOH J 6 .  ? -3.92618  7.08741   3.91665   0.680 10.78876 ? 230 HOH B O      1 
HETATM 732 O  O      B HOH J 6 .  ? -2.42197  8.11555   4.29610   0.320 11.81257 ? 230 HOH B O      1 
HETATM 733 O  O      . HOH J 6 .  ? 6.09937   18.04811  -5.46248  1.000 33.55728 ? 231 HOH B O      1 
HETATM 734 O  O      . HOH J 6 .  ? -4.93096  4.75101   3.48516   1.000 30.74642 ? 232 HOH B O      1 
HETATM 735 O  O      . HOH J 6 .  ? -7.53621  -9.23419  4.86748   1.000 32.80982 ? 233 HOH B O      1 
HETATM 736 O  O      . HOH J 6 .  ? 6.69259   -12.86504 -8.76325  1.000 35.43908 ? 234 HOH B O      1 
HETATM 737 O  O      . HOH J 6 .  ? -13.85121 -4.42923  4.15087   1.000 34.56793 ? 235 HOH B O      1 
HETATM 738 O  O      . HOH J 6 .  ? 0.09975   5.07733   17.22110  1.000 27.71710 ? 236 HOH B O      1 
HETATM 739 O  O      . HOH J 6 .  ? 1.06075   2.07936   17.44654  1.000 36.61028 ? 237 HOH B O      1 
# 
loop_
_atom_site_anisotrop.id 
_atom_site_anisotrop.type_symbol 
_atom_site_anisotrop.pdbx_label_atom_id 
_atom_site_anisotrop.pdbx_label_alt_id 
_atom_site_anisotrop.pdbx_label_comp_id 
_atom_site_anisotrop.pdbx_label_asym_id 
_atom_site_anisotrop.pdbx_label_seq_id 
_atom_site_anisotrop.pdbx_PDB_ins_code 
_atom_site_anisotrop.U[1][1] 
_atom_site_anisotrop.U[2][2] 
_atom_site_anisotrop.U[3][3] 
_atom_site_anisotrop.U[1][2] 
_atom_site_anisotrop.U[1][3] 
_atom_site_anisotrop.U[2][3] 
_atom_site_anisotrop.pdbx_auth_seq_id 
_atom_site_anisotrop.pdbx_auth_comp_id 
_atom_site_anisotrop.pdbx_auth_asym_id 
_atom_site_anisotrop.pdbx_auth_atom_id 
1   O  "O5'" . DG  A 1  ? 0.35744 0.37552 0.43067 0.04868  0.00805  0.08827  1   DG  A "O5'" 
2   C  "C5'" . DG  A 1  ? 0.35898 0.35219 0.40975 0.05028  0.00132  0.06948  1   DG  A "C5'" 
3   C  "C4'" . DG  A 1  ? 0.35252 0.35157 0.40344 0.05935  -0.00340 0.07257  1   DG  A "C4'" 
4   O  "O4'" . DG  A 1  ? 0.35292 0.34532 0.40669 0.06550  -0.00370 0.07132  1   DG  A "O4'" 
5   C  "C3'" . DG  A 1  ? 0.33799 0.36284 0.39780 0.05807  -0.00662 0.07992  1   DG  A "C3'" 
6   O  "O3'" . DG  A 1  ? 0.33145 0.37050 0.37858 0.04803  -0.00775 0.07758  1   DG  A "O3'" 
7   C  "C2'" . DG  A 1  ? 0.33854 0.35667 0.41133 0.06440  -0.00555 0.08170  1   DG  A "C2'" 
8   C  "C1'" . DG  A 1  ? 0.34155 0.34193 0.41155 0.06675  -0.00655 0.07302  1   DG  A "C1'" 
9   N  N9    . DG  A 1  ? 0.33456 0.32646 0.40551 0.06847  -0.01746 0.06690  1   DG  A N9    
10  C  C8    . DG  A 1  ? 0.32850 0.33634 0.40239 0.06884  -0.02056 0.07368  1   DG  A C8    
11  N  N7    . DG  A 1  ? 0.32891 0.33504 0.39788 0.06710  -0.02604 0.07203  1   DG  A N7    
12  C  C5    . DG  A 1  ? 0.33045 0.31938 0.40800 0.06647  -0.02883 0.06623  1   DG  A C5    
13  C  C6    . DG  A 1  ? 0.32396 0.30560 0.42007 0.05899  -0.02900 0.05940  1   DG  A C6    
14  O  O6    . DG  A 1  ? 0.33873 0.29584 0.44016 0.05299  -0.01586 0.05101  1   DG  A O6    
15  N  N1    . DG  A 1  ? 0.31442 0.30012 0.41739 0.06417  -0.03173 0.06474  1   DG  A N1    
16  C  C2    . DG  A 1  ? 0.32991 0.28450 0.41672 0.07094  -0.02608 0.06091  1   DG  A C2    
17  N  N2    . DG  A 1  ? 0.34042 0.28540 0.41211 0.06560  -0.02533 0.06414  1   DG  A N2    
18  N  N3    . DG  A 1  ? 0.33809 0.27760 0.41114 0.07505  -0.02605 0.05106  1   DG  A N3    
19  C  C4    . DG  A 1  ? 0.33012 0.30872 0.41599 0.07101  -0.02715 0.06529  1   DG  A C4    
32  SE SE1   . XCI A 2  ? 0.37602 0.38704 0.35247 0.00557  -0.00310 0.06744  2   XCI A SE1   
33  C  "C1'" . XCI A 2  ? 0.35846 0.36134 0.36222 0.04063  -0.01935 0.07190  2   XCI A "C1'" 
34  C  C2    . XCI A 2  ? 0.33265 0.33056 0.38961 0.04698  -0.03556 0.07414  2   XCI A C2    
35  C  "C2'" . XCI A 2  ? 0.36071 0.37149 0.36033 0.03846  -0.02012 0.07811  2   XCI A "C2'" 
36  C  "C3'" . XCI A 2  ? 0.36702 0.37182 0.34389 0.03553  -0.01608 0.07210  2   XCI A "C3'" 
37  C  C4    . XCI A 2  ? 0.32000 0.32477 0.40716 0.04809  -0.03904 0.08828  2   XCI A C4    
38  C  "C4'" . XCI A 2  ? 0.36804 0.37919 0.36800 0.03219  -0.00543 0.07745  2   XCI A "C4'" 
39  C  C5    . XCI A 2  ? 0.33171 0.32295 0.40407 0.04637  -0.04031 0.08091  2   XCI A C5    
40  C  "C5'" . XCI A 2  ? 0.37640 0.38054 0.37299 0.01481  0.00251  0.07010  2   XCI A "C5'" 
41  C  C6    . XCI A 2  ? 0.33936 0.32833 0.39364 0.04662  -0.03250 0.07485  2   XCI A C6    
42  C  C7    . XCI A 2  ? 0.34363 0.31140 0.40800 0.04052  -0.04596 0.07339  2   XCI A C7    
43  N  N1    . XCI A 2  ? 0.34557 0.34022 0.37743 0.04683  -0.02707 0.07198  2   XCI A N1    
44  N  N3    . XCI A 2  ? 0.32089 0.32770 0.40374 0.04980  -0.03876 0.08558  2   XCI A N3    
45  O  O2    . XCI A 2  ? 0.32347 0.32689 0.40898 0.04075  -0.03999 0.07389  2   XCI A O2    
46  O  "O3'" . XCI A 2  ? 0.38573 0.35359 0.29611 0.03615  -0.01525 0.04887  2   XCI A "O3'" 
47  O  O4    . XCI A 2  ? 0.31535 0.31050 0.39368 0.03925  -0.04179 0.07821  2   XCI A O4    
48  O  "O4'" . XCI A 2  ? 0.36111 0.37470 0.36122 0.03797  -0.01245 0.07526  2   XCI A "O4'" 
49  O  OP1   . XCI A 2  ? 0.35391 0.34555 0.36378 0.04809  -0.01606 0.06077  2   XCI A OP1   
50  O  OP2   . XCI A 2  ? 0.33081 0.37452 0.37620 0.05160  -0.00202 0.08840  2   XCI A OP2   
51  P  P     . XCI A 2  ? 0.34582 0.36863 0.36928 0.03905  -0.00783 0.07431  2   XCI A P     
64  P  P     . DC  A 3  ? 0.38691 0.34423 0.28869 0.03619  -0.02433 0.04726  3   DC  A P     
65  O  OP1   . DC  A 3  ? 0.36915 0.38303 0.32915 0.03168  -0.03154 0.08252  3   DC  A OP1   
66  O  OP2   . DC  A 3  ? 0.35880 0.34600 0.32322 0.03743  -0.03404 0.06079  3   DC  A OP2   
67  O  "O5'" . DC  A 3  ? 0.40125 0.33087 0.26560 0.03897  -0.03003 0.04372  3   DC  A "O5'" 
68  C  "C5'" . DC  A 3  ? 0.38666 0.35881 0.28976 0.04845  -0.02835 0.07841  3   DC  A "C5'" 
69  C  "C4'" . DC  A 3  ? 0.37642 0.39053 0.29308 0.05710  -0.02312 0.10052  3   DC  A "C4'" 
70  O  "O4'" . DC  A 3  ? 0.37762 0.38594 0.27328 0.06556  -0.02213 0.09635  3   DC  A "O4'" 
71  C  "C3'" . DC  A 3  ? 0.38649 0.40345 0.30739 0.04958  -0.01261 0.10200  3   DC  A "C3'" 
72  O  "O3'" . DC  A 3  ? 0.39767 0.41607 0.34099 0.03787  0.00079  0.10271  3   DC  A "O3'" 
73  C  "C2'" . DC  A 3  ? 0.38106 0.39911 0.29556 0.05603  -0.01687 0.10347  3   DC  A "C2'" 
74  C  "C1'" . DC  A 3  ? 0.36931 0.38581 0.29812 0.06845  -0.02154 0.10683  3   DC  A "C1'" 
75  N  N1    . DC  A 3  ? 0.35101 0.37236 0.31686 0.07973  -0.03228 0.11697  3   DC  A N1    
76  C  C2    . DC  A 3  ? 0.34842 0.37257 0.30944 0.08013  -0.03825 0.11799  3   DC  A C2    
77  O  O2    . DC  A 3  ? 0.35333 0.37423 0.30408 0.08312  -0.03159 0.11616  3   DC  A O2    
78  N  N3    . DC  A 3  ? 0.33910 0.37307 0.30816 0.07992  -0.04547 0.12279  3   DC  A N3    
79  C  C4    . DC  A 3  ? 0.33004 0.36691 0.31228 0.07874  -0.04809 0.12352  3   DC  A C4    
80  N  N4    . DC  A 3  ? 0.33151 0.36432 0.30440 0.07023  -0.04610 0.11875  3   DC  A N4    
81  C  C5    . DC  A 3  ? 0.33532 0.36416 0.31954 0.08768  -0.04316 0.12473  3   DC  A C5    
82  C  C6    . DC  A 3  ? 0.34310 0.36378 0.32295 0.08777  -0.03674 0.12085  3   DC  A C6    
94  P  P     . DC  A 4  ? 0.40141 0.45631 0.36541 0.03135  0.01530  0.12071  4   DC  A P     
95  O  OP1   . DC  A 4  ? 0.41012 0.48023 0.36998 0.01935  0.02389  0.12361  4   DC  A OP1   
96  O  OP2   . DC  A 4  ? 0.40504 0.47125 0.32784 0.04072  0.01308  0.11276  4   DC  A OP2   
97  O  "O5'" . DC  A 4  ? 0.40845 0.42763 0.35305 0.02223  0.00874  0.10497  4   DC  A "O5'" 
98  C  "C5'" . DC  A 4  ? 0.40103 0.39863 0.33738 0.02119  0.00298  0.09249  4   DC  A "C5'" 
99  C  "C4'" . DC  A 4  ? 0.37082 0.39187 0.33614 0.02564  -0.00632 0.10190  4   DC  A "C4'" 
100 O  "O4'" . DC  A 4  ? 0.35568 0.37883 0.33562 0.03207  -0.01329 0.10059  4   DC  A "O4'" 
101 C  "C3'" . DC  A 4  ? 0.36744 0.37853 0.31697 0.01997  -0.00418 0.09265  4   DC  A "C3'" 
102 O  "O3'" . DC  A 4  ? 0.37682 0.34489 0.29632 0.01227  0.00802  0.06854  4   DC  A "O3'" 
103 C  "C2'" . DC  A 4  ? 0.36532 0.38260 0.31951 0.02491  -0.00917 0.09788  4   DC  A "C2'" 
104 C  "C1'" . DC  A 4  ? 0.35598 0.37320 0.32255 0.03078  -0.01921 0.09715  4   DC  A "C1'" 
105 N  N1    . DC  A 4  ? 0.35011 0.37565 0.32157 0.03743  -0.03201 0.10832  4   DC  A N1    
106 C  C2    . DC  A 4  ? 0.35738 0.37697 0.30878 0.04354  -0.03378 0.11108  4   DC  A C2    
107 O  O2    . DC  A 4  ? 0.36926 0.38009 0.28998 0.05407  -0.02791 0.11187  4   DC  A O2    
108 N  N3    . DC  A 4  ? 0.35553 0.36923 0.30947 0.03781  -0.03753 0.10607  4   DC  A N3    
109 C  C4    . DC  A 4  ? 0.34668 0.37119 0.31245 0.04062  -0.04226 0.10979  4   DC  A C4    
110 N  N4    . DC  A 4  ? 0.34403 0.37260 0.30740 0.04324  -0.04046 0.10765  4   DC  A N4    
111 C  C5    . DC  A 4  ? 0.34817 0.36998 0.32708 0.04071  -0.04015 0.11334  4   DC  A C5    
112 C  C6    . DC  A 4  ? 0.35356 0.37001 0.32805 0.03858  -0.03559 0.11006  4   DC  A C6    
124 P  P     . DC  A 5  ? 0.39436 0.31309 0.28418 0.00596  0.01523  0.05064  5   DC  A P     
125 O  OP1   . DC  A 5  ? 0.37972 0.32196 0.31715 -0.00082 0.00727  0.07098  5   DC  A OP1   
126 O  OP2   . DC  A 5  ? 0.38399 0.33732 0.33112 0.01343  0.01750  0.07929  5   DC  A OP2   
127 O  "O5'" . DC  A 5  ? 0.37980 0.30254 0.28809 0.01014  0.01563  0.05600  5   DC  A "O5'" 
128 C  "C5'" . DC  A 5  ? 0.36288 0.29042 0.28693 0.00657  -0.00004 0.05794  5   DC  A "C5'" 
129 C  "C4'" . DC  A 5  ? 0.34620 0.27058 0.29815 -0.00173 -0.01661 0.05622  5   DC  A "C4'" 
130 O  "O4'" . DC  A 5  ? 0.34736 0.25148 0.29469 -0.00066 -0.02736 0.05298  5   DC  A "O4'" 
131 C  "C3'" . DC  A 5  ? 0.33823 0.27223 0.29107 -0.00648 -0.02130 0.05266  5   DC  A "C3'" 
132 O  "O3'" . DC  A 5  ? 0.31942 0.27530 0.29821 -0.01059 -0.02013 0.05142  5   DC  A "O3'" 
133 C  "C2'" . DC  A 5  ? 0.35433 0.25934 0.27136 -0.00211 -0.02455 0.04638  5   DC  A "C2'" 
134 C  "C1'" . DC  A 5  ? 0.36097 0.23975 0.26551 0.00810  -0.02848 0.04641  5   DC  A "C1'" 
135 N  N1    . DC  A 5  ? 0.36535 0.22757 0.24901 0.03135  -0.03155 0.05814  5   DC  A N1    
136 C  C2    . DC  A 5  ? 0.36960 0.22837 0.23496 0.03156  -0.02882 0.05959  5   DC  A C2    
137 O  O2    . DC  A 5  ? 0.36203 0.22811 0.24669 0.01957  -0.01795 0.06207  5   DC  A O2    
138 N  N3    . DC  A 5  ? 0.37210 0.23452 0.22881 0.04597  -0.03738 0.06763  5   DC  A N3    
139 C  C4    . DC  A 5  ? 0.36369 0.22594 0.21420 0.04135  -0.05092 0.06031  5   DC  A C4    
140 N  N4    . DC  A 5  ? 0.35109 0.23156 0.20988 0.03905  -0.04937 0.06404  5   DC  A N4    
141 C  C5    . DC  A 5  ? 0.36451 0.21770 0.23202 0.04288  -0.04828 0.06033  5   DC  A C5    
142 C  C6    . DC  A 5  ? 0.36286 0.21886 0.24451 0.04267  -0.04144 0.06216  5   DC  A C6    
154 P  P     . DG  A 6  ? 0.31527 0.26791 0.31995 -0.01073 -0.01053 0.05700  6   DG  A P     
155 O  OP1   . DG  A 6  ? 0.33293 0.26137 0.32953 -0.01379 -0.01280 0.05114  6   DG  A OP1   
156 O  OP2   . DG  A 6  ? 0.32172 0.26609 0.29752 -0.00882 -0.00859 0.04506  6   DG  A OP2   
157 O  "O5'" . DG  A 6  ? 0.30691 0.25479 0.32713 -0.01886 -0.01170 0.06339  6   DG  A "O5'" 
158 C  "C5'" . DG  A 6  ? 0.32219 0.22631 0.32932 -0.02613 -0.01222 0.05707  6   DG  A "C5'" 
159 C  "C4'" . DG  A 6  ? 0.32426 0.20906 0.33191 -0.02971 -0.01923 0.05845  6   DG  A "C4'" 
160 O  "O4'" . DG  A 6  ? 0.32564 0.18873 0.32286 -0.02836 -0.02013 0.05183  6   DG  A "O4'" 
161 C  "C3'" . DG  A 6  ? 0.32723 0.21260 0.33710 -0.03038 -0.02165 0.06430  6   DG  A "C3'" 
162 O  "O3'" . DG  A 6  ? 0.33383 0.23100 0.36029 -0.02077 -0.02819 0.08366  6   DG  A "O3'" 
163 C  "C2'" . DG  A 6  ? 0.32207 0.19534 0.32761 -0.03598 -0.01796 0.05360  6   DG  A "C2'" 
164 C  "C1'" . DG  A 6  ? 0.32808 0.18034 0.32251 -0.02699 -0.01580 0.05207  6   DG  A "C1'" 
165 N  N9    . DG  A 6  ? 0.34027 0.15921 0.32645 -0.00986 -0.00805 0.05814  6   DG  A N9    
166 C  C8    . DG  A 6  ? 0.33682 0.13977 0.31235 -0.00785 -0.01809 0.05226  6   DG  A C8    
167 N  N7    . DG  A 6  ? 0.34589 0.12925 0.30899 -0.01050 -0.01892 0.04879  6   DG  A N7    
168 C  C5    . DG  A 6  ? 0.35089 0.13190 0.31115 -0.01520 -0.01187 0.04600  6   DG  A C5    
169 C  C6    . DG  A 6  ? 0.35453 0.13443 0.29547 -0.01778 0.00548  0.03820  6   DG  A C6    
170 O  O6    . DG  A 6  ? 0.34291 0.15182 0.25530 -0.00712 0.00825  0.04549  6   DG  A O6    
171 N  N1    . DG  A 6  ? 0.34966 0.14066 0.34191 -0.02688 0.00866  0.04373  6   DG  A N1    
172 C  C2    . DG  A 6  ? 0.34449 0.14311 0.32413 -0.02708 -0.00616 0.03375  6   DG  A C2    
173 N  N2    . DG  A 6  ? 0.35144 0.15176 0.28012 -0.02551 -0.01511 0.02007  6   DG  A N2    
174 N  N3    . DG  A 6  ? 0.35029 0.13842 0.32332 -0.02149 -0.00889 0.03590  6   DG  A N3    
175 C  C4    . DG  A 6  ? 0.34846 0.14121 0.32536 -0.01639 -0.01082 0.04806  6   DG  A C4    
187 P  P     . DG  A 7  ? 0.35456 0.21196 0.37862 -0.03122 -0.03189 0.07192  7   DG  A P     
188 O  OP1   . DG  A 7  ? 0.39144 0.21380 0.39279 -0.02958 -0.02244 0.06402  7   DG  A OP1   
189 O  OP2   . DG  A 7  ? 0.33708 0.17702 0.40034 -0.04127 -0.03460 0.06545  7   DG  A OP2   
190 O  "O5'" . DG  A 7  ? 0.35326 0.22200 0.37017 -0.03043 -0.03629 0.07963  7   DG  A "O5'" 
191 C  "C5'" . DG  A 7  ? 0.36216 0.22270 0.34358 -0.01922 -0.02256 0.07839  7   DG  A "C5'" 
192 C  "C4'" . DG  A 7  ? 0.35439 0.22376 0.33438 -0.01822 -0.00773 0.08202  7   DG  A "C4'" 
193 O  "O4'" . DG  A 7  ? 0.35314 0.19760 0.32019 -0.01741 -0.00103 0.06919  7   DG  A "O4'" 
194 C  "C3'" . DG  A 7  ? 0.35094 0.23303 0.31587 -0.02532 -0.00400 0.07775  7   DG  A "C3'" 
195 O  "O3'" . DG  A 7  ? 0.32952 0.25623 0.30588 -0.02335 -0.01037 0.09008  7   DG  A "O3'" 
196 C  "C2'" . DG  A 7  ? 0.36395 0.20310 0.30168 -0.02806 0.00095  0.05770  7   DG  A "C2'" 
197 C  "C1'" . DG  A 7  ? 0.36363 0.18535 0.30784 -0.02578 -0.00581 0.06241  7   DG  A "C1'" 
198 N  N9    . DG  A 7  ? 0.37275 0.15365 0.29683 -0.03209 -0.01792 0.05769  7   DG  A N9    
199 C  C8    . DG  A 7  ? 0.38252 0.13014 0.28527 -0.02952 -0.00943 0.04622  7   DG  A C8    
200 N  N7    . DG  A 7  ? 0.38049 0.12621 0.27913 -0.02790 -0.01222 0.04608  7   DG  A N7    
201 C  C5    . DG  A 7  ? 0.37763 0.12929 0.28130 -0.02457 -0.02042 0.05011  7   DG  A C5    
202 C  C6    . DG  A 7  ? 0.37815 0.13197 0.27681 -0.01314 -0.02449 0.05488  7   DG  A C6    
203 O  O6    . DG  A 7  ? 0.39253 0.13009 0.24002 -0.00370 -0.02983 0.04602  7   DG  A O6    
204 N  N1    . DG  A 7  ? 0.38212 0.13027 0.27944 -0.01682 -0.01825 0.04809  7   DG  A N1    
205 C  C2    . DG  A 7  ? 0.39128 0.12106 0.25669 -0.02173 -0.01857 0.02674  7   DG  A C2    
206 N  N2    . DG  A 7  ? 0.39583 0.11700 0.25610 -0.02405 -0.02064 0.01777  7   DG  A N2    
207 N  N3    . DG  A 7  ? 0.38603 0.12249 0.25071 -0.02153 -0.01607 0.02758  7   DG  A N3    
208 C  C4    . DG  A 7  ? 0.37851 0.13785 0.28137 -0.02691 -0.01968 0.04982  7   DG  A C4    
220 P  P     . DG  A 8  ? 0.33261 0.22732 0.30939 -0.02523 -0.01084 0.07732  8   DG  A P     
221 O  OP1   . DG  A 8  ? 0.32107 0.21287 0.34848 -0.03818 -0.00021 0.07266  8   DG  A OP1   
222 O  OP2   . DG  A 8  ? 0.33382 0.21978 0.30923 -0.01347 -0.00824 0.08298  8   DG  A OP2   
223 O  "O5'" . DG  A 8  ? 0.35939 0.22618 0.29176 -0.02002 -0.01022 0.06943  8   DG  A "O5'" 
224 C  "C5'" . DG  A 8  ? 0.37737 0.21402 0.29414 -0.01897 -0.00275 0.06531  8   DG  A "C5'" 
225 C  "C4'" . DG  A 8  ? 0.38730 0.19938 0.28515 -0.02256 -0.00188 0.05866  8   DG  A "C4'" 
226 O  "O4'" . DG  A 8  ? 0.39189 0.18528 0.27455 -0.02163 0.00245  0.04913  8   DG  A "O4'" 
227 C  "C3'" . DG  A 8  ? 0.38733 0.20260 0.28760 -0.02049 -0.00748 0.06948  8   DG  A "C3'" 
228 O  "O3'" . DG  A 8  ? 0.38505 0.20331 0.29817 -0.01330 -0.01436 0.08491  8   DG  A "O3'" 
229 C  "C2'" . DG  A 8  ? 0.38508 0.19569 0.28906 -0.02401 -0.00809 0.06417  8   DG  A "C2'" 
230 C  "C1'" . DG  A 8  ? 0.38956 0.17230 0.28886 -0.02348 -0.00432 0.04862  8   DG  A "C1'" 
231 N  N9    . DG  A 8  ? 0.39604 0.14426 0.29833 -0.02201 -0.00688 0.03805  8   DG  A N9    
232 C  C8    . DG  A 8  ? 0.40196 0.12895 0.29152 -0.02533 -0.01080 0.02854  8   DG  A C8    
233 N  N7    . DG  A 8  ? 0.39778 0.13828 0.29497 -0.02223 -0.01092 0.03568  8   DG  A N7    
234 C  C5    . DG  A 8  ? 0.39085 0.14709 0.28469 -0.02312 -0.01322 0.03257  8   DG  A C5    
235 C  C6    . DG  A 8  ? 0.37394 0.18002 0.28417 -0.02142 -0.01676 0.04894  8   DG  A C6    
236 O  O6    . DG  A 8  ? 0.35677 0.21022 0.26264 -0.01423 -0.02547 0.06326  8   DG  A O6    
237 N  N1    . DG  A 8  ? 0.38607 0.16998 0.28668 -0.02566 -0.01139 0.03842  8   DG  A N1    
238 C  C2    . DG  A 8  ? 0.39251 0.16346 0.29577 -0.03097 -0.01380 0.03560  8   DG  A C2    
239 N  N2    . DG  A 8  ? 0.39170 0.17421 0.30892 -0.03885 -0.01477 0.04493  8   DG  A N2    
240 N  N3    . DG  A 8  ? 0.39171 0.15540 0.29703 -0.02727 -0.01840 0.03621  8   DG  A N3    
241 C  C4    . DG  A 8  ? 0.39220 0.14221 0.29362 -0.02417 -0.01478 0.03183  8   DG  A C4    
253 P  P     . DA  A 9  ? 0.38617 0.17546 0.30990 -0.01701 -0.01787 0.07990  9   DA  A P     
254 O  OP1   . DA  A 9  ? 0.38961 0.16766 0.33486 -0.01755 -0.00194 0.07906  9   DA  A OP1   
255 O  OP2   . DA  A 9  ? 0.39855 0.14500 0.30028 -0.02041 -0.02346 0.05894  9   DA  A OP2   
256 O  "O5'" . DA  A 9  ? 0.38652 0.17364 0.29596 -0.01173 -0.02212 0.07635  9   DA  A "O5'" 
257 C  "C5'" . DA  A 9  ? 0.38563 0.16771 0.31130 -0.01284 -0.01619 0.06908  9   DA  A "C5'" 
258 C  "C4'" . DA  A 9  ? 0.38586 0.17262 0.31425 -0.01997 -0.00666 0.05563  9   DA  A "C4'" 
259 O  "O4'" . DA  A 9  ? 0.38259 0.18200 0.31854 -0.02300 0.00052  0.05333  9   DA  A "O4'" 
260 C  "C3'" . DA  A 9  ? 0.36692 0.19934 0.31647 -0.02266 -0.01537 0.06831  9   DA  A "C3'" 
261 O  "O3'" . DA  A 9  ? 0.35412 0.20738 0.31363 -0.02578 -0.02840 0.07746  9   DA  A "O3'" 
262 C  "C2'" . DA  A 9  ? 0.37788 0.19760 0.31136 -0.02175 -0.00279 0.05800  9   DA  A "C2'" 
263 C  "C1'" . DA  A 9  ? 0.37891 0.18041 0.31602 -0.02679 -0.00527 0.04630  9   DA  A "C1'" 
264 N  N9    . DA  A 9  ? 0.38269 0.16143 0.32660 -0.03111 -0.01051 0.03273  9   DA  A N9    
265 C  C8    . DA  A 9  ? 0.38316 0.16163 0.32574 -0.03186 -0.01431 0.03181  9   DA  A C8    
266 N  N7    . DA  A 9  ? 0.38808 0.15938 0.32107 -0.03538 -0.01494 0.02460  9   DA  A N7    
267 C  C5    . DA  A 9  ? 0.39844 0.15428 0.32262 -0.03326 -0.00624 0.01727  9   DA  A C5    
268 C  C6    . DA  A 9  ? 0.38962 0.16341 0.32321 -0.03086 -0.01024 0.01869  9   DA  A C6    
269 N  N6    . DA  A 9  ? 0.36655 0.18116 0.32653 -0.02890 -0.01833 0.03064  9   DA  A N6    
270 N  N1    . DA  A 9  ? 0.39442 0.15199 0.32242 -0.03259 -0.01029 0.01173  9   DA  A N1    
271 C  C2    . DA  A 9  ? 0.39411 0.13744 0.31767 -0.02997 -0.00627 0.00504  9   DA  A C2    
272 N  N3    . DA  A 9  ? 0.39163 0.13438 0.32442 -0.03050 -0.00365 0.00755  9   DA  A N3    
273 C  C4    . DA  A 9  ? 0.39588 0.14512 0.32773 -0.03345 -0.00423 0.01630  9   DA  A C4    
285 P  P     . DC  A 10 ? 0.38048 0.18684 0.28712 -0.03135 -0.01772 0.05802  10  DC  A P     
286 O  OP1   . DC  A 10 ? 0.38532 0.19194 0.28478 -0.03303 -0.00978 0.05936  10  DC  A OP1   
287 O  OP2   . DC  A 10 ? 0.39361 0.18496 0.27126 -0.04226 -0.01516 0.04968  10  DC  A OP2   
288 O  "O5'" . DC  A 10 ? 0.37604 0.18623 0.33136 -0.01766 -0.00340 0.07406  10  DC  A "O5'" 
289 C  "C5'" . DC  A 10 ? 0.37194 0.18649 0.32880 -0.02041 0.00107  0.06543  10  DC  A "C5'" 
290 C  "C4'" . DC  A 10 ? 0.36904 0.20081 0.29998 -0.02483 0.00245  0.05106  10  DC  A "C4'" 
291 O  "O4'" . DC  A 10 ? 0.37059 0.21463 0.28041 -0.02308 0.00787  0.04728  10  DC  A "O4'" 
292 C  "C3'" . DC  A 10 ? 0.35669 0.22073 0.31741 -0.02070 0.00428  0.06501  10  DC  A "C3'" 
293 O  "O3'" . DC  A 10 ? 0.36672 0.21479 0.31662 -0.01950 0.00208  0.05972  10  DC  A "O3'" 
294 C  "C2'" . DC  A 10 ? 0.35380 0.23616 0.31567 -0.01725 0.01320  0.07180  10  DC  A "C2'" 
295 C  "C1'" . DC  A 10 ? 0.38502 0.20587 0.28324 -0.01886 0.02107  0.03958  10  DC  A "C1'" 
296 N  N1    . DC  A 10 ? 0.41156 0.17386 0.27771 -0.01194 0.03066  0.02131  10  DC  A N1    
297 C  C2    . DC  A 10 ? 0.41600 0.17340 0.25883 -0.00697 0.03171  0.01868  10  DC  A C2    
298 O  O2    . DC  A 10 ? 0.41726 0.17688 0.24779 -0.00313 0.03760  0.01673  10  DC  A O2    
299 N  N3    . DC  A 10 ? 0.42477 0.16320 0.25866 -0.00731 0.03592  0.01423  10  DC  A N3    
300 C  C4    . DC  A 10 ? 0.43129 0.14647 0.27297 -0.01060 0.04057  0.00905  10  DC  A C4    
301 N  N4    . DC  A 10 ? 0.44244 0.13480 0.28249 -0.01100 0.05356  0.00784  10  DC  A N4    
302 C  C5    . DC  A 10 ? 0.43235 0.13903 0.27515 -0.01079 0.03805  0.00289  10  DC  A C5    
303 C  C6    . DC  A 10 ? 0.42450 0.15079 0.28034 -0.00903 0.03334  0.01098  10  DC  A C6    
316 O  "O5'" . DG  B 1  ? 0.52065 0.28439 0.29359 -0.01344 0.03277  0.07235  1   DG  B "O5'" 
317 C  "C5'" . DG  B 1  ? 0.50511 0.25724 0.28898 -0.01588 0.03521  0.05262  1   DG  B "C5'" 
318 C  "C4'" . DG  B 1  ? 0.47583 0.22873 0.29106 -0.03089 0.02594  0.03193  1   DG  B "C4'" 
319 O  "O4'" . DG  B 1  ? 0.45631 0.21718 0.30344 -0.04233 0.01723  0.02607  1   DG  B "O4'" 
320 C  "C3'" . DG  B 1  ? 0.47191 0.21426 0.28786 -0.03431 0.02691  0.01956  1   DG  B "C3'" 
321 O  "O3'" . DG  B 1  ? 0.47251 0.22373 0.29108 -0.02802 0.02811  0.02709  1   DG  B "O3'" 
322 C  "C2'" . DG  B 1  ? 0.46984 0.20039 0.29880 -0.04199 0.03044  0.01050  1   DG  B "C2'" 
323 C  "C1'" . DG  B 1  ? 0.46536 0.19877 0.29920 -0.04464 0.02311  0.01009  1   DG  B "C1'" 
324 N  N9    . DG  B 1  ? 0.47889 0.17904 0.28340 -0.04492 0.02167  -0.00847 1   DG  B N9    
325 C  C8    . DG  B 1  ? 0.48712 0.17540 0.27721 -0.03988 0.02275  -0.00974 1   DG  B C8    
326 N  N7    . DG  B 1  ? 0.49621 0.16634 0.26418 -0.03640 0.02393  -0.01914 1   DG  B N7    
327 C  C5    . DG  B 1  ? 0.49496 0.16610 0.25857 -0.03912 0.01929  -0.02481 1   DG  B C5    
328 C  C6    . DG  B 1  ? 0.49903 0.17795 0.23325 -0.03788 0.01427  -0.02874 1   DG  B C6    
329 O  O6    . DG  B 1  ? 0.50424 0.22155 0.24454 -0.02209 0.01617  0.00832  1   DG  B O6    
330 N  N1    . DG  B 1  ? 0.48543 0.16218 0.22782 -0.04248 0.01462  -0.04554 1   DG  B N1    
331 C  C2    . DG  B 1  ? 0.47962 0.15386 0.25445 -0.04624 0.01444  -0.04073 1   DG  B C2    
332 N  N2    . DG  B 1  ? 0.47678 0.15055 0.27770 -0.04633 0.01186  -0.03206 1   DG  B N2    
333 N  N3    . DG  B 1  ? 0.48150 0.15501 0.26522 -0.04974 0.01508  -0.03457 1   DG  B N3    
334 C  C4    . DG  B 1  ? 0.48547 0.16141 0.26894 -0.04744 0.01740  -0.02669 1   DG  B C4    
347 SE SE1   . XCI B 2  ? 0.47241 0.26147 0.32056 -0.00225 0.06287  0.07150  2   XCI B SE1   
348 C  "C1'" . XCI B 2  ? 0.41130 0.18554 0.34969 -0.05858 0.04377  0.01561  2   XCI B "C1'" 
349 C  C2    . XCI B 2  ? 0.44162 0.15596 0.33454 -0.06650 0.03949  -0.01604 2   XCI B C2    
350 C  "C2'" . XCI B 2  ? 0.40629 0.19039 0.34025 -0.05750 0.04366  0.01753  2   XCI B "C2'" 
351 C  "C3'" . XCI B 2  ? 0.39861 0.20554 0.35788 -0.04906 0.04020  0.03900  2   XCI B "C3'" 
352 C  C4    . XCI B 2  ? 0.43353 0.17769 0.32320 -0.04274 0.04316  -0.00637 2   XCI B C4    
353 C  "C4'" . XCI B 2  ? 0.40379 0.22361 0.36193 -0.04127 0.04127  0.05230  2   XCI B "C4'" 
354 C  C5    . XCI B 2  ? 0.42263 0.18840 0.33959 -0.04583 0.03337  0.00862  2   XCI B C5    
355 C  "C5'" . XCI B 2  ? 0.43546 0.24697 0.33230 -0.01875 0.04830  0.06197  2   XCI B "C5'" 
356 C  C6    . XCI B 2  ? 0.42536 0.18422 0.34525 -0.05544 0.03300  0.00864  2   XCI B C6    
357 C  C7    . XCI B 2  ? 0.42306 0.18947 0.33570 -0.04239 0.02884  0.00860  2   XCI B C7    
358 N  N1    . XCI B 2  ? 0.43086 0.16920 0.33377 -0.06376 0.03655  -0.00475 2   XCI B N1    
359 N  N3    . XCI B 2  ? 0.44550 0.16854 0.32949 -0.05145 0.04589  -0.00848 2   XCI B N3    
360 O  O2    . XCI B 2  ? 0.42866 0.14964 0.36033 -0.07521 0.03073  -0.01241 2   XCI B O2    
361 O  "O3'" . XCI B 2  ? 0.39117 0.20619 0.36817 -0.03886 0.03442  0.05034  2   XCI B "O3'" 
362 O  O4    . XCI B 2  ? 0.42536 0.17480 0.30367 -0.03548 0.04194  -0.01637 2   XCI B O4    
363 O  "O4'" . XCI B 2  ? 0.40201 0.20703 0.37730 -0.05042 0.04625  0.04217  2   XCI B "O4'" 
364 O  OP1   . XCI B 2  ? 0.48613 0.20650 0.32160 -0.02056 0.04508  0.02908  2   XCI B OP1   
365 O  OP2   . XCI B 2  ? 0.50068 0.19530 0.29985 -0.01388 0.04823  0.00529  2   XCI B OP2   
366 P  P     . XCI B 2  ? 0.48231 0.22311 0.31351 -0.01668 0.04283  0.03490  2   XCI B P     
379 P  P     . DC  B 3  ? 0.40021 0.18267 0.35815 -0.03320 0.02872  0.03471  3   DC  B P     
380 O  OP1   . DC  B 3  ? 0.41590 0.19683 0.36509 -0.03806 0.03317  0.03910  3   DC  B OP1   
381 O  OP2   . DC  B 3  ? 0.39591 0.15482 0.35850 -0.02222 0.03023  0.02220  3   DC  B OP2   
382 O  "O5'" . DC  B 3  ? 0.38445 0.18708 0.36420 -0.04143 0.02287  0.03802  3   DC  B "O5'" 
383 C  "C5'" . DC  B 3  ? 0.38763 0.19364 0.34146 -0.04235 0.03255  0.03070  3   DC  B "C5'" 
384 C  "C4'" . DC  B 3  ? 0.38806 0.21372 0.30455 -0.03550 0.03603  0.03227  3   DC  B "C4'" 
385 O  "O4'" . DC  B 3  ? 0.37891 0.22112 0.30580 -0.03095 0.03170  0.04588  3   DC  B "O4'" 
386 C  "C3'" . DC  B 3  ? 0.38185 0.23755 0.31763 -0.02595 0.04058  0.04795  3   DC  B "C3'" 
387 O  "O3'" . DC  B 3  ? 0.37667 0.25816 0.33760 -0.01289 0.04964  0.05907  3   DC  B "O3'" 
388 C  "C2'" . DC  B 3  ? 0.39527 0.21884 0.31812 -0.02996 0.04179  0.04041  3   DC  B "C2'" 
389 C  "C1'" . DC  B 3  ? 0.38937 0.21169 0.31646 -0.03400 0.03270  0.03912  3   DC  B "C1'" 
390 N  N1    . DC  B 3  ? 0.38784 0.19887 0.32423 -0.03913 0.02245  0.02963  3   DC  B N1    
391 C  C2    . DC  B 3  ? 0.38918 0.20436 0.32569 -0.04053 0.01990  0.02702  3   DC  B C2    
392 O  O2    . DC  B 3  ? 0.38213 0.22044 0.30316 -0.03586 0.01894  0.02591  3   DC  B O2    
393 N  N3    . DC  B 3  ? 0.39862 0.19194 0.34457 -0.04354 0.01798  0.02548  3   DC  B N3    
394 C  C4    . DC  B 3  ? 0.41198 0.17255 0.31360 -0.04303 0.01760  0.00268  3   DC  B C4    
395 N  N4    . DC  B 3  ? 0.41105 0.17037 0.30061 -0.03932 0.02205  -0.00670 3   DC  B N4    
396 C  C5    . DC  B 3  ? 0.40845 0.16807 0.31312 -0.04100 0.01515  0.00507  3   DC  B C5    
397 C  C6    . DC  B 3  ? 0.39331 0.17798 0.32454 -0.04012 0.01630  0.01824  3   DC  B C6    
409 P  P     . DC  B 4  ? 0.40262 0.22318 0.33493 -0.02510 0.05475  0.02156  4   DC  B P     
410 O  OP1   . DC  B 4  ? 0.41255 0.25129 0.33998 -0.03677 0.05864  0.03181  4   DC  B OP1   
411 O  OP2   . DC  B 4  ? 0.41495 0.19977 0.37111 -0.02596 0.05989  0.01175  4   DC  B OP2   
412 O  "O5'" . DC  B 4  ? 0.37523 0.21342 0.33488 -0.01705 0.04552  0.02374  4   DC  B "O5'" 
413 C  "C5'" . DC  B 4  ? 0.36364 0.21109 0.35411 -0.02348 0.03720  0.02963  4   DC  B "C5'" 
414 C  "C4'" . DC  B 4  ? 0.35571 0.22392 0.35230 -0.02033 0.03334  0.03806  4   DC  B "C4'" 
415 O  "O4'" . DC  B 4  ? 0.35450 0.21168 0.34435 -0.02178 0.03081  0.03063  4   DC  B "O4'" 
416 C  "C3'" . DC  B 4  ? 0.35651 0.24606 0.34786 -0.01322 0.03173  0.04668  4   DC  B "C3'" 
417 O  "O3'" . DC  B 4  ? 0.37533 0.25002 0.32448 -0.00910 0.04448  0.03024  4   DC  B "O3'" 
418 C  "C2'" . DC  B 4  ? 0.36070 0.23696 0.35827 -0.01541 0.02559  0.04898  4   DC  B "C2'" 
419 C  "C1'" . DC  B 4  ? 0.36496 0.20814 0.34883 -0.02012 0.02636  0.03032  4   DC  B "C1'" 
420 N  N1    . DC  B 4  ? 0.37250 0.17759 0.33954 -0.02576 0.02264  0.00928  4   DC  B N1    
421 C  C2    . DC  B 4  ? 0.37771 0.16348 0.33734 -0.03326 0.01997  -0.00105 4   DC  B C2    
422 O  O2    . DC  B 4  ? 0.37174 0.16818 0.33812 -0.02775 0.02193  0.00666  4   DC  B O2    
423 N  N3    . DC  B 4  ? 0.37607 0.16269 0.35647 -0.03913 0.01562  0.00220  4   DC  B N3    
424 C  C4    . DC  B 4  ? 0.37134 0.16933 0.35076 -0.03865 0.01552  0.00281  4   DC  B C4    
425 N  N4    . DC  B 4  ? 0.36461 0.18625 0.34587 -0.04027 0.02014  0.00643  4   DC  B N4    
426 C  C5    . DC  B 4  ? 0.37191 0.16470 0.35362 -0.02795 0.01840  0.00573  4   DC  B C5    
427 C  C6    . DC  B 4  ? 0.36560 0.17483 0.36320 -0.02000 0.02328  0.01809  4   DC  B C6    
439 P  P     . DC  B 5  ? 0.37899 0.25864 0.33670 -0.01191 0.05017  0.02988  5   DC  B P     
440 O  OP1   . DC  B 5  ? 0.38584 0.29146 0.34993 -0.01647 0.05508  0.04538  5   DC  B OP1   
441 O  OP2   . DC  B 5  ? 0.37376 0.25793 0.36094 -0.01281 0.04932  0.03031  5   DC  B OP2   
442 O  "O5'" . DC  B 5  ? 0.35792 0.24389 0.34251 -0.00631 0.04228  0.03681  5   DC  B "O5'" 
443 C  "C5'" . DC  B 5  ? 0.34873 0.23377 0.34363 -0.00981 0.03281  0.04022  5   DC  B "C5'" 
444 C  "C4'" . DC  B 5  ? 0.34876 0.23609 0.33379 -0.01447 0.02632  0.04339  5   DC  B "C4'" 
445 O  "O4'" . DC  B 5  ? 0.34467 0.23362 0.32764 -0.01451 0.02146  0.04555  5   DC  B "O4'" 
446 C  "C3'" . DC  B 5  ? 0.34630 0.25126 0.32847 -0.01425 0.02695  0.04964  5   DC  B "C3'" 
447 O  "O3'" . DC  B 5  ? 0.34925 0.27157 0.32881 -0.01763 0.03153  0.05227  5   DC  B "O3'" 
448 C  "C2'" . DC  B 5  ? 0.34306 0.23457 0.32370 -0.01320 0.02005  0.04588  5   DC  B "C2'" 
449 C  "C1'" . DC  B 5  ? 0.34171 0.22119 0.34042 -0.01668 0.01530  0.04736  5   DC  B "C1'" 
450 N  N1    . DC  B 5  ? 0.33887 0.18869 0.36738 -0.02426 0.00778  0.04141  5   DC  B N1    
451 C  C2    . DC  B 5  ? 0.33248 0.17790 0.35965 -0.02374 0.01895  0.03197  5   DC  B C2    
452 O  O2    . DC  B 5  ? 0.33704 0.18577 0.33541 -0.02693 0.01974  0.03188  5   DC  B O2    
453 N  N3    . DC  B 5  ? 0.32518 0.16421 0.36324 -0.02654 0.02179  0.01734  5   DC  B N3    
454 C  C4    . DC  B 5  ? 0.33242 0.16666 0.36755 -0.03107 0.01811  0.01542  5   DC  B C4    
455 N  N4    . DC  B 5  ? 0.33914 0.16671 0.35268 -0.03327 0.01889  0.00827  5   DC  B N4    
456 C  C5    . DC  B 5  ? 0.34576 0.16843 0.36994 -0.03064 0.01074  0.02006  5   DC  B C5    
457 C  C6    . DC  B 5  ? 0.34726 0.17393 0.37414 -0.02726 0.00478  0.03177  5   DC  B C6    
469 P  P     . DG  B 6  ? 0.35230 0.27743 0.35090 -0.02046 0.03093  0.06086  6   DG  B P     
470 O  OP1   . DG  B 6  ? 0.36376 0.26911 0.33866 -0.03316 0.03843  0.03861  6   DG  B OP1   
471 O  OP2   . DG  B 6  ? 0.35115 0.27606 0.37282 -0.02379 0.02471  0.06442  6   DG  B OP2   
472 O  "O5'" . DG  B 6  ? 0.37557 0.26873 0.32413 -0.00366 0.03099  0.06340  6   DG  B "O5'" 
473 C  "C5'" . DG  B 6  ? 0.37736 0.26592 0.29574 0.00866  0.01520  0.07208  6   DG  B "C5'" 
474 C  "C4'" . DG  B 6  ? 0.37875 0.25128 0.28059 0.01181  0.01221  0.06699  6   DG  B "C4'" 
475 O  "O4'" . DG  B 6  ? 0.37841 0.24149 0.28032 0.01594  0.00091  0.07574  6   DG  B "O4'" 
476 C  "C3'" . DG  B 6  ? 0.37767 0.25226 0.29850 0.00485  0.02575  0.06272  6   DG  B "C3'" 
477 O  "O3'" . DG  B 6  ? 0.38536 0.24089 0.28388 -0.00825 0.04157  0.03513  6   DG  B "O3'" 
478 C  "C2'" . DG  B 6  ? 0.38327 0.24184 0.30562 0.00839  0.01422  0.06967  6   DG  B "C2'" 
479 C  "C1'" . DG  B 6  ? 0.39019 0.21934 0.29830 0.01344  0.00492  0.06893  6   DG  B "C1'" 
480 N  N9    . DG  B 6  ? 0.39242 0.17690 0.30471 0.01186  -0.00113 0.05819  6   DG  B N9    
481 C  C8    . DG  B 6  ? 0.38936 0.16787 0.30140 0.01345  -0.00077 0.05773  6   DG  B C8    
482 N  N7    . DG  B 6  ? 0.37897 0.17232 0.30384 0.01326  -0.00920 0.06507  6   DG  B N7    
483 C  C5    . DG  B 6  ? 0.38221 0.15746 0.30686 0.01199  -0.00807 0.05087  6   DG  B C5    
484 C  C6    . DG  B 6  ? 0.38238 0.14939 0.30076 0.00940  -0.00111 0.03275  6   DG  B C6    
485 O  O6    . DG  B 6  ? 0.38324 0.14081 0.29538 0.00456  -0.00231 0.01917  6   DG  B O6    
486 N  N1    . DG  B 6  ? 0.38028 0.16331 0.28694 0.01618  -0.00018 0.03670  6   DG  B N1    
487 C  C2    . DG  B 6  ? 0.38343 0.17524 0.28466 0.02384  -0.00218 0.04420  6   DG  B C2    
488 N  N2    . DG  B 6  ? 0.37647 0.20053 0.26943 0.02421  -0.01343 0.05071  6   DG  B N2    
489 N  N3    . DG  B 6  ? 0.37964 0.16168 0.31130 0.02186  -0.00482 0.05105  6   DG  B N3    
490 C  C4    . DG  B 6  ? 0.38886 0.15880 0.30727 0.01466  -0.00595 0.05072  6   DG  B C4    
502 P  P     . DG  B 7  ? 0.39807 0.22598 0.27957 -0.01211 0.03787  0.02930  7   DG  B P     
503 O  OP1   . DG  B 7  ? 0.37832 0.29221 0.30130 0.00121  0.03875  0.08030  7   DG  B OP1   
504 O  OP2   . DG  B 7  ? 0.40119 0.23533 0.31091 -0.00316 0.04935  0.04527  7   DG  B OP2   
505 O  "O5'" . DG  B 7  ? 0.39575 0.21478 0.31110 -0.00505 0.02367  0.04757  7   DG  B "O5'" 
506 C  "C5'" . DG  B 7  ? 0.38299 0.22419 0.31125 0.00612  0.00483  0.07032  7   DG  B "C5'" 
507 C  "C4'" . DG  B 7  ? 0.37815 0.21977 0.29552 0.01606  -0.00471 0.07718  7   DG  B "C4'" 
508 O  "O4'" . DG  B 7  ? 0.37667 0.19466 0.29950 0.02299  -0.00748 0.07660  7   DG  B "O4'" 
509 C  "C3'" . DG  B 7  ? 0.38273 0.22438 0.28122 0.02038  -0.00602 0.07744  7   DG  B "C3'" 
510 O  "O3'" . DG  B 7  ? 0.38367 0.22302 0.28504 0.01600  -0.00054 0.07002  7   DG  B "O3'" 
511 C  "C2'" . DG  B 7  ? 0.38042 0.21585 0.29066 0.02869  -0.01097 0.08603  7   DG  B "C2'" 
512 C  "C1'" . DG  B 7  ? 0.38509 0.18959 0.30155 0.03076  -0.01187 0.08066  7   DG  B "C1'" 
513 N  N9    . DG  B 7  ? 0.40338 0.16488 0.29887 0.03650  -0.01894 0.07250  7   DG  B N9    
514 C  C8    . DG  B 7  ? 0.41056 0.16537 0.30140 0.03886  -0.02267 0.07595  7   DG  B C8    
515 N  N7    . DG  B 7  ? 0.41695 0.17627 0.31051 0.04285  -0.01970 0.08344  7   DG  B N7    
516 C  C5    . DG  B 7  ? 0.40163 0.18444 0.31586 0.04107  -0.02357 0.08654  7   DG  B C5    
517 C  C6    . DG  B 7  ? 0.39797 0.19695 0.29650 0.04262  -0.02877 0.07868  7   DG  B C6    
518 O  O6    . DG  B 7  ? 0.37137 0.23572 0.29585 0.04941  -0.03812 0.09418  7   DG  B O6    
519 N  N1    . DG  B 7  ? 0.40052 0.18599 0.30612 0.04267  -0.03078 0.08049  7   DG  B N1    
520 C  C2    . DG  B 7  ? 0.40199 0.17630 0.30204 0.04228  -0.03093 0.07289  7   DG  B C2    
521 N  N2    . DG  B 7  ? 0.39008 0.18328 0.31266 0.04208  -0.03702 0.07476  7   DG  B N2    
522 N  N3    . DG  B 7  ? 0.39480 0.17498 0.31454 0.04294  -0.02707 0.08293  7   DG  B N3    
523 C  C4    . DG  B 7  ? 0.39548 0.17662 0.32233 0.04183  -0.02243 0.08824  7   DG  B C4    
535 P  P     . DG  B 8  ? 0.38030 0.22198 0.32105 0.01462  0.00152  0.07949  8   DG  B P     
536 O  OP1   . DG  B 8  ? 0.37570 0.25353 0.33520 0.01890  0.01166  0.09342  8   DG  B OP1   
537 O  OP2   . DG  B 8  ? 0.38149 0.19414 0.35220 0.01663  0.00162  0.07913  8   DG  B OP2   
538 O  "O5'" . DG  B 8  ? 0.36148 0.23731 0.31904 0.01301  -0.01826 0.09252  8   DG  B "O5'" 
539 C  "C5'" . DG  B 8  ? 0.34101 0.24603 0.31569 0.01399  -0.02387 0.09905  8   DG  B "C5'" 
540 C  "C4'" . DG  B 8  ? 0.33487 0.24047 0.30758 0.01563  -0.02403 0.09701  8   DG  B "C4'" 
541 O  "O4'" . DG  B 8  ? 0.33676 0.22748 0.29529 0.02619  -0.02977 0.09412  8   DG  B "O4'" 
542 C  "C3'" . DG  B 8  ? 0.33993 0.24376 0.29643 0.00482  -0.02165 0.09196  8   DG  B "C3'" 
543 O  "O3'" . DG  B 8  ? 0.35199 0.24832 0.28232 -0.00791 -0.01638 0.08332  8   DG  B "O3'" 
544 C  "C2'" . DG  B 8  ? 0.33492 0.23530 0.30191 0.01513  -0.02569 0.09738  8   DG  B "C2'" 
545 C  "C1'" . DG  B 8  ? 0.33131 0.22547 0.31205 0.02983  -0.02885 0.10504  8   DG  B "C1'" 
546 N  N9    . DG  B 8  ? 0.31914 0.19556 0.31574 0.03381  -0.03919 0.10187  8   DG  B N9    
547 C  C8    . DG  B 8  ? 0.31347 0.18493 0.32103 0.03578  -0.04242 0.10563  8   DG  B C8    
548 N  N7    . DG  B 8  ? 0.31448 0.17746 0.31389 0.03516  -0.04291 0.09982  8   DG  B N7    
549 C  C5    . DG  B 8  ? 0.30617 0.19620 0.32417 0.03603  -0.04401 0.11093  8   DG  B C5    
550 C  C6    . DG  B 8  ? 0.30185 0.20577 0.31451 0.02909  -0.04283 0.10347  8   DG  B C6    
551 O  O6    . DG  B 8  ? 0.28908 0.20174 0.29600 0.02055  -0.03516 0.08770  8   DG  B O6    
552 N  N1    . DG  B 8  ? 0.30265 0.21308 0.32750 0.02623  -0.05178 0.10867  8   DG  B N1    
553 C  C2    . DG  B 8  ? 0.29895 0.20891 0.32366 0.03192  -0.04770 0.10624  8   DG  B C2    
554 N  N2    . DG  B 8  ? 0.28566 0.21758 0.32449 0.03581  -0.05285 0.11347  8   DG  B N2    
555 N  N3    . DG  B 8  ? 0.29420 0.19995 0.33048 0.03076  -0.04722 0.10657  8   DG  B N3    
556 C  C4    . DG  B 8  ? 0.30247 0.19465 0.32961 0.03334  -0.04574 0.10801  8   DG  B C4    
568 P  P     . DA  B 9  ? 0.35033 0.24203 0.30397 -0.01590 -0.01721 0.08685  9   DA  B P     
569 O  OP1   . DA  B 9  ? 0.36361 0.24413 0.29149 -0.02037 -0.00146 0.07552  9   DA  B OP1   
570 O  OP2   . DA  B 9  ? 0.33949 0.21455 0.33389 -0.02988 -0.03685 0.07993  9   DA  B OP2   
571 O  "O5'" . DA  B 9  ? 0.33268 0.23660 0.30886 -0.01714 -0.03484 0.08917  9   DA  B "O5'" 
572 C  "C5'" . DA  B 9  ? 0.32963 0.24349 0.33051 -0.00790 -0.04306 0.09994  9   DA  B "C5'" 
573 C  "C4'" . DA  B 9  ? 0.33596 0.25961 0.33186 0.00208  -0.04677 0.10403  9   DA  B "C4'" 
574 O  "O4'" . DA  B 9  ? 0.33296 0.26516 0.32051 0.01754  -0.04917 0.10752  9   DA  B "O4'" 
575 C  "C3'" . DA  B 9  ? 0.35123 0.27588 0.33672 -0.00304 -0.04898 0.10436  9   DA  B "C3'" 
576 O  "O3'" . DA  B 9  ? 0.37346 0.27866 0.34151 -0.01353 -0.05234 0.09881  9   DA  B "O3'" 
577 C  "C2'" . DA  B 9  ? 0.33964 0.27844 0.33185 0.00737  -0.05144 0.10832  9   DA  B "C2'" 
578 C  "C1'" . DA  B 9  ? 0.32883 0.26767 0.33203 0.02359  -0.05348 0.11077  9   DA  B "C1'" 
579 N  N9    . DA  B 9  ? 0.31848 0.25969 0.34316 0.03895  -0.06315 0.11285  9   DA  B N9    
580 C  C8    . DA  B 9  ? 0.30827 0.26119 0.36977 0.04025  -0.06406 0.12195  9   DA  B C8    
581 N  N7    . DA  B 9  ? 0.29988 0.26475 0.37910 0.03542  -0.06622 0.12223  9   DA  B N7    
582 C  C5    . DA  B 9  ? 0.30458 0.28221 0.36904 0.04154  -0.06281 0.12590  9   DA  B C5    
583 C  C6    . DA  B 9  ? 0.30197 0.29640 0.36126 0.03208  -0.06806 0.12073  9   DA  B C6    
584 N  N6    . DA  B 9  ? 0.29523 0.31874 0.36897 0.01925  -0.07041 0.12834  9   DA  B N6    
585 N  N1    . DA  B 9  ? 0.29497 0.29003 0.36553 0.04237  -0.06934 0.12346  9   DA  B N1    
586 C  C2    . DA  B 9  ? 0.28754 0.29252 0.36497 0.05301  -0.07219 0.13371  9   DA  B C2    
587 N  N3    . DA  B 9  ? 0.29606 0.28822 0.35685 0.05838  -0.07095 0.13495  9   DA  B N3    
588 C  C4    . DA  B 9  ? 0.30970 0.27447 0.35206 0.05004  -0.06488 0.12342  9   DA  B C4    
600 P  P     . DC  B 10 ? 0.37497 0.28115 0.34992 -0.01182 -0.05587 0.10550  10  DC  B P     
601 O  OP1   . DC  B 10 ? 0.39160 0.28203 0.34370 -0.01592 -0.05270 0.10177  10  DC  B OP1   
602 O  OP2   . DC  B 10 ? 0.37276 0.29223 0.36244 -0.00212 -0.05400 0.11784  10  DC  B OP2   
603 O  "O5'" . DC  B 10 ? 0.37519 0.25332 0.35942 -0.01466 -0.04798 0.09085  10  DC  B "O5'" 
604 C  "C5'" . DC  B 10 ? 0.37790 0.23438 0.35074 -0.00818 -0.03820 0.07594  10  DC  B "C5'" 
605 C  "C4'" . DC  B 10 ? 0.37558 0.23155 0.32980 -0.00685 -0.03969 0.06339  10  DC  B "C4'" 
606 O  "O4'" . DC  B 10 ? 0.36216 0.23051 0.33927 -0.00790 -0.04974 0.06877  10  DC  B "O4'" 
607 C  "C3'" . DC  B 10 ? 0.36902 0.24364 0.33157 -0.01062 -0.03446 0.06342  10  DC  B "C3'" 
608 O  "O3'" . DC  B 10 ? 0.36673 0.28455 0.32315 -0.01332 -0.02665 0.07504  10  DC  B "O3'" 
609 C  "C2'" . DC  B 10 ? 0.35402 0.22797 0.34984 -0.00916 -0.04169 0.06619  10  DC  B "C2'" 
610 C  "C1'" . DC  B 10 ? 0.34206 0.21963 0.34745 -0.00851 -0.05356 0.06677  10  DC  B "C1'" 
611 N  N1    . DC  B 10 ? 0.32981 0.20053 0.35968 -0.00419 -0.05403 0.06578  10  DC  B N1    
612 C  C2    . DC  B 10 ? 0.32487 0.19306 0.36210 -0.00820 -0.05293 0.06177  10  DC  B C2    
613 O  O2    . DC  B 10 ? 0.31078 0.19391 0.36894 -0.01291 -0.05958 0.06493  10  DC  B O2    
614 N  N3    . DC  B 10 ? 0.32232 0.18752 0.35709 -0.00775 -0.05154 0.05860  10  DC  B N3    
615 C  C4    . DC  B 10 ? 0.32873 0.18395 0.36035 0.00008  -0.04889 0.06175  10  DC  B C4    
616 N  N4    . DC  B 10 ? 0.33370 0.17330 0.37243 -0.00332 -0.05262 0.06179  10  DC  B N4    
617 C  C5    . DC  B 10 ? 0.32168 0.18795 0.36410 0.00283  -0.05049 0.06746  10  DC  B C5    
618 C  C6    . DC  B 10 ? 0.32661 0.18602 0.36250 -0.00154 -0.05259 0.06202  10  DC  B C6    
631 BA BA    . BA  C .  ? 0.31573 0.24802 0.27398 -0.04073 0.01996  -0.00003 101 BA  A BA    
632 NA NA    . NA  D .  ? 0.32372 0.51728 0.41453 -0.04895 -0.01357 0.05367  102 NA  A NA    
633 CL CL    . CL  E .  ? 0.23274 0.31112 0.29618 -0.02379 0.01584  0.01002  103 CL  A CL    
634 N  N1    . SPM F .  ? 0.54694 0.31415 0.53744 0.03624  -0.04783 0.04168  101 SPM B N1    
635 C  C2    . SPM F .  ? 0.54364 0.31217 0.53842 0.03731  -0.04270 0.04280  101 SPM B C2    
636 C  C3    . SPM F .  ? 0.54281 0.30772 0.53329 0.03425  -0.03757 0.03965  101 SPM B C3    
637 C  C4    . SPM F .  ? 0.54233 0.31945 0.52995 0.02865  -0.03509 0.04599  101 SPM B C4    
638 N  N5    . SPM F .  ? 0.54279 0.34092 0.52953 0.02040  -0.03571 0.05720  101 SPM B N5    
639 C  C6    . SPM F .  ? 0.54424 0.34401 0.53018 0.01594  -0.03052 0.05651  101 SPM B C6    
640 C  C7    . SPM F .  ? 0.54876 0.33512 0.52465 0.01157  -0.02587 0.04669  101 SPM B C7    
641 C  C8    . SPM F .  ? 0.54138 0.34107 0.52388 0.01182  -0.02779 0.05078  101 SPM B C8    
642 C  C9    . SPM F .  ? 0.53226 0.35081 0.52296 0.01672  -0.03232 0.05932  101 SPM B C9    
643 N  N10   . SPM F .  ? 0.52466 0.34958 0.51859 0.02022  -0.04086 0.06163  101 SPM B N10   
644 C  C11   . SPM F .  ? 0.52415 0.34471 0.51517 0.01962  -0.04371 0.05828  101 SPM B C11   
645 C  C12   . SPM F .  ? 0.52019 0.35354 0.51150 0.01684  -0.04265 0.05903  101 SPM B C12   
646 C  C13   . SPM F .  ? 0.51636 0.37242 0.50675 0.01591  -0.03900 0.06425  101 SPM B C13   
647 N  N14   . SPM F .  ? 0.52799 0.37981 0.49723 0.01399  -0.03081 0.05995  101 SPM B N14   
674 BA BA    . BA  G .  ? 0.29273 0.25647 0.25003 0.01187  -0.00942 0.07638  102 BA  B BA    
675 NA NA    . NA  H .  ? 0.41780 0.45120 0.55423 0.07405  -0.05716 0.02687  103 NA  B NA    
676 O  O     . HOH I .  ? 0.36783 0.28313 0.25767 0.15633  0.01059  0.07341  201 HOH A O     
677 O  O     . HOH I .  ? 0.45669 0.18859 0.41625 -0.08070 0.02232  0.09382  202 HOH A O     
678 O  O     . HOH I .  ? 0.27649 0.43785 0.54089 -0.06065 0.04250  -0.03595 203 HOH A O     
679 O  O     . HOH I .  ? 0.42914 0.42584 0.31926 -0.01138 0.12206  -0.03346 204 HOH A O     
680 O  O     . HOH I .  ? 0.62898 0.39714 0.19210 -0.05236 0.03546  0.05056  205 HOH A O     
681 O  O     . HOH I .  ? 0.25660 0.26879 0.20874 -0.13794 0.05159  -0.01500 206 HOH A O     
682 O  O     . HOH I .  ? 0.60131 0.50361 0.31852 0.06615  0.02976  -0.01211 207 HOH A O     
683 O  O     . HOH I .  ? 0.46046 0.28680 0.30117 0.00875  0.04279  0.15461  208 HOH A O     
684 O  O     . HOH I .  ? 0.56550 0.28554 0.25399 0.06836  -0.06401 0.08537  209 HOH A O     
685 O  O     A HOH I .  ? 0.54579 0.31595 0.34209 -0.18317 -0.09100 -0.03421 210 HOH A O     
686 O  O     B HOH I .  ? 0.53095 0.32514 0.28494 -0.20132 -0.02481 -0.04423 210 HOH A O     
687 O  O     . HOH I .  ? 0.49204 0.18264 0.24325 -0.10884 0.04768  -0.01879 211 HOH A O     
688 O  O     . HOH I .  ? 0.45550 0.35547 0.33795 0.02566  -0.02419 -0.03611 212 HOH A O     
689 O  O     A HOH I .  ? 0.39939 0.35582 0.40323 0.02977  -0.04395 0.04437  213 HOH A O     
690 O  O     B HOH I .  ? 0.37244 0.34415 0.44395 -0.04399 -0.01220 0.00017  213 HOH A O     
691 O  O     . HOH I .  ? 0.26828 0.33749 0.56386 0.07804  0.05194  0.10646  214 HOH A O     
692 O  O     . HOH I .  ? 0.46653 0.29559 0.39461 0.00396  -0.01278 0.05369  215 HOH A O     
693 O  O     . HOH I .  ? 0.17403 0.52617 0.32143 0.01512  0.01079  0.18617  216 HOH A O     
694 O  O     A HOH I .  ? 0.33235 0.21660 0.23318 -0.10569 0.07915  0.02433  217 HOH A O     
695 O  O     B HOH I .  ? 0.25428 0.31613 0.21592 -0.06084 0.10328  0.04468  217 HOH A O     
696 O  O     . HOH I .  ? 0.57952 0.46526 0.36625 -0.04986 0.12467  0.01260  218 HOH A O     
697 O  O     . HOH I .  ? 0.39973 0.27994 0.61315 -0.06422 0.04849  -0.04479 219 HOH A O     
698 O  O     . HOH I .  ? 0.50469 0.52420 0.42184 0.20551  -0.16346 0.04649  220 HOH A O     
699 O  O     . HOH I .  ? 0.38521 0.18364 0.53368 -0.07392 -0.03600 0.05943  221 HOH A O     
700 O  O     . HOH I .  ? 0.57674 0.35030 0.50619 -0.00660 -0.02998 0.18455  222 HOH A O     
701 O  O     . HOH I .  ? 0.40657 0.53533 0.36373 0.03458  -0.09637 0.09051  223 HOH A O     
702 O  O     . HOH J .  ? 0.56264 0.21945 0.34224 0.02740  -0.01165 0.10774  201 HOH B O     
703 O  O     . HOH J .  ? 0.46716 0.15121 0.28096 0.02736  -0.01439 0.04964  202 HOH B O     
704 O  O     . HOH J .  ? 0.20556 0.36889 0.20859 -0.02151 0.00095  0.13905  203 HOH B O     
705 O  O     . HOH J .  ? 0.16725 0.40366 0.35501 -0.00241 -0.07963 0.01486  204 HOH B O     
706 O  O     . HOH J .  ? 0.37263 0.30723 0.44357 0.09046  -0.18348 0.03005  205 HOH B O     
707 O  O     . HOH J .  ? 0.51124 0.50692 0.22287 0.04211  -0.07567 0.11041  206 HOH B O     
708 O  O     . HOH J .  ? 0.41090 0.27793 0.20539 0.02760  -0.01911 0.07941  207 HOH B O     
709 O  O     . HOH J .  ? 0.26780 0.17737 0.30567 0.10065  -0.03409 0.04600  208 HOH B O     
710 O  O     . HOH J .  ? 0.44465 0.57743 0.62895 0.04017  -0.01797 0.06587  209 HOH B O     
711 O  O     . HOH J .  ? 0.32115 0.26593 0.42565 0.08287  -0.05446 0.10052  210 HOH B O     
712 O  O     . HOH J .  ? 0.36424 0.32832 0.45386 0.00605  -0.01728 0.07777  211 HOH B O     
713 O  O     . HOH J .  ? 0.43089 0.34825 0.44949 -0.05453 0.00920  -0.06961 212 HOH B O     
714 O  O     . HOH J .  ? 0.49761 0.36952 0.47010 0.01795  0.01312  -0.05942 213 HOH B O     
715 O  O     . HOH J .  ? 0.34783 0.33347 0.40673 0.05842  -0.07568 0.08294  214 HOH B O     
716 O  O     . HOH J .  ? 0.23892 0.60150 0.48510 -0.14387 0.01568  0.07620  215 HOH B O     
717 O  O     . HOH J .  ? 0.41601 0.30958 0.36253 -0.02539 0.04096  0.00919  216 HOH B O     
718 O  O     . HOH J .  ? 0.48152 0.38881 0.30100 0.15498  -0.02776 0.12550  217 HOH B O     
719 O  O     . HOH J .  ? 0.44526 0.45050 0.53177 0.02914  -0.01706 0.00204  218 HOH B O     
720 O  O     . HOH J .  ? 0.33425 0.38462 0.44836 0.00222  -0.00276 0.09315  219 HOH B O     
721 O  O     . HOH J .  ? 0.48643 0.35426 0.33014 0.00384  -0.01864 -0.01755 220 HOH B O     
722 O  O     . HOH J .  ? 0.51422 0.51448 0.26873 -0.18836 0.06353  0.04066  221 HOH B O     
723 O  O     . HOH J .  ? 0.41775 0.30791 0.43536 -0.02811 -0.05880 0.06099  222 HOH B O     
724 O  O     . HOH J .  ? 0.31428 0.53022 0.39343 -0.02618 0.03782  -0.01837 223 HOH B O     
725 O  O     . HOH J .  ? 0.28588 0.19510 0.45745 -0.07050 0.09728  0.01563  224 HOH B O     
726 O  O     . HOH J .  ? 0.31268 0.45877 0.62918 -0.09899 0.10008  0.03442  225 HOH B O     
727 O  O     . HOH J .  ? 0.46484 0.32455 0.45974 0.01584  -0.01035 -0.03582 226 HOH B O     
728 O  O     . HOH J .  ? 0.30143 0.36449 0.43331 -0.03382 -0.03946 0.10603  227 HOH B O     
729 O  O     . HOH J .  ? 0.33330 0.42969 0.24094 -0.08973 0.02914  0.08686  228 HOH B O     
730 O  O     . HOH J .  ? 0.45738 0.32310 0.46355 0.03858  -0.05970 -0.04355 229 HOH B O     
731 O  O     A HOH J .  ? 0.15773 0.14717 0.10503 0.02427  -0.02793 0.04965  230 HOH B O     
732 O  O     B HOH J .  ? 0.18235 0.15153 0.11495 0.02339  -0.02500 0.05726  230 HOH B O     
733 O  O     . HOH J .  ? 0.41129 0.49168 0.37206 -0.02999 0.01126  0.02575  231 HOH B O     
734 O  O     . HOH J .  ? 0.28131 0.44841 0.43851 0.11377  -0.01268 0.12628  232 HOH B O     
735 O  O     . HOH J .  ? 0.38651 0.48035 0.37976 -0.05312 0.05752  -0.00836 233 HOH B O     
736 O  O     . HOH J .  ? 0.62439 0.36490 0.35724 0.03261  -0.00768 0.18702  234 HOH B O     
737 O  O     . HOH J .  ? 0.35521 0.68306 0.27516 0.04494  0.02045  0.18365  235 HOH B O     
738 O  O     . HOH J .  ? 0.41951 0.21470 0.41892 -0.04629 0.06933  0.11877  236 HOH B O     
739 O  O     . HOH J .  ? 0.54594 0.36463 0.48046 0.03360  -0.14718 -0.10812 237 HOH B O     
# 
